data_1C9S
#
_entry.id   1C9S
#
_cell.length_a   150.970
_cell.length_b   111.670
_cell.length_c   138.680
_cell.angle_alpha   90.00
_cell.angle_beta   117.77
_cell.angle_gamma   90.00
#
_symmetry.space_group_name_H-M   'C 1 2 1'
#
loop_
_entity.id
_entity.type
_entity.pdbx_description
1 polymer 'SINGLE STRANDED RNA (55-MER)'
2 polymer 'TRP RNA-BINDING ATTENUATION PROTEIN'
3 non-polymer TRYPTOPHAN
4 water water
#
loop_
_entity_poly.entity_id
_entity_poly.type
_entity_poly.pdbx_seq_one_letter_code
_entity_poly.pdbx_strand_id
1 'polyribonucleotide' GAUGAGAUGAGAUGAGAUGAGAUGAGAUGAGAUGAGAUGAGAUGAGAUGAGAUGA W
2 'polypeptide(L)' MYTNSDFVVIKALEDGVNVIGLTRGADTRFHHSEKLDKGEVLIAQFTEHTSAIKVRGKAYIQTRHGVIESEGKK A,B,C,D,E,F,G,H,I,J,K,L,M,N,O,P,Q,R,S,T,U,V
#
loop_
_chem_comp.id
_chem_comp.type
_chem_comp.name
_chem_comp.formula
A RNA linking ADENOSINE-5'-MONOPHOSPHATE 'C10 H14 N5 O7 P'
G RNA linking GUANOSINE-5'-MONOPHOSPHATE 'C10 H14 N5 O8 P'
U RNA linking URIDINE-5'-MONOPHOSPHATE 'C9 H13 N2 O9 P'
#
# COMPACT_ATOMS: atom_id res chain seq x y z
N SER B 5 -25.10 5.33 -8.89
CA SER B 5 -24.74 4.46 -10.02
C SER B 5 -23.32 4.82 -10.47
N ASP B 6 -22.67 3.96 -11.20
CA ASP B 6 -21.41 4.14 -11.86
C ASP B 6 -21.54 5.10 -13.07
N PHE B 7 -20.44 5.72 -13.42
CA PHE B 7 -20.39 6.57 -14.61
C PHE B 7 -19.13 6.29 -15.42
N VAL B 8 -19.14 6.74 -16.66
CA VAL B 8 -18.06 6.61 -17.61
C VAL B 8 -17.63 7.99 -18.07
N VAL B 9 -16.33 8.21 -18.18
CA VAL B 9 -15.83 9.48 -18.73
C VAL B 9 -15.42 9.18 -20.16
N ILE B 10 -15.84 10.06 -21.07
CA ILE B 10 -15.45 9.89 -22.46
C ILE B 10 -14.91 11.21 -23.02
N LYS B 11 -13.67 11.16 -23.50
CA LYS B 11 -13.05 12.29 -24.16
C LYS B 11 -12.87 11.98 -25.65
N ALA B 12 -13.53 12.74 -26.51
CA ALA B 12 -13.40 12.59 -27.95
C ALA B 12 -11.99 12.96 -28.42
N LEU B 13 -11.32 12.08 -29.12
CA LEU B 13 -10.01 12.33 -29.68
C LEU B 13 -10.08 12.74 -31.16
N GLU B 14 -11.29 12.77 -31.71
CA GLU B 14 -11.53 13.23 -33.07
C GLU B 14 -12.97 13.75 -33.08
N ASP B 15 -13.33 14.46 -34.15
CA ASP B 15 -14.69 14.94 -34.29
C ASP B 15 -15.66 13.79 -34.60
N GLY B 16 -16.92 13.95 -34.23
CA GLY B 16 -17.96 13.01 -34.60
C GLY B 16 -18.07 11.74 -33.77
N VAL B 17 -17.40 11.73 -32.61
CA VAL B 17 -17.57 10.58 -31.72
C VAL B 17 -19.03 10.50 -31.28
N ASN B 18 -19.54 9.28 -31.25
CA ASN B 18 -20.89 9.01 -30.79
C ASN B 18 -20.88 8.18 -29.49
N VAL B 19 -21.52 8.73 -28.49
CA VAL B 19 -21.76 8.00 -27.26
C VAL B 19 -23.25 7.59 -27.25
N ILE B 20 -23.48 6.30 -27.34
CA ILE B 20 -24.85 5.78 -27.55
C ILE B 20 -25.40 5.10 -26.32
N GLY B 21 -26.59 5.51 -25.88
CA GLY B 21 -27.28 4.88 -24.78
C GLY B 21 -28.17 3.77 -25.27
N LEU B 22 -28.06 2.60 -24.65
CA LEU B 22 -28.91 1.47 -24.96
C LEU B 22 -29.95 1.37 -23.83
N THR B 23 -31.14 0.94 -24.22
CA THR B 23 -32.28 0.95 -23.29
C THR B 23 -32.13 -0.19 -22.28
N ARG B 24 -32.38 0.15 -21.04
CA ARG B 24 -32.63 -0.81 -19.97
C ARG B 24 -33.96 -1.50 -20.19
N GLY B 25 -34.03 -2.82 -20.03
CA GLY B 25 -35.30 -3.52 -20.15
C GLY B 25 -35.14 -4.78 -20.97
N ALA B 26 -36.27 -5.44 -21.17
CA ALA B 26 -36.32 -6.69 -21.92
C ALA B 26 -35.93 -6.45 -23.38
N ASP B 27 -36.22 -5.25 -23.91
CA ASP B 27 -35.74 -4.92 -25.23
C ASP B 27 -34.46 -4.07 -25.13
N THR B 28 -33.62 -4.22 -26.14
CA THR B 28 -32.38 -3.45 -26.23
C THR B 28 -32.34 -2.67 -27.57
N ARG B 29 -32.40 -1.37 -27.47
CA ARG B 29 -32.28 -0.52 -28.67
C ARG B 29 -31.56 0.75 -28.26
N PHE B 30 -31.02 1.49 -29.23
CA PHE B 30 -30.35 2.74 -28.95
C PHE B 30 -31.43 3.75 -28.60
N HIS B 31 -31.37 4.54 -27.55
CA HIS B 31 -32.40 5.54 -27.35
C HIS B 31 -31.84 6.93 -27.63
N HIS B 32 -30.52 7.07 -27.54
CA HIS B 32 -29.97 8.42 -27.67
C HIS B 32 -28.52 8.24 -28.14
N SER B 33 -28.10 9.16 -28.99
CA SER B 33 -26.72 9.22 -29.44
C SER B 33 -26.15 10.61 -29.22
N GLU B 34 -25.19 10.79 -28.32
CA GLU B 34 -24.61 12.09 -28.05
C GLU B 34 -23.35 12.19 -28.88
N LYS B 35 -23.31 13.24 -29.71
CA LYS B 35 -22.17 13.46 -30.59
C LYS B 35 -21.18 14.46 -29.99
N LEU B 36 -19.95 14.02 -29.94
CA LEU B 36 -18.86 14.76 -29.31
C LEU B 36 -17.83 15.16 -30.38
N ASP B 37 -17.51 16.44 -30.41
CA ASP B 37 -16.40 16.85 -31.26
C ASP B 37 -15.09 16.83 -30.47
N LYS B 38 -14.00 16.93 -31.20
CA LYS B 38 -12.67 16.69 -30.67
C LYS B 38 -12.37 17.57 -29.47
N GLY B 39 -11.90 16.93 -28.38
CA GLY B 39 -11.66 17.61 -27.14
C GLY B 39 -12.79 17.68 -26.14
N GLU B 40 -14.05 17.45 -26.51
CA GLU B 40 -15.16 17.52 -25.59
C GLU B 40 -15.17 16.31 -24.64
N VAL B 41 -15.71 16.55 -23.47
CA VAL B 41 -15.72 15.45 -22.49
C VAL B 41 -17.16 15.25 -22.05
N LEU B 42 -17.60 13.99 -22.05
CA LEU B 42 -18.88 13.62 -21.52
C LEU B 42 -18.73 12.64 -20.34
N ILE B 43 -19.40 12.95 -19.27
CA ILE B 43 -19.37 12.09 -18.06
C ILE B 43 -20.80 11.63 -17.88
N ALA B 44 -21.02 10.33 -18.12
CA ALA B 44 -22.33 9.78 -18.20
C ALA B 44 -22.53 8.63 -17.21
N GLN B 45 -23.71 8.67 -16.60
CA GLN B 45 -24.09 7.60 -15.65
C GLN B 45 -24.81 6.49 -16.39
N PHE B 46 -24.84 5.31 -15.78
CA PHE B 46 -25.88 4.32 -16.01
C PHE B 46 -27.08 4.76 -15.17
N THR B 47 -28.27 4.53 -15.69
CA THR B 47 -29.50 5.12 -15.20
C THR B 47 -30.69 4.17 -15.28
N GLU B 48 -31.83 4.68 -14.83
CA GLU B 48 -33.06 3.88 -15.01
C GLU B 48 -33.27 3.59 -16.50
N HIS B 49 -32.94 4.51 -17.41
CA HIS B 49 -33.15 4.35 -18.82
C HIS B 49 -32.01 3.76 -19.64
N THR B 50 -30.80 3.78 -19.09
CA THR B 50 -29.61 3.37 -19.78
C THR B 50 -28.76 2.35 -19.02
N SER B 51 -28.74 1.14 -19.52
CA SER B 51 -28.00 0.05 -18.87
C SER B 51 -26.75 -0.37 -19.60
N ALA B 52 -26.51 0.17 -20.80
CA ALA B 52 -25.32 -0.18 -21.57
C ALA B 52 -24.98 1.05 -22.42
N ILE B 53 -23.72 1.34 -22.64
CA ILE B 53 -23.27 2.53 -23.36
C ILE B 53 -22.29 2.03 -24.41
N LYS B 54 -22.45 2.49 -25.66
CA LYS B 54 -21.54 2.16 -26.73
C LYS B 54 -20.80 3.40 -27.21
N VAL B 55 -19.49 3.27 -27.43
CA VAL B 55 -18.69 4.39 -27.90
C VAL B 55 -18.22 4.03 -29.31
N ARG B 56 -18.49 4.92 -30.23
CA ARG B 56 -18.03 4.68 -31.63
C ARG B 56 -17.20 5.89 -32.04
N GLY B 57 -15.98 5.67 -32.51
CA GLY B 57 -15.08 6.74 -32.89
C GLY B 57 -13.87 6.72 -31.97
N LYS B 58 -12.87 7.57 -32.23
CA LYS B 58 -11.68 7.60 -31.39
C LYS B 58 -11.86 8.40 -30.13
N ALA B 59 -11.72 7.76 -28.96
CA ALA B 59 -11.97 8.42 -27.70
C ALA B 59 -11.16 7.76 -26.57
N TYR B 60 -10.90 8.54 -25.57
CA TYR B 60 -10.22 8.11 -24.35
C TYR B 60 -11.30 7.91 -23.28
N ILE B 61 -11.34 6.72 -22.69
CA ILE B 61 -12.48 6.39 -21.83
C ILE B 61 -11.94 5.98 -20.46
N GLN B 62 -12.53 6.57 -19.44
CA GLN B 62 -12.21 6.12 -18.07
C GLN B 62 -13.43 5.53 -17.41
N THR B 63 -13.21 4.39 -16.74
CA THR B 63 -14.24 3.81 -15.92
C THR B 63 -13.54 3.42 -14.60
N ARG B 64 -14.33 2.86 -13.70
CA ARG B 64 -13.78 2.33 -12.44
C ARG B 64 -12.76 1.24 -12.71
N HIS B 65 -12.86 0.56 -13.87
CA HIS B 65 -11.91 -0.48 -14.20
C HIS B 65 -10.64 0.03 -14.85
N GLY B 66 -10.47 1.30 -15.10
CA GLY B 66 -9.26 1.84 -15.67
C GLY B 66 -9.57 2.56 -17.00
N VAL B 67 -8.51 2.70 -17.79
CA VAL B 67 -8.62 3.46 -19.03
C VAL B 67 -8.79 2.44 -20.15
N ILE B 68 -9.52 2.84 -21.18
CA ILE B 68 -9.66 2.04 -22.39
C ILE B 68 -9.79 3.06 -23.54
N GLU B 69 -9.45 2.69 -24.76
CA GLU B 69 -9.52 3.66 -25.84
C GLU B 69 -10.30 3.01 -26.97
N SER B 70 -11.29 3.72 -27.45
CA SER B 70 -12.00 3.30 -28.65
C SER B 70 -11.29 3.87 -29.87
N GLU B 71 -11.38 3.13 -30.97
CA GLU B 71 -10.66 3.47 -32.20
C GLU B 71 -11.70 3.48 -33.32
N GLY B 72 -11.74 4.57 -34.05
CA GLY B 72 -12.71 4.73 -35.11
C GLY B 72 -12.51 3.75 -36.27
N LYS B 73 -13.60 3.52 -37.02
CA LYS B 73 -13.56 2.73 -38.24
C LYS B 73 -12.27 2.85 -39.04
N SER C 5 -24.76 -1.78 -9.48
CA SER C 5 -24.59 -3.09 -10.11
C SER C 5 -23.28 -3.11 -10.89
N ASP C 6 -22.58 -4.21 -11.01
CA ASP C 6 -21.33 -4.32 -11.75
C ASP C 6 -21.54 -4.16 -13.26
N PHE C 7 -20.48 -3.84 -13.98
CA PHE C 7 -20.49 -3.69 -15.43
C PHE C 7 -19.18 -4.23 -15.99
N VAL C 8 -19.23 -4.56 -17.28
CA VAL C 8 -18.10 -5.12 -18.00
C VAL C 8 -17.78 -4.10 -19.11
N VAL C 9 -16.52 -3.95 -19.43
CA VAL C 9 -16.08 -3.14 -20.57
C VAL C 9 -15.58 -4.07 -21.67
N ILE C 10 -16.10 -3.95 -22.90
CA ILE C 10 -15.69 -4.81 -23.99
C ILE C 10 -15.21 -4.00 -25.21
N LYS C 11 -13.97 -4.16 -25.61
CA LYS C 11 -13.43 -3.44 -26.77
C LYS C 11 -13.17 -4.49 -27.85
N ALA C 12 -13.88 -4.36 -28.95
CA ALA C 12 -13.75 -5.28 -30.09
C ALA C 12 -12.38 -5.16 -30.73
N LEU C 13 -11.60 -6.23 -30.80
CA LEU C 13 -10.31 -6.21 -31.48
C LEU C 13 -10.41 -6.70 -32.94
N GLU C 14 -11.63 -6.98 -33.39
CA GLU C 14 -11.87 -7.36 -34.78
C GLU C 14 -13.35 -7.06 -35.03
N ASP C 15 -13.74 -7.12 -36.30
CA ASP C 15 -15.14 -6.95 -36.62
C ASP C 15 -16.00 -8.15 -36.25
N GLY C 16 -17.24 -7.85 -35.91
CA GLY C 16 -18.31 -8.81 -35.71
C GLY C 16 -18.28 -9.47 -34.34
N VAL C 17 -17.59 -8.85 -33.37
CA VAL C 17 -17.70 -9.38 -32.00
C VAL C 17 -19.16 -9.35 -31.55
N ASN C 18 -19.59 -10.37 -30.84
CA ASN C 18 -20.93 -10.40 -30.26
C ASN C 18 -20.89 -10.40 -28.72
N VAL C 19 -21.58 -9.43 -28.17
CA VAL C 19 -21.78 -9.41 -26.71
C VAL C 19 -23.20 -9.84 -26.41
N ILE C 20 -23.32 -11.02 -25.80
CA ILE C 20 -24.62 -11.67 -25.68
C ILE C 20 -25.14 -11.60 -24.24
N GLY C 21 -26.38 -11.21 -24.08
CA GLY C 21 -27.06 -11.15 -22.80
C GLY C 21 -27.88 -12.41 -22.58
N LEU C 22 -27.67 -13.05 -21.42
CA LEU C 22 -28.44 -14.19 -21.02
C LEU C 22 -29.53 -13.72 -20.04
N THR C 23 -30.70 -14.33 -20.20
CA THR C 23 -31.86 -13.98 -19.36
C THR C 23 -31.71 -14.32 -17.88
N ARG C 24 -31.96 -13.32 -17.04
CA ARG C 24 -32.16 -13.57 -15.63
C ARG C 24 -33.44 -14.36 -15.38
N GLY C 25 -33.36 -15.37 -14.51
CA GLY C 25 -34.58 -16.03 -14.09
C GLY C 25 -34.39 -17.55 -14.07
N ALA C 26 -35.51 -18.20 -13.84
CA ALA C 26 -35.43 -19.66 -13.70
C ALA C 26 -34.94 -20.24 -15.02
N ASP C 27 -35.36 -19.64 -16.12
CA ASP C 27 -34.95 -20.09 -17.44
C ASP C 27 -33.77 -19.29 -18.00
N THR C 28 -32.97 -19.94 -18.84
CA THR C 28 -31.81 -19.31 -19.44
C THR C 28 -31.77 -19.42 -20.96
N ARG C 29 -31.65 -18.31 -21.65
CA ARG C 29 -31.48 -18.28 -23.10
C ARG C 29 -30.88 -16.90 -23.42
N PHE C 30 -30.37 -16.74 -24.62
CA PHE C 30 -29.86 -15.44 -25.05
C PHE C 30 -31.04 -14.53 -25.38
N HIS C 31 -31.07 -13.29 -24.93
CA HIS C 31 -32.21 -12.44 -25.26
C HIS C 31 -31.78 -11.34 -26.21
N HIS C 32 -30.48 -11.08 -26.34
CA HIS C 32 -29.99 -10.02 -27.20
C HIS C 32 -28.52 -10.33 -27.55
N SER C 33 -28.11 -9.97 -28.74
CA SER C 33 -26.71 -10.04 -29.15
C SER C 33 -26.29 -8.71 -29.75
N GLU C 34 -25.39 -8.00 -29.08
CA GLU C 34 -24.96 -6.70 -29.57
C GLU C 34 -23.70 -6.96 -30.38
N LYS C 35 -23.73 -6.53 -31.64
CA LYS C 35 -22.58 -6.70 -32.52
C LYS C 35 -21.64 -5.53 -32.51
N LEU C 36 -20.35 -5.76 -32.34
CA LEU C 36 -19.39 -4.65 -32.24
C LEU C 36 -18.33 -4.79 -33.34
N ASP C 37 -18.07 -3.69 -34.04
CA ASP C 37 -16.99 -3.72 -35.03
C ASP C 37 -15.69 -3.24 -34.40
N LYS C 38 -14.60 -3.54 -35.09
CA LYS C 38 -13.26 -3.36 -34.60
C LYS C 38 -13.07 -1.96 -34.06
N GLY C 39 -12.57 -1.88 -32.83
CA GLY C 39 -12.33 -0.58 -32.20
C GLY C 39 -13.50 -0.04 -31.40
N GLU C 40 -14.71 -0.52 -31.57
CA GLU C 40 -15.83 -0.04 -30.75
C GLU C 40 -15.72 -0.51 -29.30
N VAL C 41 -16.32 0.23 -28.40
CA VAL C 41 -16.33 -0.12 -26.98
C VAL C 41 -17.75 -0.16 -26.44
N LEU C 42 -18.11 -1.23 -25.74
CA LEU C 42 -19.39 -1.34 -25.09
C LEU C 42 -19.16 -1.47 -23.59
N ILE C 43 -19.85 -0.68 -22.81
CA ILE C 43 -19.80 -0.80 -21.34
C ILE C 43 -21.21 -1.27 -20.95
N ALA C 44 -21.32 -2.45 -20.38
CA ALA C 44 -22.62 -3.09 -20.18
C ALA C 44 -22.80 -3.58 -18.74
N GLN C 45 -23.93 -3.23 -18.18
CA GLN C 45 -24.18 -3.67 -16.80
C GLN C 45 -24.79 -5.04 -16.75
N PHE C 46 -24.76 -5.64 -15.56
CA PHE C 46 -25.74 -6.67 -15.20
C PHE C 46 -26.99 -5.92 -14.77
N THR C 47 -28.13 -6.52 -15.04
CA THR C 47 -29.40 -5.84 -14.90
C THR C 47 -30.54 -6.76 -14.46
N GLU C 48 -31.74 -6.20 -14.29
CA GLU C 48 -32.94 -7.02 -14.06
C GLU C 48 -33.04 -8.14 -15.10
N HIS C 49 -32.81 -7.83 -16.37
CA HIS C 49 -32.96 -8.81 -17.44
C HIS C 49 -31.72 -9.65 -17.75
N THR C 50 -30.52 -9.15 -17.42
CA THR C 50 -29.28 -9.80 -17.82
C THR C 50 -28.42 -10.23 -16.64
N SER C 51 -28.34 -11.53 -16.41
CA SER C 51 -27.53 -12.00 -15.27
C SER C 51 -26.23 -12.66 -15.67
N ALA C 52 -25.99 -12.83 -16.96
CA ALA C 52 -24.74 -13.39 -17.50
C ALA C 52 -24.54 -12.86 -18.92
N ILE C 53 -23.27 -12.63 -19.26
CA ILE C 53 -22.85 -12.02 -20.49
C ILE C 53 -21.82 -12.93 -21.14
N LYS C 54 -22.06 -13.23 -22.41
CA LYS C 54 -21.09 -14.03 -23.17
C LYS C 54 -20.41 -13.23 -24.28
N VAL C 55 -19.09 -13.35 -24.41
CA VAL C 55 -18.42 -12.57 -25.45
C VAL C 55 -17.85 -13.56 -26.47
N ARG C 56 -18.21 -13.38 -27.76
CA ARG C 56 -17.70 -14.26 -28.80
C ARG C 56 -16.95 -13.45 -29.85
N GLY C 57 -15.73 -13.82 -30.16
CA GLY C 57 -14.90 -13.03 -31.05
C GLY C 57 -13.71 -12.42 -30.29
N LYS C 58 -12.78 -11.79 -30.99
CA LYS C 58 -11.58 -11.29 -30.32
C LYS C 58 -11.85 -9.93 -29.68
N ALA C 59 -11.71 -9.86 -28.36
CA ALA C 59 -12.03 -8.64 -27.64
C ALA C 59 -11.18 -8.48 -26.39
N TYR C 60 -10.91 -7.25 -26.01
CA TYR C 60 -10.29 -6.91 -24.73
C TYR C 60 -11.33 -6.58 -23.69
N ILE C 61 -11.29 -7.27 -22.55
CA ILE C 61 -12.40 -7.17 -21.63
C ILE C 61 -11.86 -6.72 -20.26
N GLN C 62 -12.55 -5.78 -19.64
CA GLN C 62 -12.26 -5.34 -18.29
C GLN C 62 -13.42 -5.59 -17.34
N THR C 63 -13.10 -6.20 -16.18
CA THR C 63 -14.10 -6.28 -15.12
C THR C 63 -13.42 -5.80 -13.81
N ARG C 64 -14.19 -5.90 -12.76
CA ARG C 64 -13.69 -5.62 -11.39
C ARG C 64 -12.59 -6.64 -11.08
N HIS C 65 -12.59 -7.79 -11.76
CA HIS C 65 -11.55 -8.78 -11.47
C HIS C 65 -10.32 -8.63 -12.35
N GLY C 66 -10.24 -7.67 -13.21
CA GLY C 66 -9.03 -7.39 -14.00
C GLY C 66 -9.37 -7.60 -15.49
N VAL C 67 -8.29 -7.83 -16.24
CA VAL C 67 -8.47 -7.91 -17.67
C VAL C 67 -8.51 -9.37 -18.09
N ILE C 68 -9.25 -9.62 -19.17
CA ILE C 68 -9.31 -10.90 -19.83
C ILE C 68 -9.56 -10.68 -21.31
N GLU C 69 -9.07 -11.59 -22.16
CA GLU C 69 -9.22 -11.40 -23.58
C GLU C 69 -9.93 -12.62 -24.16
N SER C 70 -10.96 -12.33 -24.93
CA SER C 70 -11.61 -13.41 -25.66
C SER C 70 -10.94 -13.52 -27.04
N GLU C 71 -10.95 -14.73 -27.57
CA GLU C 71 -10.29 -15.00 -28.84
C GLU C 71 -11.34 -15.64 -29.78
N GLY C 72 -11.16 -15.18 -31.01
CA GLY C 72 -11.79 -15.79 -32.17
C GLY C 72 -11.22 -17.21 -32.43
N ASN D 4 -26.61 -6.65 -7.72
CA ASN D 4 -25.34 -6.36 -7.09
C ASN D 4 -24.56 -7.58 -6.62
N SER D 5 -24.94 -8.78 -7.02
CA SER D 5 -24.28 -10.00 -6.56
C SER D 5 -22.87 -10.15 -7.09
N ASP D 6 -22.05 -11.01 -6.59
CA ASP D 6 -20.73 -11.33 -7.14
C ASP D 6 -20.88 -12.07 -8.48
N PHE D 7 -19.82 -12.10 -9.26
CA PHE D 7 -19.83 -12.77 -10.54
C PHE D 7 -18.47 -13.45 -10.77
N VAL D 8 -18.47 -14.41 -11.66
CA VAL D 8 -17.30 -15.21 -12.04
C VAL D 8 -17.03 -14.91 -13.52
N VAL D 9 -15.77 -14.86 -13.89
CA VAL D 9 -15.37 -14.75 -15.28
C VAL D 9 -14.81 -16.12 -15.68
N ILE D 10 -15.26 -16.67 -16.78
CA ILE D 10 -14.78 -17.97 -17.26
C ILE D 10 -14.33 -17.89 -18.72
N LYS D 11 -13.06 -18.12 -19.02
CA LYS D 11 -12.56 -18.11 -20.39
C LYS D 11 -12.18 -19.56 -20.78
N ALA D 12 -12.91 -20.11 -21.74
CA ALA D 12 -12.65 -21.47 -22.21
C ALA D 12 -11.29 -21.60 -22.89
N LEU D 13 -10.49 -22.55 -22.40
CA LEU D 13 -9.16 -22.75 -23.03
C LEU D 13 -9.15 -23.89 -24.02
N GLU D 14 -10.27 -24.55 -24.18
CA GLU D 14 -10.49 -25.62 -25.14
C GLU D 14 -11.98 -25.64 -25.47
N ASP D 15 -12.33 -26.34 -26.54
CA ASP D 15 -13.72 -26.49 -26.91
C ASP D 15 -14.54 -27.31 -25.94
N GLY D 16 -15.81 -26.99 -25.78
CA GLY D 16 -16.73 -27.86 -25.04
C GLY D 16 -16.74 -27.65 -23.52
N VAL D 17 -16.11 -26.58 -23.04
CA VAL D 17 -16.22 -26.28 -21.62
C VAL D 17 -17.69 -26.11 -21.24
N ASN D 18 -18.02 -26.61 -20.07
CA ASN D 18 -19.34 -26.49 -19.48
C ASN D 18 -19.36 -25.58 -18.24
N VAL D 19 -20.15 -24.53 -18.25
CA VAL D 19 -20.44 -23.74 -17.05
C VAL D 19 -21.88 -24.04 -16.61
N ILE D 20 -21.97 -24.76 -15.52
CA ILE D 20 -23.19 -25.29 -14.95
C ILE D 20 -23.70 -24.51 -13.75
N GLY D 21 -24.95 -24.10 -13.86
CA GLY D 21 -25.63 -23.49 -12.73
C GLY D 21 -26.36 -24.51 -11.89
N LEU D 22 -26.15 -24.46 -10.57
CA LEU D 22 -26.90 -25.22 -9.59
C LEU D 22 -27.96 -24.34 -8.94
N THR D 23 -29.11 -24.95 -8.71
CA THR D 23 -30.29 -24.25 -8.23
C THR D 23 -30.14 -23.82 -6.78
N ARG D 24 -30.54 -22.57 -6.55
CA ARG D 24 -30.74 -22.06 -5.18
C ARG D 24 -31.93 -22.66 -4.49
N GLY D 25 -31.79 -23.06 -3.22
CA GLY D 25 -32.93 -23.48 -2.43
C GLY D 25 -32.64 -24.81 -1.74
N ALA D 26 -33.68 -25.39 -1.17
CA ALA D 26 -33.54 -26.65 -0.44
C ALA D 26 -33.14 -27.76 -1.40
N ASP D 27 -33.57 -27.63 -2.66
CA ASP D 27 -33.25 -28.64 -3.67
C ASP D 27 -32.01 -28.23 -4.43
N THR D 28 -31.09 -29.12 -4.69
CA THR D 28 -29.91 -28.79 -5.48
C THR D 28 -29.86 -29.67 -6.72
N ARG D 29 -29.89 -29.07 -7.88
CA ARG D 29 -29.77 -29.75 -9.14
C ARG D 29 -29.20 -28.78 -10.16
N PHE D 30 -28.73 -29.32 -11.29
CA PHE D 30 -28.21 -28.46 -12.33
C PHE D 30 -29.40 -27.85 -13.04
N HIS D 31 -29.47 -26.58 -13.37
CA HIS D 31 -30.65 -26.09 -14.07
C HIS D 31 -30.25 -25.63 -15.47
N HIS D 32 -28.97 -25.44 -15.72
CA HIS D 32 -28.54 -24.90 -17.00
C HIS D 32 -27.06 -25.25 -17.16
N SER D 33 -26.68 -25.63 -18.36
CA SER D 33 -25.28 -25.85 -18.69
C SER D 33 -24.91 -25.03 -19.90
N GLU D 34 -24.07 -24.01 -19.78
CA GLU D 34 -23.66 -23.16 -20.87
C GLU D 34 -22.37 -23.72 -21.44
N LYS D 35 -22.42 -24.07 -22.72
CA LYS D 35 -21.25 -24.61 -23.41
C LYS D 35 -20.42 -23.52 -24.06
N LEU D 36 -19.14 -23.48 -23.73
CA LEU D 36 -18.25 -22.47 -24.28
C LEU D 36 -17.25 -23.15 -25.22
N ASP D 37 -17.00 -22.51 -26.36
CA ASP D 37 -15.91 -23.06 -27.19
C ASP D 37 -14.66 -22.20 -26.99
N LYS D 38 -13.56 -22.72 -27.50
CA LYS D 38 -12.25 -22.21 -27.14
C LYS D 38 -12.17 -20.71 -27.34
N GLY D 39 -11.69 -19.97 -26.34
CA GLY D 39 -11.58 -18.52 -26.52
C GLY D 39 -12.78 -17.71 -26.08
N GLU D 40 -13.98 -18.27 -26.03
CA GLU D 40 -15.16 -17.60 -25.53
C GLU D 40 -15.06 -17.21 -24.05
N VAL D 41 -15.76 -16.14 -23.69
CA VAL D 41 -15.72 -15.69 -22.29
C VAL D 41 -17.16 -15.55 -21.80
N LEU D 42 -17.40 -16.07 -20.60
CA LEU D 42 -18.69 -15.91 -19.97
C LEU D 42 -18.50 -15.24 -18.60
N ILE D 43 -19.28 -14.22 -18.34
CA ILE D 43 -19.24 -13.48 -17.09
C ILE D 43 -20.59 -13.69 -16.41
N ALA D 44 -20.63 -14.48 -15.36
CA ALA D 44 -21.89 -14.98 -14.81
C ALA D 44 -22.05 -14.62 -13.33
N GLN D 45 -23.23 -14.11 -13.03
CA GLN D 45 -23.50 -13.73 -11.64
C GLN D 45 -24.11 -14.91 -10.86
N PHE D 46 -23.96 -14.82 -9.54
CA PHE D 46 -24.82 -15.55 -8.64
C PHE D 46 -26.16 -14.81 -8.65
N THR D 47 -27.27 -15.54 -8.53
CA THR D 47 -28.58 -14.93 -8.74
C THR D 47 -29.63 -15.51 -7.79
N GLU D 48 -30.88 -15.04 -7.89
CA GLU D 48 -31.98 -15.72 -7.23
C GLU D 48 -32.05 -17.20 -7.59
N HIS D 49 -31.76 -17.60 -8.84
CA HIS D 49 -31.85 -19.00 -9.21
C HIS D 49 -30.55 -19.81 -9.16
N THR D 50 -29.42 -19.15 -9.15
CA THR D 50 -28.11 -19.83 -9.16
C THR D 50 -27.29 -19.46 -7.92
N SER D 51 -27.00 -20.41 -7.06
CA SER D 51 -26.20 -20.21 -5.86
C SER D 51 -24.90 -20.97 -5.86
N ALA D 52 -24.62 -21.78 -6.89
CA ALA D 52 -23.29 -22.41 -7.02
C ALA D 52 -23.13 -22.67 -8.53
N ILE D 53 -21.92 -22.59 -8.99
CA ILE D 53 -21.48 -22.71 -10.38
C ILE D 53 -20.34 -23.72 -10.46
N LYS D 54 -20.48 -24.70 -11.36
CA LYS D 54 -19.44 -25.69 -11.60
C LYS D 54 -18.86 -25.51 -13.00
N VAL D 55 -17.54 -25.56 -13.10
CA VAL D 55 -16.88 -25.45 -14.38
C VAL D 55 -16.22 -26.80 -14.70
N ARG D 56 -16.53 -27.33 -15.87
CA ARG D 56 -15.93 -28.60 -16.29
C ARG D 56 -15.23 -28.41 -17.63
N GLY D 57 -13.97 -28.75 -17.75
CA GLY D 57 -13.19 -28.51 -18.95
C GLY D 57 -12.13 -27.46 -18.68
N LYS D 58 -11.15 -27.35 -19.57
CA LYS D 58 -10.03 -26.44 -19.35
C LYS D 58 -10.50 -24.99 -19.51
N ALA D 59 -10.29 -24.18 -18.47
CA ALA D 59 -10.76 -22.80 -18.46
C ALA D 59 -9.95 -21.98 -17.46
N TYR D 60 -9.84 -20.72 -17.79
CA TYR D 60 -9.17 -19.74 -16.93
C TYR D 60 -10.27 -19.00 -16.18
N ILE D 61 -10.19 -18.96 -14.86
CA ILE D 61 -11.34 -18.43 -14.12
C ILE D 61 -10.87 -17.28 -13.22
N GLN D 62 -11.65 -16.21 -13.18
CA GLN D 62 -11.40 -15.10 -12.26
C GLN D 62 -12.60 -14.88 -11.34
N THR D 63 -12.32 -14.79 -10.03
CA THR D 63 -13.30 -14.37 -9.05
C THR D 63 -12.72 -13.23 -8.23
N ARG D 64 -13.48 -12.79 -7.26
CA ARG D 64 -12.95 -11.77 -6.31
C ARG D 64 -11.80 -12.40 -5.53
N HIS D 65 -11.70 -13.74 -5.46
CA HIS D 65 -10.60 -14.31 -4.69
C HIS D 65 -9.36 -14.58 -5.54
N GLY D 66 -9.38 -14.22 -6.81
CA GLY D 66 -8.19 -14.27 -7.65
C GLY D 66 -8.42 -15.31 -8.77
N VAL D 67 -7.32 -15.75 -9.36
CA VAL D 67 -7.40 -16.63 -10.51
C VAL D 67 -7.36 -18.08 -10.07
N ILE D 68 -8.07 -18.90 -10.81
CA ILE D 68 -8.00 -20.36 -10.62
C ILE D 68 -8.20 -21.02 -11.98
N GLU D 69 -7.68 -22.20 -12.20
CA GLU D 69 -7.82 -22.81 -13.51
C GLU D 69 -8.50 -24.16 -13.41
N SER D 70 -9.51 -24.40 -14.21
CA SER D 70 -10.08 -25.72 -14.25
C SER D 70 -9.31 -26.55 -15.31
N GLU D 71 -9.18 -27.84 -15.04
CA GLU D 71 -8.47 -28.76 -15.91
C GLU D 71 -9.39 -29.85 -16.42
N GLY D 72 -9.31 -29.99 -17.74
CA GLY D 72 -9.92 -31.14 -18.42
C GLY D 72 -9.19 -32.45 -17.97
N SER E 5 -23.72 -12.48 -0.58
CA SER E 5 -23.22 -13.39 0.48
C SER E 5 -21.87 -13.96 0.07
N ASP E 6 -20.99 -14.41 0.94
CA ASP E 6 -19.70 -14.97 0.61
C ASP E 6 -19.77 -16.25 -0.22
N PHE E 7 -18.68 -16.56 -0.92
CA PHE E 7 -18.60 -17.82 -1.66
C PHE E 7 -17.20 -18.41 -1.45
N VAL E 8 -17.05 -19.68 -1.77
CA VAL E 8 -15.84 -20.46 -1.62
C VAL E 8 -15.53 -21.03 -3.00
N VAL E 9 -14.29 -21.01 -3.43
CA VAL E 9 -13.90 -21.71 -4.66
C VAL E 9 -13.22 -23.03 -4.23
N ILE E 10 -13.61 -24.12 -4.88
CA ILE E 10 -13.00 -25.42 -4.63
C ILE E 10 -12.58 -26.09 -5.92
N LYS E 11 -11.31 -26.34 -6.09
CA LYS E 11 -10.73 -27.05 -7.23
C LYS E 11 -10.28 -28.46 -6.78
N ALA E 12 -10.83 -29.47 -7.39
CA ALA E 12 -10.50 -30.85 -7.05
C ALA E 12 -9.11 -31.20 -7.55
N LEU E 13 -8.24 -31.65 -6.70
CA LEU E 13 -6.89 -32.08 -7.06
C LEU E 13 -6.82 -33.58 -7.28
N GLU E 14 -7.90 -34.29 -7.12
CA GLU E 14 -8.02 -35.72 -7.41
C GLU E 14 -9.48 -35.99 -7.67
N ASP E 15 -9.84 -37.18 -8.19
CA ASP E 15 -11.22 -37.52 -8.36
C ASP E 15 -11.98 -37.83 -7.06
N GLY E 16 -13.25 -37.54 -7.01
CA GLY E 16 -14.15 -37.88 -5.93
C GLY E 16 -14.14 -36.94 -4.73
N VAL E 17 -13.51 -35.77 -4.89
CA VAL E 17 -13.65 -34.72 -3.89
C VAL E 17 -15.15 -34.53 -3.66
N ASN E 18 -15.51 -34.41 -2.39
CA ASN E 18 -16.89 -34.23 -1.96
C ASN E 18 -17.10 -32.90 -1.23
N VAL E 19 -17.89 -32.04 -1.82
CA VAL E 19 -18.20 -30.74 -1.23
C VAL E 19 -19.60 -30.91 -0.61
N ILE E 20 -19.64 -30.86 0.71
CA ILE E 20 -20.82 -31.10 1.49
C ILE E 20 -21.42 -29.84 2.12
N GLY E 21 -22.68 -29.59 1.79
CA GLY E 21 -23.46 -28.53 2.37
C GLY E 21 -24.19 -28.96 3.62
N LEU E 22 -24.01 -28.16 4.69
CA LEU E 22 -24.69 -28.39 5.94
C LEU E 22 -25.82 -27.39 6.13
N THR E 23 -26.94 -27.87 6.62
CA THR E 23 -28.19 -27.14 6.80
C THR E 23 -28.07 -25.94 7.76
N ARG E 24 -28.52 -24.80 7.27
CA ARG E 24 -28.75 -23.64 8.12
C ARG E 24 -29.88 -23.97 9.10
N GLY E 25 -29.85 -23.49 10.32
CA GLY E 25 -30.97 -23.60 11.23
C GLY E 25 -30.57 -24.29 12.52
N ALA E 26 -31.57 -24.65 13.32
CA ALA E 26 -31.33 -25.18 14.65
C ALA E 26 -30.74 -26.58 14.54
N ASP E 27 -31.03 -27.27 13.43
CA ASP E 27 -30.41 -28.60 13.30
C ASP E 27 -29.33 -28.58 12.19
N THR E 28 -28.34 -29.42 12.37
CA THR E 28 -27.19 -29.55 11.50
C THR E 28 -27.02 -30.95 10.92
N ARG E 29 -27.17 -31.04 9.62
CA ARG E 29 -26.87 -32.30 8.92
C ARG E 29 -26.53 -31.92 7.50
N PHE E 30 -25.98 -32.87 6.73
CA PHE E 30 -25.73 -32.51 5.34
C PHE E 30 -27.04 -32.54 4.59
N HIS E 31 -27.20 -31.63 3.63
CA HIS E 31 -28.36 -31.70 2.76
C HIS E 31 -27.97 -31.99 1.31
N HIS E 32 -26.73 -31.80 0.95
CA HIS E 32 -26.29 -31.97 -0.43
C HIS E 32 -24.83 -32.35 -0.43
N SER E 33 -24.48 -33.33 -1.24
CA SER E 33 -23.11 -33.71 -1.50
C SER E 33 -22.81 -33.49 -2.99
N GLU E 34 -21.87 -32.65 -3.36
CA GLU E 34 -21.51 -32.44 -4.74
C GLU E 34 -20.10 -33.00 -4.97
N LYS E 35 -20.07 -34.04 -5.81
CA LYS E 35 -18.81 -34.66 -6.17
C LYS E 35 -18.09 -33.98 -7.32
N LEU E 36 -16.79 -33.83 -7.18
CA LEU E 36 -15.96 -33.20 -8.19
C LEU E 36 -14.86 -34.15 -8.63
N ASP E 37 -14.71 -34.28 -9.93
CA ASP E 37 -13.54 -35.03 -10.46
C ASP E 37 -12.35 -34.10 -10.59
N LYS E 38 -11.18 -34.70 -10.79
CA LYS E 38 -9.94 -33.97 -10.82
C LYS E 38 -9.96 -32.85 -11.86
N GLY E 39 -9.61 -31.64 -11.41
CA GLY E 39 -9.58 -30.49 -12.29
C GLY E 39 -10.88 -29.69 -12.32
N GLU E 40 -11.99 -30.16 -11.83
CA GLU E 40 -13.26 -29.47 -11.87
C GLU E 40 -13.29 -28.38 -10.77
N VAL E 41 -13.97 -27.31 -11.06
CA VAL E 41 -13.99 -26.18 -10.09
C VAL E 41 -15.45 -25.90 -9.72
N LEU E 42 -15.73 -25.79 -8.42
CA LEU E 42 -17.03 -25.43 -7.92
C LEU E 42 -16.88 -24.10 -7.15
N ILE E 43 -17.78 -23.19 -7.45
CA ILE E 43 -17.81 -21.90 -6.80
C ILE E 43 -19.17 -21.80 -6.09
N ALA E 44 -19.17 -21.91 -4.78
CA ALA E 44 -20.41 -22.10 -4.04
C ALA E 44 -20.59 -21.01 -2.97
N GLN E 45 -21.82 -20.51 -2.95
CA GLN E 45 -22.17 -19.50 -1.95
C GLN E 45 -22.67 -20.10 -0.64
N PHE E 46 -22.53 -19.36 0.45
CA PHE E 46 -23.41 -19.59 1.59
C PHE E 46 -24.79 -19.03 1.22
N THR E 47 -25.84 -19.59 1.73
CA THR E 47 -27.21 -19.33 1.24
C THR E 47 -28.21 -19.43 2.40
N GLU E 48 -29.49 -19.26 2.07
CA GLU E 48 -30.55 -19.55 3.02
C GLU E 48 -30.48 -20.99 3.53
N HIS E 49 -30.08 -21.94 2.71
CA HIS E 49 -30.13 -23.36 3.13
C HIS E 49 -28.79 -23.87 3.61
N THR E 50 -27.70 -23.24 3.23
CA THR E 50 -26.34 -23.70 3.52
C THR E 50 -25.55 -22.69 4.36
N SER E 51 -25.21 -23.01 5.60
CA SER E 51 -24.46 -22.10 6.48
C SER E 51 -23.11 -22.67 6.88
N ALA E 52 -22.76 -23.86 6.39
CA ALA E 52 -21.44 -24.43 6.58
C ALA E 52 -21.17 -25.46 5.48
N ILE E 53 -19.95 -25.43 4.97
CA ILE E 53 -19.53 -26.30 3.88
C ILE E 53 -18.31 -27.07 4.33
N LYS E 54 -18.30 -28.39 4.06
CA LYS E 54 -17.18 -29.23 4.38
C LYS E 54 -16.58 -29.85 3.13
N VAL E 55 -15.27 -29.87 3.01
CA VAL E 55 -14.66 -30.48 1.82
C VAL E 55 -13.86 -31.70 2.27
N ARG E 56 -14.13 -32.83 1.63
CA ARG E 56 -13.36 -34.05 1.87
C ARG E 56 -12.62 -34.44 0.60
N GLY E 57 -11.39 -34.87 0.67
CA GLY E 57 -10.61 -35.16 -0.54
C GLY E 57 -9.60 -34.05 -0.76
N LYS E 58 -8.71 -34.28 -1.72
CA LYS E 58 -7.61 -33.33 -1.95
C LYS E 58 -8.12 -32.22 -2.88
N ALA E 59 -8.11 -30.97 -2.36
CA ALA E 59 -8.63 -29.85 -3.12
C ALA E 59 -7.92 -28.54 -2.74
N TYR E 60 -7.88 -27.69 -3.74
CA TYR E 60 -7.34 -26.33 -3.57
C TYR E 60 -8.52 -25.37 -3.34
N ILE E 61 -8.50 -24.69 -2.20
CA ILE E 61 -9.66 -23.90 -1.79
C ILE E 61 -9.32 -22.42 -1.65
N GLN E 62 -10.08 -21.52 -2.27
CA GLN E 62 -9.95 -20.08 -2.05
C GLN E 62 -11.17 -19.52 -1.35
N THR E 63 -10.93 -18.71 -0.32
CA THR E 63 -11.95 -17.93 0.33
C THR E 63 -11.43 -16.50 0.49
N ARG E 64 -12.34 -15.69 1.01
CA ARG E 64 -11.90 -14.30 1.26
C ARG E 64 -10.73 -14.29 2.23
N HIS E 65 -10.54 -15.33 3.05
CA HIS E 65 -9.38 -15.32 3.92
C HIS E 65 -8.11 -15.92 3.34
N GLY E 66 -8.09 -16.31 2.08
CA GLY E 66 -6.87 -16.73 1.44
C GLY E 66 -7.04 -18.22 1.00
N VAL E 67 -5.90 -18.84 0.73
CA VAL E 67 -5.92 -20.19 0.20
C VAL E 67 -5.77 -21.16 1.36
N ILE E 68 -6.38 -22.31 1.18
CA ILE E 68 -6.27 -23.44 2.10
C ILE E 68 -6.37 -24.73 1.29
N GLU E 69 -5.76 -25.82 1.72
CA GLU E 69 -5.78 -27.04 0.90
C GLU E 69 -6.34 -28.16 1.76
N SER E 70 -7.33 -28.87 1.22
CA SER E 70 -7.76 -30.04 1.96
C SER E 70 -6.93 -31.23 1.51
N GLU E 71 -6.85 -32.22 2.37
CA GLU E 71 -6.06 -33.42 2.05
C GLU E 71 -6.92 -34.63 2.40
N GLY E 72 -7.04 -35.51 1.41
CA GLY E 72 -8.04 -36.56 1.52
C GLY E 72 -7.61 -37.63 2.52
N LYS E 73 -8.66 -38.03 3.21
CA LYS E 73 -8.91 -39.40 3.63
C LYS E 73 -7.72 -40.31 3.58
N SER F 5 -22.79 -12.57 6.97
CA SER F 5 -22.10 -12.85 8.21
C SER F 5 -20.67 -13.34 8.00
N ASP F 6 -19.82 -13.20 8.99
CA ASP F 6 -18.45 -13.69 8.90
C ASP F 6 -18.48 -15.23 8.94
N PHE F 7 -17.39 -15.79 8.46
CA PHE F 7 -17.17 -17.24 8.58
C PHE F 7 -15.72 -17.51 8.97
N VAL F 8 -15.48 -18.73 9.45
CA VAL F 8 -14.20 -19.22 9.88
C VAL F 8 -13.90 -20.43 8.99
N VAL F 9 -12.64 -20.62 8.65
CA VAL F 9 -12.09 -21.76 7.96
C VAL F 9 -11.28 -22.58 8.98
N ILE F 10 -11.65 -23.86 9.06
CA ILE F 10 -10.95 -24.77 9.96
C ILE F 10 -10.41 -25.97 9.19
N LYS F 11 -9.12 -26.21 9.17
CA LYS F 11 -8.52 -27.41 8.60
C LYS F 11 -7.98 -28.32 9.71
N ALA F 12 -8.50 -29.53 9.83
CA ALA F 12 -8.04 -30.46 10.85
C ALA F 12 -6.62 -30.92 10.56
N LEU F 13 -5.73 -30.86 11.54
CA LEU F 13 -4.35 -31.27 11.38
C LEU F 13 -4.10 -32.63 12.05
N GLU F 14 -5.15 -33.23 12.57
CA GLU F 14 -5.16 -34.58 13.15
C GLU F 14 -6.59 -35.09 13.07
N ASP F 15 -6.79 -36.38 13.35
CA ASP F 15 -8.14 -36.90 13.42
C ASP F 15 -8.89 -36.50 14.70
N GLY F 16 -10.21 -36.40 14.59
CA GLY F 16 -11.04 -36.19 15.78
C GLY F 16 -11.17 -34.73 16.20
N VAL F 17 -10.76 -33.78 15.37
CA VAL F 17 -10.99 -32.37 15.71
C VAL F 17 -12.47 -32.10 15.83
N ASN F 18 -12.91 -31.29 16.77
CA ASN F 18 -14.28 -30.93 17.00
C ASN F 18 -14.47 -29.40 16.87
N VAL F 19 -15.39 -29.09 15.99
CA VAL F 19 -15.83 -27.72 15.73
C VAL F 19 -17.22 -27.57 16.33
N ILE F 20 -17.28 -26.87 17.45
CA ILE F 20 -18.49 -26.81 18.26
C ILE F 20 -19.21 -25.47 18.14
N GLY F 21 -20.50 -25.57 17.86
CA GLY F 21 -21.36 -24.39 17.73
C GLY F 21 -22.05 -24.12 19.09
N LEU F 22 -21.85 -22.90 19.58
CA LEU F 22 -22.56 -22.42 20.75
C LEU F 22 -23.81 -21.63 20.39
N THR F 23 -24.87 -21.81 21.17
CA THR F 23 -26.16 -21.22 20.92
C THR F 23 -26.19 -19.71 21.12
N ARG F 24 -26.74 -19.05 20.13
CA ARG F 24 -27.03 -17.64 20.22
C ARG F 24 -28.18 -17.49 21.22
N GLY F 25 -28.15 -16.40 21.97
CA GLY F 25 -29.29 -16.03 22.79
C GLY F 25 -28.93 -15.90 24.26
N ALA F 26 -29.95 -15.90 25.12
CA ALA F 26 -29.66 -15.58 26.54
C ALA F 26 -28.97 -16.79 27.15
N ASP F 27 -29.25 -17.98 26.60
CA ASP F 27 -28.58 -19.18 27.09
C ASP F 27 -27.41 -19.58 26.22
N THR F 28 -26.38 -20.12 26.81
CA THR F 28 -25.20 -20.55 26.10
C THR F 28 -24.92 -22.03 26.30
N ARG F 29 -25.12 -22.83 25.25
CA ARG F 29 -24.79 -24.25 25.36
C ARG F 29 -24.32 -24.73 23.98
N PHE F 30 -23.74 -25.93 23.94
CA PHE F 30 -23.25 -26.44 22.67
C PHE F 30 -24.43 -27.03 21.94
N HIS F 31 -24.72 -26.67 20.71
CA HIS F 31 -25.85 -27.27 20.01
C HIS F 31 -25.44 -28.35 19.02
N HIS F 32 -24.20 -28.31 18.58
CA HIS F 32 -23.69 -29.22 17.58
C HIS F 32 -22.17 -29.26 17.67
N SER F 33 -21.62 -30.45 17.47
CA SER F 33 -20.20 -30.66 17.35
C SER F 33 -19.85 -31.40 16.06
N GLU F 34 -19.23 -30.74 15.11
CA GLU F 34 -18.83 -31.29 13.83
C GLU F 34 -17.43 -31.88 13.96
N LYS F 35 -17.36 -33.20 13.74
CA LYS F 35 -16.08 -33.88 13.88
C LYS F 35 -15.35 -33.95 12.56
N LEU F 36 -14.13 -33.49 12.50
CA LEU F 36 -13.31 -33.49 11.32
C LEU F 36 -12.12 -34.44 11.46
N ASP F 37 -11.88 -35.14 10.37
CA ASP F 37 -10.67 -35.97 10.38
C ASP F 37 -9.55 -35.24 9.66
N LYS F 38 -8.37 -35.79 9.78
CA LYS F 38 -7.15 -35.16 9.35
C LYS F 38 -7.22 -34.73 7.88
N GLY F 39 -6.93 -33.43 7.69
CA GLY F 39 -6.98 -32.93 6.31
C GLY F 39 -8.28 -32.33 5.88
N GLU F 40 -9.40 -32.60 6.52
CA GLU F 40 -10.68 -32.07 6.10
C GLU F 40 -10.77 -30.56 6.40
N VAL F 41 -11.47 -29.85 5.53
CA VAL F 41 -11.69 -28.42 5.74
C VAL F 41 -13.15 -28.15 5.98
N LEU F 42 -13.53 -27.34 6.98
CA LEU F 42 -14.86 -26.90 7.23
C LEU F 42 -14.87 -25.34 7.19
N ILE F 43 -15.79 -24.80 6.44
CA ILE F 43 -15.95 -23.35 6.33
C ILE F 43 -17.31 -23.07 6.98
N ALA F 44 -17.31 -22.38 8.12
CA ALA F 44 -18.56 -22.24 8.87
C ALA F 44 -18.87 -20.78 9.23
N GLN F 45 -20.13 -20.43 9.00
CA GLN F 45 -20.58 -19.09 9.33
C GLN F 45 -21.06 -18.95 10.77
N PHE F 46 -21.05 -17.68 11.22
CA PHE F 46 -21.91 -17.33 12.34
C PHE F 46 -23.31 -17.20 11.78
N THR F 47 -24.32 -17.51 12.57
CA THR F 47 -25.69 -17.64 12.07
C THR F 47 -26.72 -17.23 13.13
N GLU F 48 -28.00 -17.31 12.75
CA GLU F 48 -29.08 -17.09 13.71
C GLU F 48 -28.89 -18.00 14.91
N HIS F 49 -28.42 -19.24 14.72
CA HIS F 49 -28.32 -20.20 15.81
C HIS F 49 -26.95 -20.26 16.45
N THR F 50 -25.89 -19.82 15.78
CA THR F 50 -24.52 -19.94 16.24
C THR F 50 -23.80 -18.60 16.39
N SER F 51 -23.52 -18.19 17.61
CA SER F 51 -22.88 -16.88 17.85
C SER F 51 -21.50 -17.04 18.39
N ALA F 52 -21.03 -18.27 18.65
CA ALA F 52 -19.67 -18.54 19.08
C ALA F 52 -19.27 -19.96 18.66
N ILE F 53 -18.02 -20.12 18.28
CA ILE F 53 -17.51 -21.37 17.76
C ILE F 53 -16.28 -21.76 18.55
N LYS F 54 -16.22 -23.00 19.03
CA LYS F 54 -15.06 -23.48 19.74
C LYS F 54 -14.34 -24.63 19.01
N VAL F 55 -13.03 -24.50 18.88
CA VAL F 55 -12.28 -25.56 18.21
C VAL F 55 -11.45 -26.32 19.22
N ARG F 56 -11.67 -27.64 19.26
CA ARG F 56 -10.85 -28.49 20.11
C ARG F 56 -10.13 -29.58 19.30
N GLY F 57 -8.83 -29.63 19.43
CA GLY F 57 -7.95 -30.49 18.65
C GLY F 57 -7.01 -29.68 17.79
N LYS F 58 -6.03 -30.34 17.17
CA LYS F 58 -5.04 -29.63 16.37
C LYS F 58 -5.63 -29.19 15.03
N ALA F 59 -5.68 -27.87 14.77
CA ALA F 59 -6.29 -27.36 13.54
C ALA F 59 -5.65 -26.06 13.11
N TYR F 60 -5.66 -25.80 11.80
CA TYR F 60 -5.18 -24.53 11.26
C TYR F 60 -6.44 -23.71 11.00
N ILE F 61 -6.53 -22.48 11.49
CA ILE F 61 -7.80 -21.77 11.42
C ILE F 61 -7.54 -20.40 10.79
N GLN F 62 -8.39 -20.00 9.90
CA GLN F 62 -8.35 -18.69 9.27
C GLN F 62 -9.63 -17.92 9.50
N THR F 63 -9.49 -16.69 10.03
CA THR F 63 -10.61 -15.76 10.14
C THR F 63 -10.21 -14.45 9.46
N ARG F 64 -11.11 -13.49 9.46
CA ARG F 64 -10.82 -12.13 8.99
C ARG F 64 -9.67 -11.50 9.75
N HIS F 65 -9.38 -12.02 10.96
CA HIS F 65 -8.31 -11.44 11.75
C HIS F 65 -6.96 -12.10 11.52
N GLY F 66 -6.88 -13.14 10.73
CA GLY F 66 -5.63 -13.80 10.41
C GLY F 66 -5.73 -15.30 10.78
N VAL F 67 -4.52 -15.84 10.86
CA VAL F 67 -4.43 -17.28 11.12
C VAL F 67 -4.20 -17.50 12.59
N ILE F 68 -4.69 -18.62 13.08
CA ILE F 68 -4.44 -19.03 14.46
C ILE F 68 -4.48 -20.56 14.43
N GLU F 69 -3.83 -21.21 15.39
CA GLU F 69 -3.77 -22.67 15.36
C GLU F 69 -4.25 -23.15 16.73
N SER F 70 -5.18 -24.09 16.72
CA SER F 70 -5.53 -24.74 17.97
C SER F 70 -4.59 -25.93 18.15
N GLU F 71 -4.41 -26.31 19.41
CA GLU F 71 -3.49 -27.41 19.73
C GLU F 71 -4.26 -28.37 20.61
N GLY F 72 -4.15 -29.67 20.32
CA GLY F 72 -4.98 -30.60 21.13
C GLY F 72 -4.28 -30.84 22.49
N SER G 5 -21.82 -8.57 12.77
CA SER G 5 -21.30 -8.05 14.05
C SER G 5 -19.86 -8.48 14.31
N ASP G 6 -19.05 -7.78 15.09
CA ASP G 6 -17.62 -8.05 15.22
C ASP G 6 -17.42 -9.31 16.05
N PHE G 7 -16.26 -9.91 15.97
CA PHE G 7 -15.97 -11.07 16.79
C PHE G 7 -14.54 -10.99 17.30
N VAL G 8 -14.26 -11.76 18.33
CA VAL G 8 -12.96 -11.88 18.97
C VAL G 8 -12.50 -13.35 18.87
N VAL G 9 -11.24 -13.56 18.64
CA VAL G 9 -10.61 -14.89 18.66
C VAL G 9 -9.79 -14.98 19.93
N ILE G 10 -10.00 -16.06 20.69
CA ILE G 10 -9.25 -16.30 21.90
C ILE G 10 -8.60 -17.70 21.88
N LYS G 11 -7.30 -17.77 21.94
CA LYS G 11 -6.58 -19.02 22.12
C LYS G 11 -5.97 -19.13 23.52
N ALA G 12 -6.45 -20.12 24.25
CA ALA G 12 -5.92 -20.34 25.61
C ALA G 12 -4.47 -20.80 25.60
N LEU G 13 -3.59 -20.11 26.31
CA LEU G 13 -2.21 -20.51 26.42
C LEU G 13 -1.91 -21.31 27.68
N GLU G 14 -2.89 -21.59 28.51
CA GLU G 14 -2.76 -22.41 29.71
C GLU G 14 -4.17 -22.88 30.00
N ASP G 15 -4.28 -23.94 30.83
CA ASP G 15 -5.56 -24.44 31.27
C ASP G 15 -6.39 -23.47 32.11
N GLY G 16 -7.70 -23.51 31.98
CA GLY G 16 -8.64 -22.83 32.82
C GLY G 16 -8.84 -21.36 32.48
N VAL G 17 -8.48 -20.96 31.26
CA VAL G 17 -8.85 -19.61 30.81
C VAL G 17 -10.36 -19.46 30.80
N ASN G 18 -10.86 -18.28 31.20
CA ASN G 18 -12.26 -17.98 31.23
C ASN G 18 -12.58 -16.82 30.27
N VAL G 19 -13.47 -17.08 29.36
CA VAL G 19 -14.01 -16.06 28.47
C VAL G 19 -15.41 -15.77 28.98
N ILE G 20 -15.61 -14.54 29.44
CA ILE G 20 -16.82 -14.17 30.13
C ILE G 20 -17.65 -13.15 29.37
N GLY G 21 -18.90 -13.45 29.18
CA GLY G 21 -19.84 -12.56 28.56
C GLY G 21 -20.51 -11.63 29.60
N LEU G 22 -20.54 -10.34 29.25
CA LEU G 22 -21.29 -9.38 30.05
C LEU G 22 -22.58 -9.03 29.31
N THR G 23 -23.66 -8.86 30.05
CA THR G 23 -24.98 -8.61 29.54
C THR G 23 -25.10 -7.24 28.92
N ARG G 24 -25.74 -7.24 27.77
CA ARG G 24 -26.15 -6.02 27.09
C ARG G 24 -27.36 -5.41 27.81
N GLY G 25 -27.42 -4.10 27.92
CA GLY G 25 -28.61 -3.47 28.49
C GLY G 25 -28.21 -2.58 29.68
N ALA G 26 -29.21 -2.07 30.35
CA ALA G 26 -29.01 -1.13 31.46
C ALA G 26 -28.39 -1.90 32.61
N ASP G 27 -28.65 -3.21 32.66
CA ASP G 27 -28.01 -4.06 33.66
C ASP G 27 -26.72 -4.65 33.18
N THR G 28 -25.66 -4.69 33.97
CA THR G 28 -24.40 -5.28 33.58
C THR G 28 -24.08 -6.38 34.60
N ARG G 29 -23.97 -7.60 34.13
CA ARG G 29 -23.48 -8.70 34.95
C ARG G 29 -22.91 -9.79 34.06
N PHE G 30 -22.22 -10.76 34.57
CA PHE G 30 -21.70 -11.87 33.78
C PHE G 30 -22.87 -12.80 33.49
N HIS G 31 -23.09 -13.28 32.28
CA HIS G 31 -24.20 -14.20 32.06
C HIS G 31 -23.63 -15.56 31.69
N HIS G 32 -22.36 -15.66 31.34
CA HIS G 32 -21.79 -16.93 30.93
C HIS G 32 -20.28 -16.82 31.04
N SER G 33 -19.66 -17.87 31.54
CA SER G 33 -18.22 -18.01 31.55
C SER G 33 -17.77 -19.23 30.79
N GLU G 34 -17.14 -19.13 29.63
CA GLU G 34 -16.71 -20.27 28.86
C GLU G 34 -15.28 -20.62 29.27
N LYS G 35 -15.07 -21.83 29.74
CA LYS G 35 -13.76 -22.27 30.19
C LYS G 35 -12.97 -22.91 29.07
N LEU G 36 -11.75 -22.44 28.85
CA LEU G 36 -10.93 -23.01 27.79
C LEU G 36 -9.69 -23.67 28.35
N ASP G 37 -9.37 -24.86 27.83
CA ASP G 37 -8.09 -25.45 28.23
C ASP G 37 -7.00 -25.18 27.21
N LYS G 38 -5.78 -25.47 27.60
CA LYS G 38 -4.63 -25.09 26.83
C LYS G 38 -4.74 -25.53 25.37
N GLY G 39 -4.54 -24.57 24.46
CA GLY G 39 -4.60 -24.86 23.04
C GLY G 39 -5.97 -24.76 22.41
N GLU G 40 -7.06 -24.72 23.16
CA GLU G 40 -8.38 -24.53 22.61
C GLU G 40 -8.60 -23.11 22.08
N VAL G 41 -9.37 -23.02 21.03
CA VAL G 41 -9.72 -21.73 20.42
C VAL G 41 -11.20 -21.45 20.50
N LEU G 42 -11.58 -20.22 20.88
CA LEU G 42 -12.95 -19.78 20.90
C LEU G 42 -13.04 -18.53 19.99
N ILE G 43 -14.03 -18.54 19.15
CA ILE G 43 -14.29 -17.40 18.24
C ILE G 43 -15.70 -16.92 18.56
N ALA G 44 -15.78 -15.72 19.19
CA ALA G 44 -17.02 -15.28 19.80
C ALA G 44 -17.47 -13.92 19.30
N GLN G 45 -18.73 -13.80 18.98
CA GLN G 45 -19.27 -12.53 18.52
C GLN G 45 -19.79 -11.66 19.68
N PHE G 46 -19.89 -10.37 19.39
CA PHE G 46 -20.80 -9.52 20.17
C PHE G 46 -22.20 -9.86 19.62
N THR G 47 -23.21 -9.79 20.43
CA THR G 47 -24.56 -10.24 20.11
C THR G 47 -25.64 -9.41 20.80
N GLU G 48 -26.89 -9.80 20.58
CA GLU G 48 -27.96 -9.20 21.38
C GLU G 48 -27.73 -9.29 22.87
N HIS G 49 -27.21 -10.40 23.36
CA HIS G 49 -27.06 -10.62 24.78
C HIS G 49 -25.73 -10.22 25.37
N THR G 50 -24.70 -10.16 24.53
CA THR G 50 -23.34 -9.89 24.99
C THR G 50 -22.81 -8.62 24.33
N SER G 51 -22.43 -7.63 25.16
CA SER G 51 -21.91 -6.37 24.67
C SER G 51 -20.54 -6.07 25.21
N ALA G 52 -19.98 -6.95 26.05
CA ALA G 52 -18.59 -6.84 26.42
C ALA G 52 -18.11 -8.25 26.87
N ILE G 53 -16.85 -8.50 26.63
CA ILE G 53 -16.22 -9.80 26.88
C ILE G 53 -15.01 -9.56 27.72
N LYS G 54 -14.80 -10.39 28.75
CA LYS G 54 -13.63 -10.30 29.59
C LYS G 54 -12.86 -11.62 29.56
N VAL G 55 -11.57 -11.53 29.34
CA VAL G 55 -10.69 -12.69 29.33
C VAL G 55 -9.84 -12.70 30.58
N ARG G 56 -9.89 -13.81 31.29
CA ARG G 56 -9.10 -14.04 32.48
C ARG G 56 -8.25 -15.29 32.28
N GLY G 57 -6.94 -15.14 32.41
CA GLY G 57 -6.04 -16.25 32.23
C GLY G 57 -5.14 -15.97 31.01
N LYS G 58 -4.10 -16.78 30.85
CA LYS G 58 -3.15 -16.49 29.78
C LYS G 58 -3.76 -16.88 28.44
N ALA G 59 -3.87 -15.93 27.50
CA ALA G 59 -4.50 -16.21 26.22
C ALA G 59 -3.95 -15.24 25.16
N TYR G 60 -3.95 -15.75 23.94
CA TYR G 60 -3.58 -14.95 22.76
C TYR G 60 -4.89 -14.50 22.12
N ILE G 61 -5.05 -13.20 21.90
CA ILE G 61 -6.34 -12.70 21.47
C ILE G 61 -6.21 -11.88 20.19
N GLN G 62 -7.06 -12.13 19.22
CA GLN G 62 -7.12 -11.34 18.02
C GLN G 62 -8.46 -10.63 17.86
N THR G 63 -8.38 -9.32 17.59
CA THR G 63 -9.55 -8.54 17.24
C THR G 63 -9.28 -7.80 15.92
N ARG G 64 -10.29 -7.10 15.49
CA ARG G 64 -10.09 -6.16 14.36
C ARG G 64 -8.97 -5.17 14.63
N HIS G 65 -8.68 -4.87 15.92
CA HIS G 65 -7.64 -3.91 16.23
C HIS G 65 -6.26 -4.52 16.35
N GLY G 66 -6.11 -5.81 16.20
CA GLY G 66 -4.85 -6.50 16.18
C GLY G 66 -4.77 -7.55 17.31
N VAL G 67 -3.51 -7.80 17.69
CA VAL G 67 -3.27 -8.85 18.69
C VAL G 67 -3.12 -8.21 20.07
N ILE G 68 -3.55 -8.95 21.08
CA ILE G 68 -3.35 -8.52 22.47
C ILE G 68 -3.22 -9.83 23.26
N GLU G 69 -2.48 -9.83 24.34
CA GLU G 69 -2.36 -11.03 25.16
C GLU G 69 -2.79 -10.78 26.60
N SER G 70 -3.67 -11.64 27.09
CA SER G 70 -4.03 -11.58 28.51
C SER G 70 -3.04 -12.47 29.26
N GLU G 71 -2.78 -12.08 30.49
CA GLU G 71 -1.83 -12.73 31.37
C GLU G 71 -2.59 -13.12 32.63
N GLY G 72 -2.41 -14.38 33.03
CA GLY G 72 -3.01 -14.83 34.28
C GLY G 72 -2.30 -14.25 35.51
N LYS G 73 -2.97 -14.38 36.65
CA LYS G 73 -2.39 -13.96 37.92
C LYS G 73 -1.19 -14.80 38.32
N ASN H 4 -21.50 -4.25 13.84
CA ASN H 4 -22.25 -3.29 14.64
C ASN H 4 -21.33 -2.25 15.25
N SER H 5 -21.62 -1.81 16.47
CA SER H 5 -20.97 -0.59 16.96
C SER H 5 -19.48 -0.85 17.14
N ASP H 6 -18.69 0.18 17.30
CA ASP H 6 -17.28 0.04 17.60
C ASP H 6 -17.05 -0.51 19.02
N PHE H 7 -15.85 -0.99 19.22
CA PHE H 7 -15.44 -1.52 20.53
C PHE H 7 -14.03 -1.06 20.86
N VAL H 8 -13.68 -1.19 22.15
CA VAL H 8 -12.39 -0.80 22.69
C VAL H 8 -11.81 -2.06 23.37
N VAL H 9 -10.53 -2.26 23.30
CA VAL H 9 -9.84 -3.33 24.00
C VAL H 9 -9.06 -2.66 25.15
N ILE H 10 -9.17 -3.23 26.36
CA ILE H 10 -8.46 -2.63 27.50
C ILE H 10 -7.70 -3.75 28.23
N LYS H 11 -6.38 -3.66 28.26
CA LYS H 11 -5.57 -4.60 28.99
C LYS H 11 -4.99 -3.90 30.23
N ALA H 12 -5.34 -4.43 31.39
CA ALA H 12 -4.84 -3.87 32.65
C ALA H 12 -3.37 -4.15 32.83
N LEU H 13 -2.59 -3.10 33.05
CA LEU H 13 -1.17 -3.23 33.33
C LEU H 13 -0.83 -3.24 34.82
N GLU H 14 -1.77 -3.01 35.66
CA GLU H 14 -1.67 -3.11 37.13
C GLU H 14 -3.00 -3.58 37.63
N ASP H 15 -3.10 -4.00 38.90
CA ASP H 15 -4.39 -4.30 39.48
C ASP H 15 -5.30 -3.10 39.77
N GLY H 16 -6.60 -3.28 39.75
CA GLY H 16 -7.61 -2.28 40.12
C GLY H 16 -7.91 -1.26 39.03
N VAL H 17 -7.41 -1.51 37.81
CA VAL H 17 -7.87 -0.72 36.67
C VAL H 17 -9.39 -0.65 36.68
N ASN H 18 -9.94 0.50 36.35
CA ASN H 18 -11.37 0.72 36.40
C ASN H 18 -11.95 1.24 35.08
N VAL H 19 -12.70 0.38 34.44
CA VAL H 19 -13.33 0.74 33.15
C VAL H 19 -14.74 1.18 33.48
N ILE H 20 -15.05 2.44 33.22
CA ILE H 20 -16.28 3.11 33.58
C ILE H 20 -17.16 3.44 32.39
N GLY H 21 -18.38 2.93 32.34
CA GLY H 21 -19.34 3.24 31.31
C GLY H 21 -20.25 4.40 31.73
N LEU H 22 -20.28 5.40 30.85
CA LEU H 22 -21.12 6.57 30.98
C LEU H 22 -22.40 6.45 30.18
N THR H 23 -23.51 6.80 30.82
CA THR H 23 -24.83 6.79 30.26
C THR H 23 -24.99 7.57 28.98
N ARG H 24 -25.61 6.85 28.02
CA ARG H 24 -26.10 7.51 26.81
C ARG H 24 -27.30 8.34 27.20
N GLY H 25 -27.50 9.49 26.55
CA GLY H 25 -28.74 10.21 26.72
C GLY H 25 -28.44 11.64 27.19
N ALA H 26 -29.51 12.31 27.59
CA ALA H 26 -29.43 13.73 27.92
C ALA H 26 -28.66 13.93 29.21
N ASP H 27 -28.65 12.90 30.06
CA ASP H 27 -27.87 12.98 31.29
C ASP H 27 -26.62 12.10 31.19
N THR H 28 -25.57 12.54 31.89
CA THR H 28 -24.29 11.85 31.90
C THR H 28 -23.82 11.47 33.29
N ARG H 29 -23.77 10.18 33.57
CA ARG H 29 -23.21 9.72 34.85
C ARG H 29 -22.66 8.33 34.59
N PHE H 30 -21.86 7.80 35.49
CA PHE H 30 -21.46 6.40 35.28
C PHE H 30 -22.60 5.46 35.62
N HIS H 31 -22.71 4.37 34.84
CA HIS H 31 -23.73 3.39 35.19
C HIS H 31 -23.07 2.08 35.63
N HIS H 32 -21.81 1.89 35.24
CA HIS H 32 -21.14 0.63 35.54
C HIS H 32 -19.64 0.89 35.61
N SER H 33 -19.02 0.27 36.61
CA SER H 33 -17.59 0.28 36.82
C SER H 33 -17.07 -1.15 36.80
N GLU H 34 -16.24 -1.52 35.83
CA GLU H 34 -15.75 -2.89 35.77
C GLU H 34 -14.28 -2.86 36.13
N LYS H 35 -13.90 -3.46 37.25
CA LYS H 35 -12.53 -3.49 37.70
C LYS H 35 -11.74 -4.64 37.09
N LEU H 36 -10.55 -4.33 36.64
CA LEU H 36 -9.69 -5.39 36.05
C LEU H 36 -8.44 -5.59 36.86
N ASP H 37 -8.04 -6.84 37.08
CA ASP H 37 -6.73 -7.09 37.68
C ASP H 37 -5.64 -7.15 36.61
N LYS H 38 -4.39 -7.20 37.08
CA LYS H 38 -3.28 -7.08 36.13
C LYS H 38 -3.37 -8.23 35.12
N GLY H 39 -3.27 -7.87 33.85
CA GLY H 39 -3.18 -8.94 32.82
C GLY H 39 -4.53 -9.30 32.27
N GLU H 40 -5.65 -8.86 32.86
CA GLU H 40 -6.97 -9.19 32.34
C GLU H 40 -7.32 -8.25 31.17
N VAL H 41 -8.09 -8.78 30.25
CA VAL H 41 -8.49 -7.98 29.08
C VAL H 41 -9.99 -7.85 29.04
N LEU H 42 -10.50 -6.65 28.75
CA LEU H 42 -11.89 -6.39 28.55
C LEU H 42 -12.06 -5.82 27.12
N ILE H 43 -12.96 -6.44 26.37
CA ILE H 43 -13.29 -5.90 25.05
C ILE H 43 -14.71 -5.37 25.14
N ALA H 44 -14.90 -4.05 24.95
CA ALA H 44 -16.21 -3.51 25.31
C ALA H 44 -16.77 -2.61 24.20
N GLN H 45 -18.02 -2.83 23.84
CA GLN H 45 -18.63 -2.01 22.80
C GLN H 45 -19.22 -0.72 23.34
N PHE H 46 -19.42 0.25 22.44
CA PHE H 46 -20.44 1.26 22.67
C PHE H 46 -21.79 0.64 22.35
N THR H 47 -22.82 1.07 23.09
CA THR H 47 -24.09 0.38 23.12
C THR H 47 -25.25 1.37 23.23
N GLU H 48 -26.46 0.84 23.35
CA GLU H 48 -27.63 1.66 23.66
C GLU H 48 -27.42 2.35 25.02
N HIS H 49 -26.82 1.67 25.98
CA HIS H 49 -26.70 2.32 27.31
C HIS H 49 -25.39 3.06 27.55
N THR H 50 -24.34 2.81 26.78
CA THR H 50 -23.00 3.35 27.00
C THR H 50 -22.47 4.13 25.81
N SER H 51 -22.39 5.46 25.89
CA SER H 51 -21.89 6.26 24.79
C SER H 51 -20.54 6.86 25.07
N ALA H 52 -19.94 6.63 26.23
CA ALA H 52 -18.57 7.05 26.50
C ALA H 52 -17.98 6.13 27.57
N ILE H 53 -16.70 5.87 27.50
CA ILE H 53 -15.99 4.94 28.36
C ILE H 53 -14.76 5.67 28.87
N LYS H 54 -14.58 5.67 30.20
CA LYS H 54 -13.42 6.23 30.83
C LYS H 54 -12.56 5.15 31.48
N VAL H 55 -11.24 5.25 31.37
CA VAL H 55 -10.33 4.28 31.94
C VAL H 55 -9.45 5.00 32.97
N ARG H 56 -9.45 4.43 34.17
CA ARG H 56 -8.62 4.92 35.26
C ARG H 56 -7.64 3.84 35.65
N GLY H 57 -6.39 4.13 35.83
CA GLY H 57 -5.39 3.11 36.15
C GLY H 57 -4.51 2.88 34.92
N LYS H 58 -3.47 2.09 35.09
CA LYS H 58 -2.50 1.88 34.03
C LYS H 58 -2.97 0.74 33.13
N ALA H 59 -3.22 1.07 31.86
CA ALA H 59 -3.74 0.08 30.93
C ALA H 59 -3.23 0.36 29.51
N TYR H 60 -3.25 -0.72 28.74
CA TYR H 60 -2.95 -0.63 27.32
C TYR H 60 -4.25 -0.69 26.53
N ILE H 61 -4.54 0.29 25.69
CA ILE H 61 -5.84 0.40 25.08
C ILE H 61 -5.73 0.41 23.54
N GLN H 62 -6.53 -0.44 22.92
CA GLN H 62 -6.63 -0.39 21.45
C GLN H 62 -8.00 0.02 21.00
N THR H 63 -8.03 0.94 20.03
CA THR H 63 -9.28 1.31 19.40
C THR H 63 -9.00 1.30 17.88
N ARG H 64 -10.05 1.58 17.12
CA ARG H 64 -9.87 1.76 15.67
C ARG H 64 -8.87 2.86 15.35
N HIS H 65 -8.66 3.81 16.25
CA HIS H 65 -7.71 4.89 15.98
C HIS H 65 -6.29 4.53 16.35
N GLY H 66 -6.04 3.38 16.97
CA GLY H 66 -4.68 3.00 17.30
C GLY H 66 -4.57 2.72 18.82
N VAL H 67 -3.31 2.74 19.23
CA VAL H 67 -3.03 2.37 20.63
C VAL H 67 -2.91 3.66 21.44
N ILE H 68 -3.36 3.56 22.67
CA ILE H 68 -3.14 4.63 23.65
C ILE H 68 -2.96 3.99 25.01
N GLU H 69 -2.29 4.65 25.95
CA GLU H 69 -2.03 3.99 27.24
C GLU H 69 -2.49 4.93 28.34
N SER H 70 -3.37 4.44 29.20
CA SER H 70 -3.73 5.28 30.36
C SER H 70 -2.67 5.10 31.43
N GLU H 71 -2.57 6.07 32.33
CA GLU H 71 -1.63 6.03 33.45
C GLU H 71 -2.39 6.45 34.70
N GLY H 72 -2.26 5.72 35.82
CA GLY H 72 -3.09 5.95 37.00
C GLY H 72 -2.69 7.21 37.76
N LYS H 73 -3.54 7.57 38.72
CA LYS H 73 -3.30 8.71 39.60
C LYS H 73 -1.91 8.63 40.27
N SER I 5 -21.78 5.58 15.56
CA SER I 5 -21.19 6.89 15.28
C SER I 5 -19.67 6.93 15.51
N ASP I 6 -19.03 7.96 15.00
CA ASP I 6 -17.62 8.16 15.28
C ASP I 6 -17.40 8.43 16.79
N PHE I 7 -16.15 8.35 17.18
CA PHE I 7 -15.72 8.58 18.56
C PHE I 7 -14.35 9.23 18.55
N VAL I 8 -14.04 9.89 19.66
CA VAL I 8 -12.78 10.58 19.91
C VAL I 8 -12.12 9.92 21.13
N VAL I 9 -10.85 9.79 21.18
CA VAL I 9 -10.01 9.30 22.24
C VAL I 9 -9.34 10.55 22.84
N ILE I 10 -9.46 10.71 24.15
CA ILE I 10 -8.79 11.87 24.77
C ILE I 10 -7.97 11.38 25.96
N LYS I 11 -6.67 11.58 25.98
CA LYS I 11 -5.82 11.29 27.11
C LYS I 11 -5.36 12.61 27.76
N ALA I 12 -5.71 12.76 29.02
CA ALA I 12 -5.31 13.99 29.75
C ALA I 12 -3.82 13.95 30.01
N LEU I 13 -3.12 15.02 29.67
CA LEU I 13 -1.70 15.15 29.93
C LEU I 13 -1.39 16.06 31.13
N GLU I 14 -2.42 16.46 31.85
CA GLU I 14 -2.25 17.22 33.09
C GLU I 14 -3.58 17.08 33.82
N ASP I 15 -3.65 17.47 35.09
CA ASP I 15 -4.92 17.41 35.78
C ASP I 15 -5.90 18.48 35.30
N GLY I 16 -7.17 18.21 35.44
CA GLY I 16 -8.26 19.14 35.25
C GLY I 16 -8.62 19.42 33.79
N VAL I 17 -8.24 18.46 32.91
CA VAL I 17 -8.75 18.56 31.54
C VAL I 17 -10.25 18.45 31.49
N ASN I 18 -10.91 19.27 30.68
CA ASN I 18 -12.33 19.26 30.49
C ASN I 18 -12.74 18.79 29.07
N VAL I 19 -13.46 17.70 29.03
CA VAL I 19 -14.08 17.28 27.77
C VAL I 19 -15.53 17.68 27.80
N ILE I 20 -15.92 18.58 26.90
CA ILE I 20 -17.22 19.23 26.95
C ILE I 20 -18.13 18.84 25.78
N GLY I 21 -19.33 18.41 26.04
CA GLY I 21 -20.35 18.00 25.11
C GLY I 21 -21.24 19.21 24.78
N LEU I 22 -21.34 19.53 23.50
CA LEU I 22 -22.25 20.54 23.01
C LEU I 22 -23.51 19.83 22.50
N THR I 23 -24.65 20.44 22.80
CA THR I 23 -25.94 19.96 22.42
C THR I 23 -26.15 19.88 20.92
N ARG I 24 -26.64 18.71 20.51
CA ARG I 24 -27.20 18.61 19.16
C ARG I 24 -28.52 19.37 19.05
N GLY I 25 -28.79 20.01 17.94
CA GLY I 25 -30.13 20.60 17.72
C GLY I 25 -29.97 22.07 17.28
N ALA I 26 -31.06 22.81 17.31
CA ALA I 26 -31.06 24.20 16.79
C ALA I 26 -30.33 25.08 17.76
N ASP I 27 -30.28 24.64 19.01
CA ASP I 27 -29.55 25.34 20.04
C ASP I 27 -28.20 24.70 20.37
N THR I 28 -27.20 25.53 20.66
CA THR I 28 -25.87 25.02 20.98
C THR I 28 -25.43 25.51 22.36
N ARG I 29 -25.31 24.60 23.31
CA ARG I 29 -24.73 24.94 24.60
C ARG I 29 -24.06 23.71 25.19
N PHE I 30 -23.31 23.93 26.27
CA PHE I 30 -22.60 22.83 26.92
C PHE I 30 -23.62 22.02 27.70
N HIS I 31 -23.71 20.70 27.61
CA HIS I 31 -24.66 19.98 28.43
C HIS I 31 -23.91 19.21 29.52
N HIS I 32 -22.62 18.95 29.30
CA HIS I 32 -21.85 18.16 30.24
C HIS I 32 -20.38 18.48 30.10
N SER I 33 -19.66 18.55 31.22
CA SER I 33 -18.23 18.73 31.20
C SER I 33 -17.57 17.59 31.95
N GLU I 34 -16.91 16.65 31.25
CA GLU I 34 -16.24 15.57 31.98
C GLU I 34 -14.84 16.01 32.36
N LYS I 35 -14.49 15.90 33.64
CA LYS I 35 -13.15 16.31 34.09
C LYS I 35 -12.22 15.12 34.15
N LEU I 36 -11.09 15.18 33.50
CA LEU I 36 -10.09 14.13 33.50
C LEU I 36 -8.82 14.59 34.21
N ASP I 37 -8.32 13.70 35.07
CA ASP I 37 -7.01 13.91 35.68
C ASP I 37 -5.91 13.28 34.86
N LYS I 38 -4.69 13.67 35.11
CA LYS I 38 -3.55 13.27 34.31
C LYS I 38 -3.47 11.75 34.13
N GLY I 39 -3.34 11.39 32.84
CA GLY I 39 -3.19 9.95 32.57
C GLY I 39 -4.50 9.27 32.21
N GLU I 40 -5.66 9.77 32.63
CA GLU I 40 -6.94 9.17 32.35
C GLU I 40 -7.32 9.22 30.89
N VAL I 41 -7.99 8.19 30.43
CA VAL I 41 -8.39 8.12 29.02
C VAL I 41 -9.90 8.14 28.95
N LEU I 42 -10.47 8.98 28.09
CA LEU I 42 -11.87 8.97 27.80
C LEU I 42 -12.09 8.66 26.30
N ILE I 43 -12.95 7.73 26.03
CA ILE I 43 -13.32 7.40 24.63
C ILE I 43 -14.77 7.78 24.47
N ALA I 44 -15.10 8.83 23.68
CA ALA I 44 -16.42 9.40 23.65
C ALA I 44 -17.00 9.52 22.25
N GLN I 45 -18.23 9.07 22.11
CA GLN I 45 -18.94 9.11 20.82
C GLN I 45 -19.65 10.44 20.58
N PHE I 46 -19.90 10.76 19.32
CA PHE I 46 -21.00 11.65 18.97
C PHE I 46 -22.28 10.83 19.16
N THR I 47 -23.33 11.53 19.57
CA THR I 47 -24.59 10.87 19.96
C THR I 47 -25.81 11.69 19.61
N GLU I 48 -26.99 11.14 19.91
CA GLU I 48 -28.25 11.89 19.81
C GLU I 48 -28.14 13.25 20.53
N HIS I 49 -27.45 13.31 21.65
CA HIS I 49 -27.38 14.54 22.43
C HIS I 49 -26.14 15.38 22.20
N THR I 50 -25.08 14.79 21.63
CA THR I 50 -23.81 15.46 21.51
C THR I 50 -23.28 15.49 20.09
N SER I 51 -23.30 16.69 19.47
CA SER I 51 -22.88 16.77 18.07
C SER I 51 -21.58 17.53 17.89
N ALA I 52 -21.01 18.02 18.97
CA ALA I 52 -19.68 18.64 18.96
C ALA I 52 -19.01 18.48 20.34
N ILE I 53 -17.70 18.36 20.35
CA ILE I 53 -16.95 18.12 21.58
C ILE I 53 -15.78 19.09 21.65
N LYS I 54 -15.68 19.81 22.77
CA LYS I 54 -14.59 20.73 23.00
C LYS I 54 -13.63 20.22 24.10
N VAL I 55 -12.35 20.23 23.83
CA VAL I 55 -11.33 19.88 24.78
C VAL I 55 -10.54 21.11 25.22
N ARG I 56 -10.58 21.30 26.55
CA ARG I 56 -9.82 22.40 27.16
C ARG I 56 -8.78 21.83 28.10
N GLY I 57 -7.51 22.24 28.01
CA GLY I 57 -6.47 21.61 28.83
C GLY I 57 -5.52 20.81 27.94
N LYS I 58 -4.39 20.43 28.51
CA LYS I 58 -3.41 19.66 27.77
C LYS I 58 -3.85 18.22 27.62
N ALA I 59 -3.97 17.76 26.36
CA ALA I 59 -4.48 16.42 26.12
C ALA I 59 -3.97 15.89 24.77
N TYR I 60 -3.87 14.59 24.72
CA TYR I 60 -3.47 13.92 23.45
C TYR I 60 -4.78 13.39 22.85
N ILE I 61 -5.07 13.70 21.59
CA ILE I 61 -6.39 13.38 21.07
C ILE I 61 -6.26 12.57 19.78
N GLN I 62 -6.99 11.45 19.68
CA GLN I 62 -7.01 10.69 18.43
C GLN I 62 -8.44 10.66 17.86
N THR I 63 -8.56 11.00 16.57
CA THR I 63 -9.81 10.79 15.86
C THR I 63 -9.52 9.97 14.60
N ARG I 64 -10.51 9.78 13.77
CA ARG I 64 -10.34 9.13 12.47
C ARG I 64 -9.45 9.94 11.58
N HIS I 65 -9.28 11.25 11.87
CA HIS I 65 -8.42 12.09 11.06
C HIS I 65 -6.99 12.15 11.56
N GLY I 66 -6.63 11.44 12.61
CA GLY I 66 -5.29 11.38 13.09
C GLY I 66 -5.19 11.98 14.50
N VAL I 67 -3.96 12.38 14.81
CA VAL I 67 -3.66 12.84 16.16
C VAL I 67 -3.68 14.35 16.18
N ILE I 68 -4.16 14.91 17.27
CA ILE I 68 -4.11 16.34 17.51
C ILE I 68 -3.85 16.55 19.01
N GLU I 69 -3.24 17.67 19.40
CA GLU I 69 -2.99 17.85 20.82
C GLU I 69 -3.55 19.18 21.27
N SER I 70 -4.39 19.16 22.31
CA SER I 70 -4.84 20.44 22.86
C SER I 70 -3.77 20.92 23.83
N GLU I 71 -3.75 22.23 24.03
CA GLU I 71 -2.76 22.83 24.94
C GLU I 71 -3.54 23.73 25.88
N GLY I 72 -3.33 23.58 27.18
CA GLY I 72 -3.99 24.48 28.14
C GLY I 72 -3.31 25.86 28.20
N LYS I 73 -4.01 26.77 28.86
CA LYS I 73 -3.59 28.11 29.21
C LYS I 73 -4.46 29.16 28.53
N SER J 5 -22.06 10.60 10.08
CA SER J 5 -21.86 11.94 9.51
C SER J 5 -20.41 12.37 9.60
N ASP J 6 -19.89 13.22 8.71
CA ASP J 6 -18.52 13.66 8.83
C ASP J 6 -18.36 14.73 9.93
N PHE J 7 -17.11 14.93 10.32
CA PHE J 7 -16.75 15.89 11.36
C PHE J 7 -15.44 16.55 10.97
N VAL J 8 -15.26 17.77 11.46
CA VAL J 8 -14.08 18.61 11.30
C VAL J 8 -13.38 18.70 12.66
N VAL J 9 -12.07 18.69 12.78
CA VAL J 9 -11.27 18.96 13.93
C VAL J 9 -10.67 20.37 13.75
N ILE J 10 -10.82 21.21 14.76
CA ILE J 10 -10.29 22.58 14.73
C ILE J 10 -9.50 22.88 15.98
N LYS J 11 -8.22 23.19 15.87
CA LYS J 11 -7.33 23.57 16.94
C LYS J 11 -6.95 25.04 16.76
N ALA J 12 -7.38 25.86 17.72
CA ALA J 12 -7.04 27.28 17.73
C ALA J 12 -5.56 27.55 17.93
N LEU J 13 -4.94 28.25 16.98
CA LEU J 13 -3.55 28.62 17.08
C LEU J 13 -3.34 30.02 17.66
N GLU J 14 -4.41 30.70 18.01
CA GLU J 14 -4.41 32.01 18.64
C GLU J 14 -5.72 32.12 19.41
N ASP J 15 -5.84 33.18 20.20
CA ASP J 15 -7.09 33.48 20.88
C ASP J 15 -8.18 34.04 19.98
N GLY J 16 -9.43 33.76 20.33
CA GLY J 16 -10.64 34.26 19.72
C GLY J 16 -10.91 33.72 18.31
N VAL J 17 -10.41 32.52 18.02
CA VAL J 17 -10.89 31.82 16.81
C VAL J 17 -12.38 31.57 16.87
N ASN J 18 -13.11 31.79 15.77
CA ASN J 18 -14.53 31.55 15.67
C ASN J 18 -14.91 30.43 14.68
N VAL J 19 -15.50 29.39 15.28
CA VAL J 19 -16.05 28.33 14.45
C VAL J 19 -17.55 28.58 14.33
N ILE J 20 -17.95 28.87 13.11
CA ILE J 20 -19.30 29.27 12.77
C ILE J 20 -20.12 28.22 12.06
N GLY J 21 -21.29 27.88 12.55
CA GLY J 21 -22.23 26.97 11.93
C GLY J 21 -23.24 27.70 11.07
N LEU J 22 -23.35 27.27 9.82
CA LEU J 22 -24.36 27.78 8.90
C LEU J 22 -25.53 26.83 8.82
N THR J 23 -26.75 27.37 8.77
CA THR J 23 -28.00 26.64 8.76
C THR J 23 -28.17 25.75 7.54
N ARG J 24 -28.49 24.47 7.80
CA ARG J 24 -29.05 23.61 6.76
C ARG J 24 -30.43 24.09 6.31
N GLY J 25 -30.76 24.11 5.04
CA GLY J 25 -32.11 24.35 4.56
C GLY J 25 -32.07 25.42 3.44
N ALA J 26 -33.26 25.89 3.06
CA ALA J 26 -33.38 26.82 1.92
C ALA J 26 -32.71 28.15 2.22
N ASP J 27 -32.64 28.48 3.51
CA ASP J 27 -31.98 29.73 3.89
C ASP J 27 -30.63 29.38 4.52
N THR J 28 -29.69 30.27 4.36
CA THR J 28 -28.33 30.18 4.78
C THR J 28 -27.94 31.35 5.67
N ARG J 29 -27.88 31.10 6.99
CA ARG J 29 -27.38 32.12 7.91
C ARG J 29 -26.54 31.50 9.02
N PHE J 30 -25.84 32.31 9.80
CA PHE J 30 -25.04 31.82 10.91
C PHE J 30 -25.95 31.43 12.06
N HIS J 31 -25.86 30.28 12.70
CA HIS J 31 -26.78 30.01 13.80
C HIS J 31 -26.03 29.92 15.13
N HIS J 32 -24.72 29.79 15.05
CA HIS J 32 -23.92 29.69 16.24
C HIS J 32 -22.46 30.00 15.92
N SER J 33 -21.81 30.78 16.74
CA SER J 33 -20.38 30.97 16.65
C SER J 33 -19.71 30.43 17.89
N GLU J 34 -18.83 29.47 17.78
CA GLU J 34 -18.15 28.94 18.97
C GLU J 34 -16.78 29.57 19.04
N LYS J 35 -16.48 30.21 20.17
CA LYS J 35 -15.21 30.91 20.32
C LYS J 35 -14.14 30.00 20.90
N LEU J 36 -12.98 29.91 20.26
CA LEU J 36 -11.94 29.06 20.86
C LEU J 36 -10.73 29.90 21.22
N ASP J 37 -10.17 29.69 22.39
CA ASP J 37 -8.89 30.34 22.72
C ASP J 37 -7.72 29.44 22.39
N LYS J 38 -6.53 30.01 22.38
CA LYS J 38 -5.36 29.32 21.90
C LYS J 38 -5.17 27.94 22.54
N GLY J 39 -4.96 26.92 21.67
CA GLY J 39 -4.76 25.59 22.19
C GLY J 39 -6.00 24.75 22.43
N GLU J 40 -7.21 25.31 22.41
CA GLU J 40 -8.41 24.54 22.56
C GLU J 40 -8.71 23.79 21.24
N VAL J 41 -9.42 22.70 21.37
CA VAL J 41 -9.76 21.87 20.21
C VAL J 41 -11.25 21.66 20.22
N LEU J 42 -11.86 21.87 19.04
CA LEU J 42 -13.25 21.57 18.83
C LEU J 42 -13.39 20.50 17.72
N ILE J 43 -14.10 19.43 18.05
CA ILE J 43 -14.41 18.42 17.06
C ILE J 43 -15.91 18.54 16.77
N ALA J 44 -16.26 18.92 15.54
CA ALA J 44 -17.65 19.27 15.25
C ALA J 44 -18.18 18.50 14.06
N GLN J 45 -19.38 17.97 14.15
CA GLN J 45 -20.06 17.26 13.08
C GLN J 45 -20.85 18.23 12.18
N PHE J 46 -21.09 17.77 10.97
CA PHE J 46 -22.25 18.22 10.20
C PHE J 46 -23.50 17.52 10.75
N THR J 47 -24.62 18.23 10.75
CA THR J 47 -25.81 17.85 11.47
C THR J 47 -27.13 18.15 10.76
N GLU J 48 -28.24 17.80 11.40
CA GLU J 48 -29.55 18.26 10.91
C GLU J 48 -29.58 19.78 10.79
N HIS J 49 -28.88 20.50 11.67
CA HIS J 49 -28.95 21.95 11.67
C HIS J 49 -27.79 22.64 10.99
N THR J 50 -26.64 21.96 10.88
CA THR J 50 -25.44 22.58 10.36
C THR J 50 -24.95 21.89 9.10
N SER J 51 -24.98 22.56 7.95
CA SER J 51 -24.55 21.97 6.69
C SER J 51 -23.31 22.64 6.10
N ALA J 52 -22.74 23.62 6.75
CA ALA J 52 -21.50 24.26 6.35
C ALA J 52 -20.92 24.95 7.59
N ILE J 53 -19.61 24.97 7.66
CA ILE J 53 -18.83 25.43 8.77
C ILE J 53 -17.78 26.37 8.26
N LYS J 54 -17.73 27.54 8.92
CA LYS J 54 -16.72 28.54 8.58
C LYS J 54 -15.79 28.83 9.74
N VAL J 55 -14.49 28.83 9.47
CA VAL J 55 -13.52 29.11 10.51
C VAL J 55 -12.87 30.45 10.21
N ARG J 56 -12.78 31.27 11.24
CA ARG J 56 -12.16 32.59 11.12
C ARG J 56 -11.17 32.74 12.27
N GLY J 57 -9.94 33.09 11.98
CA GLY J 57 -8.84 33.14 12.92
C GLY J 57 -7.81 32.07 12.55
N LYS J 58 -6.66 32.10 13.18
CA LYS J 58 -5.58 31.16 12.88
C LYS J 58 -5.87 29.82 13.57
N ALA J 59 -5.99 28.75 12.77
CA ALA J 59 -6.36 27.45 13.33
C ALA J 59 -5.86 26.33 12.39
N TYR J 60 -5.51 25.24 13.06
CA TYR J 60 -5.11 24.01 12.36
C TYR J 60 -6.39 23.18 12.20
N ILE J 61 -6.68 22.73 11.00
CA ILE J 61 -7.94 22.03 10.78
C ILE J 61 -7.70 20.67 10.14
N GLN J 62 -8.39 19.64 10.57
CA GLN J 62 -8.28 18.31 9.95
C GLN J 62 -9.69 17.92 9.51
N THR J 63 -9.76 17.38 8.30
CA THR J 63 -10.98 16.80 7.79
C THR J 63 -10.60 15.46 7.16
N ARG J 64 -11.59 14.81 6.58
CA ARG J 64 -11.31 13.56 5.84
C ARG J 64 -10.41 13.85 4.65
N HIS J 65 -10.47 15.11 4.13
CA HIS J 65 -9.58 15.43 3.01
C HIS J 65 -8.20 15.92 3.37
N GLY J 66 -7.78 15.87 4.63
CA GLY J 66 -6.42 16.23 5.00
C GLY J 66 -6.41 17.49 5.87
N VAL J 67 -5.23 18.04 5.96
CA VAL J 67 -5.01 19.18 6.85
C VAL J 67 -5.19 20.43 6.00
N ILE J 68 -5.68 21.46 6.64
CA ILE J 68 -5.70 22.80 6.08
C ILE J 68 -5.51 23.80 7.22
N GLU J 69 -5.04 25.02 6.97
CA GLU J 69 -4.87 25.97 8.06
C GLU J 69 -5.54 27.31 7.72
N SER J 70 -6.41 27.76 8.61
CA SER J 70 -6.96 29.10 8.40
C SER J 70 -5.95 30.10 8.95
N GLU J 71 -6.04 31.30 8.43
CA GLU J 71 -5.17 32.40 8.82
C GLU J 71 -6.06 33.60 9.15
N GLY J 72 -5.81 34.31 10.24
CA GLY J 72 -6.58 35.54 10.45
C GLY J 72 -5.91 36.72 9.72
N LYS J 73 -6.41 37.93 9.93
CA LYS J 73 -5.79 39.11 9.32
C LYS J 73 -4.59 39.49 10.20
N SER K 5 -23.01 12.61 3.42
CA SER K 5 -22.96 13.39 2.16
C SER K 5 -21.58 14.02 1.98
N ASP K 6 -21.10 14.24 0.76
CA ASP K 6 -19.78 14.79 0.59
C ASP K 6 -19.72 16.32 0.80
N PHE K 7 -18.49 16.75 1.03
CA PHE K 7 -18.21 18.13 1.35
C PHE K 7 -16.96 18.56 0.61
N VAL K 8 -16.76 19.85 0.51
CA VAL K 8 -15.68 20.58 -0.06
C VAL K 8 -15.05 21.54 0.96
N VAL K 9 -13.73 21.62 0.95
CA VAL K 9 -12.99 22.57 1.77
C VAL K 9 -12.51 23.70 0.87
N ILE K 10 -12.79 24.93 1.27
CA ILE K 10 -12.35 26.10 0.49
C ILE K 10 -11.62 27.08 1.38
N LYS K 11 -10.34 27.33 1.18
CA LYS K 11 -9.55 28.34 1.85
C LYS K 11 -9.33 29.51 0.86
N ALA K 12 -9.74 30.70 1.30
CA ALA K 12 -9.60 31.92 0.51
C ALA K 12 -8.16 32.38 0.51
N LEU K 13 -7.58 32.56 -0.67
CA LEU K 13 -6.20 33.02 -0.76
C LEU K 13 -6.14 34.52 -1.04
N GLU K 14 -7.29 35.17 -1.05
CA GLU K 14 -7.35 36.62 -1.26
C GLU K 14 -8.68 37.03 -0.67
N ASP K 15 -8.90 38.34 -0.58
CA ASP K 15 -10.21 38.79 -0.10
C ASP K 15 -11.31 38.67 -1.14
N GLY K 16 -12.55 38.49 -0.71
CA GLY K 16 -13.68 38.60 -1.62
C GLY K 16 -13.95 37.33 -2.42
N VAL K 17 -13.38 36.20 -2.02
CA VAL K 17 -13.71 34.93 -2.63
C VAL K 17 -15.19 34.64 -2.44
N ASN K 18 -15.90 34.21 -3.48
CA ASN K 18 -17.29 33.86 -3.38
C ASN K 18 -17.53 32.34 -3.53
N VAL K 19 -18.08 31.73 -2.51
CA VAL K 19 -18.56 30.35 -2.64
C VAL K 19 -20.06 30.39 -2.84
N ILE K 20 -20.45 29.92 -4.03
CA ILE K 20 -21.83 29.97 -4.48
C ILE K 20 -22.54 28.64 -4.54
N GLY K 21 -23.71 28.58 -3.92
CA GLY K 21 -24.54 27.39 -3.94
C GLY K 21 -25.58 27.44 -5.07
N LEU K 22 -25.58 26.40 -5.90
CA LEU K 22 -26.61 26.29 -6.94
C LEU K 22 -27.75 25.39 -6.44
N THR K 23 -28.98 25.75 -6.79
CA THR K 23 -30.16 25.03 -6.41
C THR K 23 -30.22 23.62 -6.97
N ARG K 24 -30.51 22.68 -6.11
CA ARG K 24 -30.92 21.35 -6.57
C ARG K 24 -32.31 21.45 -7.20
N GLY K 25 -32.57 20.68 -8.22
CA GLY K 25 -33.88 20.51 -8.80
C GLY K 25 -33.86 20.87 -10.28
N ALA K 26 -35.09 20.95 -10.79
CA ALA K 26 -35.32 21.11 -12.22
C ALA K 26 -34.80 22.47 -12.65
N ASP K 27 -34.78 23.41 -11.70
CA ASP K 27 -34.23 24.73 -11.96
C ASP K 27 -32.82 24.87 -11.35
N THR K 28 -31.99 25.63 -12.03
CA THR K 28 -30.63 25.93 -11.62
C THR K 28 -30.42 27.44 -11.48
N ARG K 29 -30.28 27.89 -10.25
CA ARG K 29 -29.88 29.28 -9.99
C ARG K 29 -29.05 29.36 -8.72
N PHE K 30 -28.39 30.51 -8.51
CA PHE K 30 -27.64 30.72 -7.29
C PHE K 30 -28.57 30.97 -6.12
N HIS K 31 -28.51 30.22 -5.01
CA HIS K 31 -29.39 30.57 -3.91
C HIS K 31 -28.66 31.32 -2.80
N HIS K 32 -27.34 31.20 -2.79
CA HIS K 32 -26.56 31.76 -1.70
C HIS K 32 -25.13 31.97 -2.16
N SER K 33 -24.58 33.13 -1.85
CA SER K 33 -23.14 33.31 -2.10
C SER K 33 -22.43 33.64 -0.80
N GLU K 34 -21.50 32.80 -0.35
CA GLU K 34 -20.78 33.06 0.90
C GLU K 34 -19.47 33.77 0.59
N LYS K 35 -19.23 34.96 1.13
CA LYS K 35 -18.01 35.68 0.84
C LYS K 35 -16.93 35.40 1.89
N LEU K 36 -15.76 35.03 1.43
CA LEU K 36 -14.66 34.70 2.32
C LEU K 36 -13.53 35.72 2.17
N ASP K 37 -13.00 36.19 3.28
CA ASP K 37 -11.79 37.02 3.16
C ASP K 37 -10.56 36.16 3.35
N LYS K 38 -9.43 36.71 3.04
CA LYS K 38 -8.17 36.00 2.93
C LYS K 38 -7.89 35.20 4.19
N GLY K 39 -7.69 33.89 4.02
CA GLY K 39 -7.29 33.09 5.19
C GLY K 39 -8.48 32.38 5.84
N GLU K 40 -9.69 32.79 5.57
CA GLU K 40 -10.87 32.10 6.06
C GLU K 40 -11.09 30.75 5.36
N VAL K 41 -11.54 29.79 6.14
CA VAL K 41 -11.89 28.46 5.60
C VAL K 41 -13.37 28.18 5.71
N LEU K 42 -13.99 27.68 4.64
CA LEU K 42 -15.36 27.23 4.60
C LEU K 42 -15.43 25.75 4.22
N ILE K 43 -16.09 24.95 5.05
CA ILE K 43 -16.24 23.53 4.80
C ILE K 43 -17.74 23.30 4.56
N ALA K 44 -18.12 22.93 3.34
CA ALA K 44 -19.50 23.00 2.92
C ALA K 44 -19.91 21.67 2.28
N GLN K 45 -21.09 21.20 2.68
CA GLN K 45 -21.60 19.94 2.14
C GLN K 45 -22.47 20.19 0.91
N PHE K 46 -22.62 19.12 0.12
CA PHE K 46 -23.78 19.05 -0.76
C PHE K 46 -24.99 18.72 0.09
N THR K 47 -26.16 19.20 -0.30
CA THR K 47 -27.34 19.16 0.55
C THR K 47 -28.62 18.92 -0.24
N GLU K 48 -29.74 18.93 0.50
CA GLU K 48 -31.06 18.94 -0.13
C GLU K 48 -31.23 20.19 -1.00
N HIS K 49 -30.65 21.33 -0.63
CA HIS K 49 -30.80 22.57 -1.38
C HIS K 49 -29.69 22.91 -2.33
N THR K 50 -28.51 22.29 -2.20
CA THR K 50 -27.31 22.62 -2.97
C THR K 50 -26.70 21.40 -3.65
N SER K 51 -26.82 21.29 -4.96
CA SER K 51 -26.30 20.15 -5.72
C SER K 51 -25.09 20.51 -6.55
N ALA K 52 -24.72 21.80 -6.61
CA ALA K 52 -23.50 22.26 -7.27
C ALA K 52 -22.96 23.51 -6.57
N ILE K 53 -21.64 23.62 -6.53
CA ILE K 53 -20.96 24.71 -5.85
C ILE K 53 -19.98 25.33 -6.82
N LYS K 54 -20.03 26.67 -6.90
CA LYS K 54 -19.08 27.41 -7.70
C LYS K 54 -18.17 28.32 -6.88
N VAL K 55 -16.85 28.26 -7.14
CA VAL K 55 -15.89 29.09 -6.45
C VAL K 55 -15.35 30.14 -7.42
N ARG K 56 -15.42 31.39 -7.03
CA ARG K 56 -14.90 32.49 -7.82
C ARG K 56 -13.94 33.32 -6.95
N GLY K 57 -12.71 33.50 -7.43
CA GLY K 57 -11.70 34.17 -6.63
C GLY K 57 -10.57 33.19 -6.32
N LYS K 58 -9.43 33.68 -5.86
CA LYS K 58 -8.28 32.78 -5.65
C LYS K 58 -8.44 31.98 -4.36
N ALA K 59 -8.47 30.66 -4.49
CA ALA K 59 -8.73 29.81 -3.32
C ALA K 59 -8.05 28.45 -3.50
N TYR K 60 -7.81 27.85 -2.34
CA TYR K 60 -7.26 26.50 -2.28
C TYR K 60 -8.43 25.57 -1.97
N ILE K 61 -8.66 24.56 -2.80
CA ILE K 61 -9.83 23.72 -2.55
C ILE K 61 -9.48 22.24 -2.41
N GLN K 62 -10.13 21.59 -1.46
CA GLN K 62 -9.91 20.15 -1.29
C GLN K 62 -11.25 19.44 -1.40
N THR K 63 -11.26 18.35 -2.15
CA THR K 63 -12.40 17.50 -2.29
C THR K 63 -11.89 16.05 -2.14
N ARG K 64 -12.80 15.12 -2.22
CA ARG K 64 -12.43 13.69 -2.19
C ARG K 64 -11.57 13.31 -3.38
N HIS K 65 -11.58 14.17 -4.43
CA HIS K 65 -10.80 13.91 -5.61
C HIS K 65 -9.42 14.54 -5.57
N GLY K 66 -9.05 15.32 -4.58
CA GLY K 66 -7.74 15.90 -4.51
C GLY K 66 -7.84 17.43 -4.31
N VAL K 67 -6.72 18.05 -4.62
CA VAL K 67 -6.62 19.49 -4.42
C VAL K 67 -6.84 20.13 -5.80
N ILE K 68 -7.42 21.29 -5.80
CA ILE K 68 -7.56 22.09 -7.00
C ILE K 68 -7.51 23.56 -6.53
N GLU K 69 -7.11 24.47 -7.40
CA GLU K 69 -7.06 25.86 -7.01
C GLU K 69 -7.81 26.75 -8.01
N SER K 70 -8.71 27.56 -7.48
CA SER K 70 -9.33 28.55 -8.34
C SER K 70 -8.40 29.77 -8.44
N GLU K 71 -8.56 30.50 -9.54
CA GLU K 71 -7.79 31.72 -9.75
C GLU K 71 -8.72 32.93 -9.96
N SER L 5 -24.55 11.21 -4.06
CA SER L 5 -24.17 10.86 -5.43
C SER L 5 -22.71 11.26 -5.66
N ASP L 6 -22.13 10.86 -6.77
CA ASP L 6 -20.83 11.36 -7.14
C ASP L 6 -20.87 12.79 -7.74
N PHE L 7 -19.70 13.38 -7.81
CA PHE L 7 -19.56 14.73 -8.33
C PHE L 7 -18.31 14.82 -9.18
N VAL L 8 -18.27 15.84 -10.02
CA VAL L 8 -17.18 16.16 -10.89
C VAL L 8 -16.70 17.57 -10.54
N VAL L 9 -15.40 17.77 -10.55
CA VAL L 9 -14.74 19.05 -10.38
C VAL L 9 -14.32 19.54 -11.76
N ILE L 10 -14.68 20.78 -12.07
CA ILE L 10 -14.27 21.38 -13.34
C ILE L 10 -13.67 22.77 -13.12
N LYS L 11 -12.41 22.94 -13.48
CA LYS L 11 -11.70 24.20 -13.48
C LYS L 11 -11.48 24.71 -14.91
N ALA L 12 -12.08 25.87 -15.18
CA ALA L 12 -11.92 26.50 -16.50
C ALA L 12 -10.51 26.99 -16.75
N LEU L 13 -9.90 26.55 -17.82
CA LEU L 13 -8.56 26.99 -18.20
C LEU L 13 -8.59 28.11 -19.25
N GLU L 14 -9.79 28.49 -19.64
CA GLU L 14 -9.92 29.62 -20.58
C GLU L 14 -11.31 30.18 -20.31
N ASP L 15 -11.60 31.37 -20.82
CA ASP L 15 -12.95 31.91 -20.63
C ASP L 15 -14.00 31.18 -21.44
N GLY L 16 -15.23 31.21 -20.96
CA GLY L 16 -16.42 30.74 -21.66
C GLY L 16 -16.55 29.23 -21.75
N VAL L 17 -15.86 28.51 -20.88
CA VAL L 17 -16.14 27.07 -20.75
C VAL L 17 -17.61 26.85 -20.39
N ASN L 18 -18.21 25.83 -21.02
CA ASN L 18 -19.57 25.44 -20.71
C ASN L 18 -19.68 24.06 -20.04
N VAL L 19 -20.25 24.05 -18.85
CA VAL L 19 -20.60 22.80 -18.19
C VAL L 19 -22.11 22.57 -18.33
N ILE L 20 -22.46 21.58 -19.11
CA ILE L 20 -23.83 21.29 -19.50
C ILE L 20 -24.42 20.07 -18.81
N GLY L 21 -25.60 20.21 -18.26
CA GLY L 21 -26.37 19.16 -17.65
C GLY L 21 -27.40 18.60 -18.62
N LEU L 22 -27.32 17.29 -18.83
CA LEU L 22 -28.28 16.55 -19.61
C LEU L 22 -29.31 15.88 -18.67
N THR L 23 -30.54 15.95 -19.16
CA THR L 23 -31.70 15.49 -18.42
C THR L 23 -31.70 14.00 -18.12
N ARG L 24 -31.95 13.67 -16.86
CA ARG L 24 -32.25 12.29 -16.53
C ARG L 24 -33.60 11.87 -17.10
N GLY L 25 -33.74 10.64 -17.56
CA GLY L 25 -35.09 10.14 -17.91
C GLY L 25 -35.08 9.65 -19.36
N ALA L 26 -36.25 9.35 -19.89
CA ALA L 26 -36.38 8.72 -21.20
C ALA L 26 -35.90 9.68 -22.28
N ASP L 27 -36.07 10.95 -22.02
CA ASP L 27 -35.58 11.98 -22.94
C ASP L 27 -34.24 12.53 -22.50
N THR L 28 -33.47 12.96 -23.49
CA THR L 28 -32.14 13.50 -23.24
C THR L 28 -31.99 14.85 -23.92
N ARG L 29 -31.98 15.92 -23.14
CA ARG L 29 -31.67 17.23 -23.70
C ARG L 29 -30.86 18.01 -22.68
N PHE L 30 -30.30 19.13 -23.11
CA PHE L 30 -29.56 19.98 -22.20
C PHE L 30 -30.56 20.74 -21.35
N HIS L 31 -30.47 20.79 -20.05
CA HIS L 31 -31.40 21.59 -19.28
C HIS L 31 -30.74 22.84 -18.71
N HIS L 32 -29.42 22.85 -18.63
CA HIS L 32 -28.69 23.94 -18.02
C HIS L 32 -27.27 23.96 -18.55
N SER L 33 -26.77 25.11 -18.96
CA SER L 33 -25.39 25.37 -19.28
C SER L 33 -24.76 26.36 -18.31
N GLU L 34 -23.83 25.91 -17.49
CA GLU L 34 -23.13 26.84 -16.58
C GLU L 34 -21.89 27.36 -17.26
N LYS L 35 -21.78 28.69 -17.44
CA LYS L 35 -20.59 29.25 -18.06
C LYS L 35 -19.52 29.60 -17.02
N LEU L 36 -18.31 29.18 -17.27
CA LEU L 36 -17.19 29.43 -16.40
C LEU L 36 -16.18 30.35 -17.10
N ASP L 37 -15.66 31.30 -16.32
CA ASP L 37 -14.51 32.05 -16.86
C ASP L 37 -13.21 31.52 -16.30
N LYS L 38 -12.13 31.94 -16.92
CA LYS L 38 -10.84 31.33 -16.66
C LYS L 38 -10.54 31.36 -15.16
N GLY L 39 -10.14 30.19 -14.63
CA GLY L 39 -9.84 30.14 -13.21
C GLY L 39 -10.97 29.78 -12.31
N GLU L 40 -12.23 29.90 -12.71
CA GLU L 40 -13.36 29.49 -11.87
C GLU L 40 -13.47 27.96 -11.71
N VAL L 41 -14.01 27.55 -10.56
CA VAL L 41 -14.13 26.09 -10.30
C VAL L 41 -15.56 25.75 -9.98
N LEU L 42 -16.11 24.72 -10.64
CA LEU L 42 -17.43 24.21 -10.42
C LEU L 42 -17.37 22.74 -9.98
N ILE L 43 -18.00 22.53 -8.84
CA ILE L 43 -18.09 21.18 -8.27
C ILE L 43 -19.53 20.73 -8.40
N ALA L 44 -19.84 19.80 -9.30
CA ALA L 44 -21.21 19.48 -9.63
C ALA L 44 -21.54 18.00 -9.45
N GLN L 45 -22.67 17.77 -8.79
CA GLN L 45 -23.13 16.42 -8.58
C GLN L 45 -23.95 15.89 -9.76
N PHE L 46 -24.03 14.57 -9.82
CA PHE L 46 -25.14 13.93 -10.52
C PHE L 46 -26.36 13.99 -9.61
N THR L 47 -27.55 14.09 -10.17
CA THR L 47 -28.75 14.43 -9.41
C THR L 47 -29.98 13.77 -9.99
N GLU L 48 -31.11 14.01 -9.31
CA GLU L 48 -32.39 13.53 -9.84
C GLU L 48 -32.62 14.15 -11.24
N HIS L 49 -32.17 15.35 -11.53
CA HIS L 49 -32.42 15.98 -12.81
C HIS L 49 -31.28 15.86 -13.81
N THR L 50 -30.08 15.56 -13.33
CA THR L 50 -28.89 15.52 -14.18
C THR L 50 -28.18 14.16 -14.13
N SER L 51 -28.17 13.41 -15.22
CA SER L 51 -27.57 12.09 -15.27
C SER L 51 -26.37 12.02 -16.18
N ALA L 52 -26.05 13.14 -16.84
CA ALA L 52 -24.86 13.20 -17.68
C ALA L 52 -24.42 14.65 -17.79
N ILE L 53 -23.12 14.88 -17.87
CA ILE L 53 -22.54 16.20 -17.87
C ILE L 53 -21.54 16.28 -19.01
N LYS L 54 -21.67 17.36 -19.79
CA LYS L 54 -20.78 17.59 -20.91
C LYS L 54 -19.98 18.88 -20.74
N VAL L 55 -18.68 18.78 -21.01
CA VAL L 55 -17.81 19.93 -20.77
C VAL L 55 -17.28 20.36 -22.13
N ARG L 56 -17.49 21.63 -22.45
CA ARG L 56 -17.06 22.17 -23.75
C ARG L 56 -16.12 23.35 -23.53
N GLY L 57 -14.92 23.29 -24.03
CA GLY L 57 -13.95 24.36 -23.75
C GLY L 57 -12.76 23.78 -22.98
N LYS L 58 -11.68 24.50 -22.87
CA LYS L 58 -10.47 24.01 -22.19
C LYS L 58 -10.65 24.04 -20.67
N ALA L 59 -10.57 22.83 -20.06
CA ALA L 59 -10.81 22.75 -18.63
C ALA L 59 -10.06 21.55 -18.03
N TYR L 60 -9.78 21.68 -16.76
CA TYR L 60 -9.13 20.57 -16.03
C TYR L 60 -10.24 19.93 -15.21
N ILE L 61 -10.41 18.61 -15.34
CA ILE L 61 -11.56 17.97 -14.75
C ILE L 61 -11.06 16.86 -13.81
N GLN L 62 -11.65 16.74 -12.64
CA GLN L 62 -11.33 15.62 -11.74
C GLN L 62 -12.62 14.84 -11.43
N THR L 63 -12.49 13.52 -11.51
CA THR L 63 -13.57 12.65 -11.09
C THR L 63 -12.98 11.58 -10.14
N ARG L 64 -13.85 10.67 -9.74
CA ARG L 64 -13.33 9.54 -8.93
C ARG L 64 -12.39 8.70 -9.81
N HIS L 65 -12.53 8.73 -11.13
CA HIS L 65 -11.67 7.95 -12.00
C HIS L 65 -10.36 8.61 -12.37
N GLY L 66 -10.10 9.81 -11.90
CA GLY L 66 -8.87 10.50 -12.18
C GLY L 66 -9.09 11.85 -12.86
N VAL L 67 -7.98 12.35 -13.38
CA VAL L 67 -7.92 13.60 -14.12
C VAL L 67 -8.15 13.38 -15.61
N ILE L 68 -8.86 14.34 -16.19
CA ILE L 68 -9.04 14.35 -17.65
C ILE L 68 -9.01 15.83 -18.01
N GLU L 69 -8.66 16.16 -19.25
CA GLU L 69 -8.72 17.59 -19.62
C GLU L 69 -9.56 17.70 -20.90
N SER L 70 -10.50 18.60 -20.93
CA SER L 70 -11.19 18.95 -22.17
C SER L 70 -10.41 20.06 -22.89
N GLU L 71 -10.49 19.99 -24.20
CA GLU L 71 -9.74 20.85 -25.12
C GLU L 71 -10.74 21.59 -25.99
N GLY L 72 -10.61 22.90 -25.97
CA GLY L 72 -11.46 23.79 -26.75
C GLY L 72 -11.30 23.49 -28.24
N LYS L 73 -12.38 23.77 -28.95
CA LYS L 73 -12.40 23.69 -30.41
C LYS L 73 -11.21 24.39 -31.05
N THR M 3 5.75 13.26 5.04
CA THR M 3 6.86 13.96 5.71
C THR M 3 8.22 13.42 5.32
N ASN M 4 8.31 12.49 4.36
CA ASN M 4 9.61 11.91 4.07
C ASN M 4 10.16 12.35 2.71
N SER M 5 9.78 13.54 2.27
CA SER M 5 10.29 14.05 0.99
C SER M 5 11.79 14.35 1.08
N ASP M 6 12.44 14.50 -0.06
CA ASP M 6 13.82 14.94 -0.04
C ASP M 6 13.94 16.41 0.40
N PHE M 7 15.18 16.77 0.74
CA PHE M 7 15.51 18.10 1.22
C PHE M 7 16.83 18.58 0.63
N VAL M 8 17.06 19.87 0.76
CA VAL M 8 18.28 20.53 0.33
C VAL M 8 18.96 21.17 1.53
N VAL M 9 20.30 21.17 1.51
CA VAL M 9 21.06 21.84 2.57
C VAL M 9 21.63 23.14 2.00
N ILE M 10 21.42 24.28 2.65
CA ILE M 10 22.00 25.52 2.18
C ILE M 10 22.78 26.22 3.28
N LYS M 11 24.05 26.50 3.02
CA LYS M 11 24.85 27.34 3.87
C LYS M 11 25.13 28.70 3.19
N ALA M 12 24.72 29.75 3.87
CA ALA M 12 25.00 31.11 3.38
C ALA M 12 26.51 31.38 3.43
N LEU M 13 27.06 31.85 2.34
CA LEU M 13 28.46 32.26 2.35
C LEU M 13 28.67 33.78 2.36
N GLU M 14 27.57 34.50 2.51
CA GLU M 14 27.57 35.94 2.67
C GLU M 14 26.26 36.31 3.35
N ASP M 15 26.18 37.56 3.87
CA ASP M 15 24.89 37.96 4.42
C ASP M 15 23.82 38.12 3.33
N GLY M 16 22.55 38.04 3.67
CA GLY M 16 21.47 38.43 2.76
C GLY M 16 21.10 37.37 1.75
N VAL M 17 21.57 36.14 1.92
CA VAL M 17 21.14 35.04 1.03
C VAL M 17 19.64 34.81 1.17
N ASN M 18 18.92 34.72 0.06
CA ASN M 18 17.50 34.37 0.08
C ASN M 18 17.31 32.92 -0.36
N VAL M 19 16.58 32.15 0.41
CA VAL M 19 16.14 30.82 0.00
C VAL M 19 14.64 30.96 -0.17
N ILE M 20 14.16 30.84 -1.39
CA ILE M 20 12.79 31.17 -1.74
C ILE M 20 11.97 29.93 -2.10
N GLY M 21 10.85 29.71 -1.42
CA GLY M 21 9.94 28.64 -1.77
C GLY M 21 8.96 29.04 -2.86
N LEU M 22 8.97 28.28 -3.96
CA LEU M 22 7.96 28.49 -4.98
C LEU M 22 6.78 27.55 -4.77
N THR M 23 5.58 28.03 -5.01
CA THR M 23 4.34 27.32 -4.81
C THR M 23 4.19 26.10 -5.72
N ARG M 24 3.78 25.03 -5.07
CA ARG M 24 3.33 23.85 -5.78
C ARG M 24 1.97 24.18 -6.43
N GLY M 25 1.73 23.69 -7.62
CA GLY M 25 0.40 23.68 -8.22
C GLY M 25 0.42 24.40 -9.58
N ALA M 26 -0.79 24.84 -9.96
CA ALA M 26 -0.94 25.42 -11.30
C ALA M 26 -0.21 26.75 -11.37
N ASP M 27 -0.14 27.45 -10.25
CA ASP M 27 0.55 28.74 -10.23
C ASP M 27 1.97 28.55 -9.70
N THR M 28 2.86 29.40 -10.17
CA THR M 28 4.22 29.45 -9.68
C THR M 28 4.61 30.83 -9.15
N ARG M 29 4.36 31.02 -7.87
CA ARG M 29 4.69 32.25 -7.17
C ARG M 29 5.58 31.98 -5.96
N PHE M 30 5.95 33.04 -5.25
CA PHE M 30 6.76 32.88 -4.04
C PHE M 30 5.83 32.75 -2.86
N HIS M 31 6.03 31.81 -1.94
CA HIS M 31 5.21 31.90 -0.73
C HIS M 31 6.04 32.33 0.46
N HIS M 32 7.36 32.22 0.37
CA HIS M 32 8.21 32.56 1.49
C HIS M 32 9.66 32.71 1.01
N SER M 33 10.38 33.66 1.56
CA SER M 33 11.81 33.80 1.31
C SER M 33 12.49 33.85 2.68
N GLU M 34 13.31 32.86 2.96
CA GLU M 34 14.04 32.87 4.21
C GLU M 34 15.36 33.61 4.00
N LYS M 35 15.61 34.59 4.85
CA LYS M 35 16.82 35.40 4.74
C LYS M 35 17.89 34.87 5.68
N LEU M 36 19.02 34.50 5.13
CA LEU M 36 20.11 33.89 5.84
C LEU M 36 21.31 34.82 5.96
N ASP M 37 21.90 34.83 7.14
CA ASP M 37 23.13 35.53 7.42
C ASP M 37 24.33 34.62 7.11
N LYS M 38 25.51 35.23 7.05
CA LYS M 38 26.72 34.48 6.69
C LYS M 38 27.00 33.36 7.70
N GLY M 39 27.15 32.14 7.19
CA GLY M 39 27.41 30.99 8.03
C GLY M 39 26.18 30.22 8.50
N GLU M 40 24.99 30.79 8.41
CA GLU M 40 23.80 30.04 8.85
C GLU M 40 23.51 28.91 7.87
N VAL M 41 22.87 27.85 8.37
CA VAL M 41 22.51 26.69 7.54
C VAL M 41 21.01 26.45 7.64
N LEU M 42 20.36 26.25 6.52
CA LEU M 42 18.99 25.92 6.38
C LEU M 42 18.88 24.55 5.70
N ILE M 43 18.07 23.70 6.28
CA ILE M 43 17.83 22.37 5.69
C ILE M 43 16.33 22.27 5.40
N ALA M 44 15.95 22.23 4.13
CA ALA M 44 14.57 22.45 3.77
C ALA M 44 14.05 21.33 2.85
N GLN M 45 12.85 20.86 3.19
CA GLN M 45 12.19 19.87 2.36
C GLN M 45 11.42 20.42 1.16
N PHE M 46 11.18 19.55 0.19
CA PHE M 46 10.04 19.71 -0.71
C PHE M 46 8.79 19.28 0.07
N THR M 47 7.65 19.88 -0.20
CA THR M 47 6.49 19.77 0.66
C THR M 47 5.19 19.87 -0.13
N GLU M 48 4.08 19.84 0.59
CA GLU M 48 2.81 20.11 -0.06
C GLU M 48 2.79 21.52 -0.67
N HIS M 49 3.43 22.49 -0.03
CA HIS M 49 3.34 23.89 -0.49
C HIS M 49 4.53 24.28 -1.34
N THR M 50 5.59 23.48 -1.33
CA THR M 50 6.85 23.87 -2.00
C THR M 50 7.31 22.83 -3.00
N SER M 51 7.28 23.12 -4.30
CA SER M 51 7.77 22.13 -5.27
C SER M 51 9.00 22.58 -6.06
N ALA M 52 9.49 23.76 -5.74
CA ALA M 52 10.74 24.29 -6.29
C ALA M 52 11.31 25.29 -5.27
N ILE M 53 12.64 25.38 -5.29
CA ILE M 53 13.37 26.26 -4.41
C ILE M 53 14.40 27.08 -5.20
N LYS M 54 14.41 28.40 -4.97
CA LYS M 54 15.36 29.24 -5.67
C LYS M 54 16.30 29.84 -4.63
N VAL M 55 17.59 29.88 -4.95
CA VAL M 55 18.55 30.44 -3.99
C VAL M 55 19.22 31.63 -4.68
N ARG M 56 19.12 32.77 -3.98
CA ARG M 56 19.83 33.94 -4.53
C ARG M 56 20.92 34.32 -3.53
N GLY M 57 22.06 34.79 -4.01
CA GLY M 57 23.15 35.07 -3.08
C GLY M 57 24.15 33.92 -3.10
N LYS M 58 25.31 34.19 -2.49
CA LYS M 58 26.40 33.26 -2.46
C LYS M 58 26.21 32.20 -1.38
N ALA M 59 26.13 30.95 -1.84
CA ALA M 59 25.73 29.91 -0.90
C ALA M 59 26.31 28.59 -1.38
N TYR M 60 26.48 27.70 -0.37
CA TYR M 60 26.89 26.34 -0.69
C TYR M 60 25.74 25.37 -0.51
N ILE M 61 25.47 24.54 -1.50
CA ILE M 61 24.22 23.77 -1.50
C ILE M 61 24.55 22.30 -1.74
N GLN M 62 24.02 21.46 -0.86
CA GLN M 62 24.11 20.02 -0.99
C GLN M 62 22.71 19.46 -1.25
N THR M 63 22.71 18.54 -2.23
CA THR M 63 21.50 17.80 -2.48
C THR M 63 21.87 16.34 -2.74
N ARG M 64 20.86 15.52 -2.97
CA ARG M 64 21.25 14.14 -3.24
C ARG M 64 21.99 14.09 -4.57
N HIS M 65 21.85 15.05 -5.48
CA HIS M 65 22.60 14.93 -6.73
C HIS M 65 23.99 15.53 -6.69
N GLY M 66 24.48 15.94 -5.53
CA GLY M 66 25.81 16.53 -5.49
C GLY M 66 25.85 17.87 -4.73
N VAL M 67 26.99 18.54 -4.95
CA VAL M 67 27.17 19.87 -4.37
C VAL M 67 27.26 20.92 -5.46
N ILE M 68 26.87 22.14 -5.09
CA ILE M 68 26.85 23.27 -6.00
C ILE M 68 26.86 24.59 -5.24
N GLU M 69 27.48 25.64 -5.80
CA GLU M 69 27.49 26.93 -5.18
C GLU M 69 26.68 27.93 -5.99
N SER M 70 25.76 28.63 -5.32
CA SER M 70 25.15 29.78 -6.00
C SER M 70 26.16 30.94 -5.88
N GLU M 71 26.01 31.91 -6.75
CA GLU M 71 26.85 33.10 -6.74
C GLU M 71 25.94 34.32 -6.84
N GLY M 72 26.16 35.33 -6.02
CA GLY M 72 25.30 36.53 -6.02
C GLY M 72 26.16 37.71 -6.53
N THR N 3 6.71 8.24 11.21
CA THR N 3 7.85 8.18 12.11
C THR N 3 9.17 7.75 11.47
N ASN N 4 9.22 7.37 10.20
CA ASN N 4 10.49 7.01 9.57
C ASN N 4 10.99 8.11 8.63
N SER N 5 10.73 9.36 8.99
CA SER N 5 11.33 10.46 8.21
C SER N 5 12.82 10.62 8.47
N ASP N 6 13.49 11.23 7.50
CA ASP N 6 14.91 11.56 7.62
C ASP N 6 15.14 12.50 8.81
N PHE N 7 16.40 12.55 9.23
CA PHE N 7 16.82 13.33 10.37
C PHE N 7 18.17 13.99 10.04
N VAL N 8 18.51 14.94 10.89
CA VAL N 8 19.78 15.66 10.86
C VAL N 8 20.47 15.53 12.22
N VAL N 9 21.80 15.47 12.22
CA VAL N 9 22.56 15.38 13.46
C VAL N 9 23.33 16.68 13.63
N ILE N 10 23.16 17.36 14.76
CA ILE N 10 23.81 18.64 15.01
C ILE N 10 24.62 18.64 16.30
N LYS N 11 25.93 18.83 16.21
CA LYS N 11 26.79 19.02 17.37
C LYS N 11 27.16 20.49 17.48
N ALA N 12 26.84 21.07 18.64
CA ALA N 12 27.19 22.45 18.94
C ALA N 12 28.70 22.54 19.14
N LEU N 13 29.33 23.49 18.47
CA LEU N 13 30.78 23.69 18.68
C LEU N 13 31.08 24.94 19.51
N GLU N 14 30.06 25.60 19.98
CA GLU N 14 30.20 26.69 20.94
C GLU N 14 28.88 26.74 21.73
N ASP N 15 28.80 27.60 22.74
CA ASP N 15 27.60 27.71 23.54
C ASP N 15 26.56 28.54 22.79
N GLY N 16 25.27 28.37 23.03
CA GLY N 16 24.22 29.18 22.46
C GLY N 16 23.79 28.85 21.04
N VAL N 17 24.20 27.67 20.55
CA VAL N 17 23.69 27.30 19.22
C VAL N 17 22.19 27.20 19.26
N ASN N 18 21.50 27.67 18.23
CA ASN N 18 20.07 27.44 18.09
C ASN N 18 19.75 26.50 16.93
N VAL N 19 18.91 25.54 17.21
CA VAL N 19 18.39 24.65 16.16
C VAL N 19 16.91 24.97 16.07
N ILE N 20 16.47 25.54 14.98
CA ILE N 20 15.13 26.11 14.92
C ILE N 20 14.22 25.31 13.99
N GLY N 21 13.02 24.94 14.45
CA GLY N 21 12.08 24.26 13.55
C GLY N 21 11.12 25.27 12.94
N LEU N 22 11.05 25.18 11.61
CA LEU N 22 10.16 26.05 10.85
C LEU N 22 8.93 25.21 10.49
N THR N 23 7.78 25.82 10.64
CA THR N 23 6.48 25.19 10.49
C THR N 23 6.25 24.66 9.07
N ARG N 24 5.76 23.43 9.03
CA ARG N 24 5.20 22.89 7.80
C ARG N 24 3.90 23.65 7.49
N GLY N 25 3.62 23.84 6.22
CA GLY N 25 2.31 24.25 5.72
C GLY N 25 2.42 25.58 4.97
N ALA N 26 1.26 26.20 4.77
CA ALA N 26 1.19 27.46 4.03
C ALA N 26 1.99 28.56 4.71
N ASP N 27 2.13 28.51 6.02
CA ASP N 27 2.88 29.56 6.74
C ASP N 27 4.25 29.05 7.12
N THR N 28 5.24 29.93 7.15
CA THR N 28 6.61 29.60 7.51
C THR N 28 7.07 30.44 8.68
N ARG N 29 6.85 29.88 9.86
CA ARG N 29 7.22 30.54 11.11
C ARG N 29 8.05 29.59 11.95
N PHE N 30 8.51 30.09 13.11
CA PHE N 30 9.25 29.23 14.02
C PHE N 30 8.29 28.54 14.96
N HIS N 31 8.43 27.25 15.22
CA HIS N 31 7.56 26.74 16.30
C HIS N 31 8.40 26.40 17.50
N HIS N 32 9.71 26.28 17.31
CA HIS N 32 10.56 25.94 18.45
C HIS N 32 12.00 26.29 18.12
N SER N 33 12.75 26.66 19.15
CA SER N 33 14.18 26.82 19.00
C SER N 33 14.86 26.01 20.09
N GLU N 34 15.66 25.00 19.78
CA GLU N 34 16.39 24.31 20.83
C GLU N 34 17.78 24.92 21.02
N LYS N 35 18.07 25.39 22.23
CA LYS N 35 19.36 25.97 22.55
C LYS N 35 20.33 24.88 23.02
N LEU N 36 21.47 24.79 22.34
CA LEU N 36 22.48 23.81 22.66
C LEU N 36 23.77 24.44 23.20
N ASP N 37 24.31 23.80 24.22
CA ASP N 37 25.61 24.16 24.76
C ASP N 37 26.73 23.45 23.99
N LYS N 38 27.97 23.93 24.21
CA LYS N 38 29.12 23.39 23.48
C LYS N 38 29.25 21.90 23.73
N GLY N 39 29.28 21.08 22.67
CA GLY N 39 29.47 19.65 22.85
C GLY N 39 28.18 18.85 22.84
N GLU N 40 27.03 19.47 23.03
CA GLU N 40 25.77 18.74 23.07
C GLU N 40 25.36 18.30 21.65
N VAL N 41 24.76 17.12 21.57
CA VAL N 41 24.30 16.65 20.25
C VAL N 41 22.77 16.53 20.20
N LEU N 42 22.22 17.05 19.12
CA LEU N 42 20.80 16.93 18.81
C LEU N 42 20.57 16.14 17.51
N ILE N 43 19.73 15.12 17.59
CA ILE N 43 19.34 14.35 16.40
C ILE N 43 17.83 14.56 16.18
N ALA N 44 17.49 15.25 15.10
CA ALA N 44 16.14 15.73 14.89
C ALA N 44 15.56 15.37 13.51
N GLN N 45 14.33 14.84 13.54
CA GLN N 45 13.64 14.43 12.33
C GLN N 45 12.86 15.57 11.66
N PHE N 46 12.60 15.41 10.37
CA PHE N 46 11.52 16.17 9.76
C PHE N 46 10.22 15.47 10.20
N THR N 47 9.16 16.24 10.36
CA THR N 47 7.94 15.74 10.98
C THR N 47 6.67 16.33 10.40
N GLU N 48 5.52 15.99 10.99
CA GLU N 48 4.28 16.70 10.67
C GLU N 48 4.40 18.22 10.85
N HIS N 49 5.07 18.63 11.91
CA HIS N 49 5.16 20.04 12.28
C HIS N 49 6.40 20.75 11.78
N THR N 50 7.41 19.99 11.35
CA THR N 50 8.70 20.62 10.99
C THR N 50 9.12 20.22 9.60
N SER N 51 9.09 21.12 8.62
CA SER N 51 9.53 20.81 7.27
C SER N 51 10.81 21.54 6.86
N ALA N 52 11.34 22.37 7.72
CA ALA N 52 12.65 22.98 7.52
C ALA N 52 13.29 23.22 8.87
N ILE N 53 14.61 23.20 8.88
CA ILE N 53 15.42 23.41 10.06
C ILE N 53 16.50 24.45 9.82
N LYS N 54 16.57 25.42 10.72
CA LYS N 54 17.66 26.39 10.58
C LYS N 54 18.62 26.28 11.74
N VAL N 55 19.90 26.37 11.48
CA VAL N 55 20.90 26.29 12.54
C VAL N 55 21.69 27.60 12.58
N ARG N 56 21.65 28.24 13.75
CA ARG N 56 22.37 29.50 13.95
C ARG N 56 23.47 29.28 14.97
N GLY N 57 24.68 29.74 14.72
CA GLY N 57 25.79 29.44 15.64
C GLY N 57 26.71 28.39 15.04
N LYS N 58 27.86 28.22 15.69
CA LYS N 58 28.86 27.29 15.19
C LYS N 58 28.53 25.84 15.59
N ALA N 59 28.40 25.00 14.54
CA ALA N 59 27.96 23.63 14.77
C ALA N 59 28.39 22.74 13.60
N TYR N 60 28.62 21.48 13.95
CA TYR N 60 28.90 20.46 12.95
C TYR N 60 27.65 19.66 12.63
N ILE N 61 27.29 19.56 11.36
CA ILE N 61 26.02 18.95 10.96
C ILE N 61 26.18 17.82 9.95
N GLN N 62 25.56 16.69 10.28
CA GLN N 62 25.53 15.55 9.39
C GLN N 62 24.11 15.32 8.86
N THR N 63 24.05 15.06 7.56
CA THR N 63 22.82 14.67 6.92
C THR N 63 23.08 13.53 5.92
N ARG N 64 22.02 13.07 5.28
CA ARG N 64 22.18 11.99 4.30
C ARG N 64 23.06 12.50 3.16
N HIS N 65 23.07 13.84 2.97
CA HIS N 65 23.80 14.41 1.86
C HIS N 65 25.24 14.78 2.20
N GLY N 66 25.72 14.52 3.39
CA GLY N 66 27.11 14.84 3.70
C GLY N 66 27.21 15.59 5.03
N VAL N 67 28.36 16.26 5.13
CA VAL N 67 28.63 17.02 6.34
C VAL N 67 28.84 18.47 5.98
N ILE N 68 28.52 19.34 6.93
CA ILE N 68 28.66 20.78 6.77
C ILE N 68 28.80 21.40 8.13
N GLU N 69 29.43 22.56 8.20
CA GLU N 69 29.51 23.30 9.46
C GLU N 69 28.84 24.67 9.34
N SER N 70 27.92 24.97 10.27
CA SER N 70 27.43 26.33 10.33
C SER N 70 28.50 27.16 11.06
N GLU N 71 28.45 28.44 10.80
CA GLU N 71 29.42 29.35 11.46
C GLU N 71 28.66 30.49 12.11
N GLY N 72 28.99 30.87 13.33
CA GLY N 72 28.32 32.04 13.94
C GLY N 72 29.16 33.30 13.74
N LYS N 73 28.69 34.38 14.33
CA LYS N 73 29.46 35.64 14.31
C LYS N 73 30.46 35.67 15.47
N THR O 3 7.21 0.19 13.68
CA THR O 3 8.27 -0.36 14.53
C THR O 3 9.63 -0.43 13.82
N ASN O 4 9.65 0.07 12.57
CA ASN O 4 10.87 -0.01 11.79
C ASN O 4 11.40 1.37 11.43
N SER O 5 11.29 2.28 12.38
CA SER O 5 11.91 3.60 12.21
C SER O 5 13.42 3.50 12.41
N ASP O 6 14.14 4.54 12.03
CA ASP O 6 15.57 4.63 12.31
C ASP O 6 15.83 4.61 13.81
N PHE O 7 17.09 4.33 14.15
CA PHE O 7 17.53 4.36 15.53
C PHE O 7 18.96 4.91 15.64
N VAL O 8 19.35 5.27 16.85
CA VAL O 8 20.70 5.78 17.09
C VAL O 8 21.35 4.94 18.18
N VAL O 9 22.67 4.79 18.13
CA VAL O 9 23.37 4.00 19.13
C VAL O 9 24.22 4.97 19.95
N ILE O 10 24.09 4.93 21.26
CA ILE O 10 24.84 5.86 22.11
C ILE O 10 25.60 5.05 23.17
N LYS O 11 26.90 5.25 23.24
CA LYS O 11 27.74 4.68 24.28
C LYS O 11 28.23 5.84 25.14
N ALA O 12 27.95 5.69 26.44
CA ALA O 12 28.43 6.67 27.42
C ALA O 12 29.94 6.55 27.63
N LEU O 13 30.62 7.68 27.55
CA LEU O 13 32.06 7.66 27.79
C LEU O 13 32.42 8.16 29.18
N GLU O 14 31.40 8.52 29.92
CA GLU O 14 31.56 9.00 31.29
C GLU O 14 30.24 8.75 32.02
N ASP O 15 30.30 8.81 33.35
CA ASP O 15 29.05 8.64 34.12
C ASP O 15 28.09 9.80 33.93
N GLY O 16 26.79 9.57 34.07
CA GLY O 16 25.77 10.58 34.12
C GLY O 16 25.39 11.15 32.75
N VAL O 17 25.76 10.43 31.70
CA VAL O 17 25.28 10.85 30.37
C VAL O 17 23.77 10.83 30.31
N ASN O 18 23.16 11.80 29.64
CA ASN O 18 21.72 11.87 29.52
C ASN O 18 21.30 11.77 28.04
N VAL O 19 20.45 10.81 27.77
CA VAL O 19 19.84 10.67 26.44
C VAL O 19 18.38 11.07 26.53
N ILE O 20 18.06 12.23 25.95
CA ILE O 20 16.77 12.86 26.24
C ILE O 20 15.84 12.68 25.04
N GLY O 21 14.61 12.26 25.28
CA GLY O 21 13.60 12.19 24.24
C GLY O 21 12.73 13.43 24.19
N LEU O 22 12.72 14.11 23.06
CA LEU O 22 11.85 15.27 22.87
C LEU O 22 10.56 14.85 22.17
N THR O 23 9.46 15.39 22.66
CA THR O 23 8.13 15.03 22.22
C THR O 23 7.87 15.38 20.76
N ARG O 24 7.37 14.38 20.02
CA ARG O 24 6.76 14.66 18.72
C ARG O 24 5.52 15.55 18.86
N GLY O 25 5.24 16.39 17.89
CA GLY O 25 4.02 17.14 17.83
C GLY O 25 4.27 18.66 17.83
N ALA O 26 3.19 19.38 18.12
CA ALA O 26 3.24 20.84 18.07
C ALA O 26 4.05 21.37 19.26
N ASP O 27 4.13 20.56 20.30
CA ASP O 27 4.92 20.94 21.48
C ASP O 27 6.26 20.19 21.45
N THR O 28 7.29 20.89 21.88
CA THR O 28 8.61 20.29 22.02
C THR O 28 9.09 20.37 23.45
N ARG O 29 8.91 19.29 24.20
CA ARG O 29 9.32 19.18 25.58
C ARG O 29 10.02 17.84 25.79
N PHE O 30 10.51 17.66 27.00
CA PHE O 30 11.14 16.39 27.36
C PHE O 30 10.07 15.43 27.82
N HIS O 31 10.12 14.20 27.36
CA HIS O 31 9.23 13.19 27.94
C HIS O 31 10.00 12.19 28.77
N HIS O 32 11.30 12.06 28.44
CA HIS O 32 12.08 11.08 29.21
C HIS O 32 13.55 11.44 29.10
N SER O 33 14.31 11.19 30.14
CA SER O 33 15.75 11.26 30.09
C SER O 33 16.38 9.99 30.65
N GLU O 34 17.09 9.24 29.80
CA GLU O 34 17.72 8.00 30.25
C GLU O 34 19.14 8.32 30.71
N LYS O 35 19.45 8.01 31.96
CA LYS O 35 20.77 8.28 32.50
C LYS O 35 21.69 7.07 32.36
N LEU O 36 22.83 7.26 31.70
CA LEU O 36 23.73 6.16 31.44
C LEU O 36 25.04 6.30 32.21
N ASP O 37 25.51 5.21 32.77
CA ASP O 37 26.85 5.16 33.35
C ASP O 37 27.91 4.84 32.29
N LYS O 38 29.16 5.16 32.61
CA LYS O 38 30.26 4.97 31.67
C LYS O 38 30.27 3.54 31.14
N GLY O 39 30.24 3.42 29.80
CA GLY O 39 30.38 2.11 29.18
C GLY O 39 29.03 1.56 28.71
N GLU O 40 27.95 2.03 29.31
CA GLU O 40 26.63 1.47 28.96
C GLU O 40 26.26 1.89 27.53
N VAL O 41 25.53 1.02 26.85
CA VAL O 41 25.09 1.37 25.49
C VAL O 41 23.57 1.39 25.40
N LEU O 42 23.02 2.41 24.75
CA LEU O 42 21.60 2.55 24.51
C LEU O 42 21.32 2.66 23.01
N ILE O 43 20.44 1.80 22.52
CA ILE O 43 20.03 1.84 21.12
C ILE O 43 18.55 2.26 21.04
N ALA O 44 18.26 3.44 20.48
CA ALA O 44 16.95 4.03 20.68
C ALA O 44 16.38 4.47 19.32
N GLN O 45 15.13 4.14 19.09
CA GLN O 45 14.43 4.48 17.87
C GLN O 45 13.81 5.87 17.94
N PHE O 46 13.51 6.43 16.76
CA PHE O 46 12.50 7.44 16.65
C PHE O 46 11.13 6.75 16.67
N THR O 47 10.13 7.37 17.27
CA THR O 47 8.85 6.70 17.53
C THR O 47 7.69 7.69 17.41
N GLU O 48 6.48 7.19 17.75
CA GLU O 48 5.32 8.04 17.87
C GLU O 48 5.51 9.20 18.86
N HIS O 49 6.21 8.91 19.94
CA HIS O 49 6.39 9.89 20.99
C HIS O 49 7.68 10.68 20.91
N THR O 50 8.66 10.19 20.17
CA THR O 50 9.99 10.79 20.09
C THR O 50 10.39 11.12 18.66
N SER O 51 10.48 12.42 18.36
CA SER O 51 10.89 12.87 17.03
C SER O 51 12.26 13.54 17.05
N ALA O 52 12.84 13.71 18.25
CA ALA O 52 14.19 14.27 18.37
C ALA O 52 14.85 13.78 19.66
N ILE O 53 16.16 13.59 19.60
CA ILE O 53 16.92 13.06 20.70
C ILE O 53 18.10 13.98 21.00
N LYS O 54 18.18 14.44 22.25
CA LYS O 54 19.35 15.24 22.66
C LYS O 54 20.25 14.47 23.60
N VAL O 55 21.56 14.56 23.37
CA VAL O 55 22.52 13.86 24.22
C VAL O 55 23.41 14.85 24.96
N ARG O 56 23.40 14.84 26.27
CA ARG O 56 24.20 15.68 27.13
C ARG O 56 25.20 14.82 27.88
N GLY O 57 26.47 15.17 27.80
CA GLY O 57 27.54 14.38 28.40
C GLY O 57 28.41 13.77 27.30
N LYS O 58 29.55 13.23 27.75
CA LYS O 58 30.52 12.65 26.84
C LYS O 58 30.08 11.28 26.33
N ALA O 59 29.88 11.16 25.02
CA ALA O 59 29.30 9.92 24.50
C ALA O 59 29.76 9.68 23.07
N TYR O 60 29.73 8.44 22.67
CA TYR O 60 30.05 8.10 21.27
C TYR O 60 28.76 7.69 20.58
N ILE O 61 28.43 8.33 19.46
CA ILE O 61 27.12 8.15 18.84
C ILE O 61 27.24 7.66 17.40
N GLN O 62 26.52 6.60 17.09
CA GLN O 62 26.44 6.08 15.73
C GLN O 62 25.04 6.26 15.16
N THR O 63 24.99 6.77 13.94
CA THR O 63 23.69 6.87 13.25
C THR O 63 23.90 6.46 11.79
N ARG O 64 22.85 6.46 11.01
CA ARG O 64 22.88 6.18 9.58
C ARG O 64 23.83 7.12 8.89
N HIS O 65 23.99 8.33 9.45
CA HIS O 65 24.79 9.34 8.78
C HIS O 65 26.24 9.36 9.23
N GLY O 66 26.61 8.42 10.11
CA GLY O 66 28.03 8.36 10.48
C GLY O 66 28.20 8.32 11.99
N VAL O 67 29.37 8.77 12.44
CA VAL O 67 29.71 8.69 13.85
C VAL O 67 30.09 10.06 14.35
N ILE O 68 29.78 10.32 15.61
CA ILE O 68 30.02 11.62 16.20
C ILE O 68 30.12 11.46 17.73
N GLU O 69 30.85 12.40 18.34
CA GLU O 69 30.99 12.33 19.80
C GLU O 69 30.44 13.58 20.46
N SER O 70 29.53 13.36 21.42
CA SER O 70 29.15 14.51 22.25
C SER O 70 30.24 14.80 23.27
N GLU O 71 30.28 16.01 23.78
CA GLU O 71 31.28 16.40 24.77
C GLU O 71 30.61 17.08 25.96
N GLY O 72 31.02 16.69 27.17
CA GLY O 72 30.41 17.29 28.37
C GLY O 72 31.11 18.61 28.71
N THR P 3 6.76 -7.47 11.61
CA THR P 3 7.74 -8.51 11.88
C THR P 3 9.05 -8.31 11.11
N ASN P 4 9.25 -7.27 10.31
CA ASN P 4 10.53 -7.08 9.64
C ASN P 4 11.32 -5.88 10.12
N SER P 5 11.17 -5.56 11.40
CA SER P 5 11.93 -4.47 11.99
C SER P 5 13.42 -4.80 12.06
N ASP P 6 14.25 -3.80 12.23
CA ASP P 6 15.66 -3.94 12.48
C ASP P 6 15.88 -4.79 13.76
N PHE P 7 17.10 -5.28 13.87
CA PHE P 7 17.51 -5.99 15.08
C PHE P 7 18.94 -5.63 15.46
N VAL P 8 19.38 -6.09 16.62
CA VAL P 8 20.72 -5.88 17.12
C VAL P 8 21.27 -7.24 17.52
N VAL P 9 22.58 -7.39 17.40
CA VAL P 9 23.21 -8.67 17.78
C VAL P 9 24.07 -8.34 19.01
N ILE P 10 23.92 -9.05 20.11
CA ILE P 10 24.73 -8.84 21.31
C ILE P 10 25.38 -10.16 21.75
N LYS P 11 26.71 -10.16 21.82
CA LYS P 11 27.50 -11.22 22.39
C LYS P 11 28.04 -10.76 23.75
N ALA P 12 27.72 -11.55 24.76
CA ALA P 12 28.23 -11.25 26.12
C ALA P 12 29.71 -11.58 26.19
N LEU P 13 30.52 -10.66 26.66
CA LEU P 13 31.94 -10.92 26.83
C LEU P 13 32.31 -11.17 28.28
N GLU P 14 31.30 -11.25 29.14
CA GLU P 14 31.50 -11.62 30.52
C GLU P 14 30.17 -12.12 31.06
N ASP P 15 30.16 -12.79 32.21
CA ASP P 15 28.90 -13.26 32.79
C ASP P 15 28.05 -12.08 33.28
N GLY P 16 26.74 -12.19 33.28
CA GLY P 16 25.81 -11.28 33.89
C GLY P 16 25.47 -10.05 33.07
N VAL P 17 25.86 -10.03 31.79
CA VAL P 17 25.35 -8.97 30.89
C VAL P 17 23.83 -8.93 30.94
N ASN P 18 23.29 -7.71 30.92
CA ASN P 18 21.85 -7.51 30.87
C ASN P 18 21.45 -6.78 29.57
N VAL P 19 20.58 -7.40 28.79
CA VAL P 19 19.99 -6.75 27.62
C VAL P 19 18.56 -6.35 27.97
N ILE P 20 18.31 -5.07 28.17
CA ILE P 20 17.05 -4.60 28.73
C ILE P 20 16.18 -3.95 27.65
N GLY P 21 14.96 -4.42 27.55
CA GLY P 21 13.97 -3.82 26.67
C GLY P 21 13.27 -2.67 27.37
N LEU P 22 13.25 -1.51 26.70
CA LEU P 22 12.50 -0.37 27.20
C LEU P 22 11.20 -0.22 26.43
N THR P 23 10.11 0.02 27.17
CA THR P 23 8.78 0.10 26.62
C THR P 23 8.61 1.14 25.53
N ARG P 24 7.99 0.76 24.44
CA ARG P 24 7.49 1.73 23.46
C ARG P 24 6.33 2.51 24.07
N GLY P 25 6.17 3.78 23.75
CA GLY P 25 4.97 4.51 24.15
C GLY P 25 5.31 5.79 24.91
N ALA P 26 4.25 6.29 25.58
CA ALA P 26 4.38 7.52 26.35
C ALA P 26 5.22 7.25 27.60
N ASP P 27 5.21 6.01 28.06
CA ASP P 27 6.03 5.68 29.24
C ASP P 27 7.32 4.98 28.83
N THR P 28 8.40 5.23 29.56
CA THR P 28 9.67 4.58 29.30
C THR P 28 10.12 3.82 30.54
N ARG P 29 9.76 2.54 30.60
CA ARG P 29 10.13 1.67 31.72
C ARG P 29 10.77 0.42 31.16
N PHE P 30 11.19 -0.46 32.06
CA PHE P 30 11.74 -1.73 31.59
C PHE P 30 10.62 -2.73 31.45
N HIS P 31 10.59 -3.54 30.39
CA HIS P 31 9.60 -4.63 30.46
C HIS P 31 10.30 -5.97 30.53
N HIS P 32 11.61 -6.01 30.28
CA HIS P 32 12.28 -7.30 30.30
C HIS P 32 13.77 -7.05 30.32
N SER P 33 14.46 -7.84 31.15
CA SER P 33 15.91 -7.84 31.12
C SER P 33 16.40 -9.26 30.85
N GLU P 34 17.06 -9.47 29.71
CA GLU P 34 17.62 -10.80 29.44
C GLU P 34 19.03 -10.89 30.01
N LYS P 35 19.30 -11.86 30.88
CA LYS P 35 20.61 -12.06 31.44
C LYS P 35 21.41 -13.06 30.62
N LEU P 36 22.58 -12.61 30.17
CA LEU P 36 23.44 -13.45 29.35
C LEU P 36 24.70 -13.86 30.09
N ASP P 37 25.11 -15.09 29.94
CA ASP P 37 26.43 -15.58 30.33
C ASP P 37 27.49 -15.34 29.23
N LYS P 38 28.75 -15.45 29.67
CA LYS P 38 29.85 -15.12 28.78
C LYS P 38 29.80 -16.01 27.54
N GLY P 39 29.81 -15.39 26.35
CA GLY P 39 29.81 -16.18 25.13
C GLY P 39 28.45 -16.40 24.49
N GLU P 40 27.36 -16.14 25.18
CA GLU P 40 26.04 -16.33 24.61
C GLU P 40 25.66 -15.18 23.69
N VAL P 41 24.89 -15.46 22.65
CA VAL P 41 24.50 -14.42 21.68
C VAL P 41 22.99 -14.23 21.68
N LEU P 42 22.55 -12.98 21.66
CA LEU P 42 21.16 -12.63 21.63
C LEU P 42 20.96 -11.73 20.40
N ILE P 43 20.01 -12.11 19.58
CA ILE P 43 19.70 -11.25 18.41
C ILE P 43 18.26 -10.76 18.60
N ALA P 44 18.07 -9.44 18.78
CA ALA P 44 16.73 -8.99 19.23
C ALA P 44 16.21 -7.89 18.32
N GLN P 45 14.94 -7.92 17.96
CA GLN P 45 14.32 -6.87 17.16
C GLN P 45 13.81 -5.71 18.00
N PHE P 46 13.60 -4.58 17.33
CA PHE P 46 12.65 -3.60 17.81
C PHE P 46 11.27 -4.18 17.47
N THR P 47 10.32 -3.90 18.35
CA THR P 47 8.98 -4.45 18.24
C THR P 47 7.86 -3.50 18.62
N GLU P 48 6.63 -4.04 18.64
CA GLU P 48 5.51 -3.35 19.26
C GLU P 48 5.78 -2.90 20.69
N HIS P 49 6.46 -3.73 21.49
CA HIS P 49 6.66 -3.48 22.90
C HIS P 49 8.01 -2.84 23.19
N THR P 50 8.95 -2.93 22.24
CA THR P 50 10.34 -2.51 22.53
C THR P 50 10.79 -1.45 21.55
N SER P 51 11.01 -0.22 21.99
CA SER P 51 11.47 0.85 21.13
C SER P 51 12.85 1.37 21.51
N ALA P 52 13.50 0.79 22.51
CA ALA P 52 14.85 1.15 22.87
C ALA P 52 15.45 -0.05 23.63
N ILE P 53 16.73 -0.34 23.40
CA ILE P 53 17.42 -1.40 24.12
C ILE P 53 18.60 -0.83 24.89
N LYS P 54 18.80 -1.27 26.13
CA LYS P 54 19.96 -0.82 26.90
C LYS P 54 20.82 -2.02 27.29
N VAL P 55 22.12 -1.96 27.07
CA VAL P 55 22.99 -3.08 27.39
C VAL P 55 23.95 -2.69 28.52
N ARG P 56 23.90 -3.46 29.59
CA ARG P 56 24.78 -3.20 30.74
C ARG P 56 25.74 -4.37 30.87
N GLY P 57 27.02 -4.12 31.09
CA GLY P 57 27.99 -5.22 31.12
C GLY P 57 28.77 -5.25 29.81
N LYS P 58 29.85 -6.02 29.84
CA LYS P 58 30.79 -6.04 28.72
C LYS P 58 30.22 -6.91 27.60
N ALA P 59 30.07 -6.31 26.43
CA ALA P 59 29.42 -7.02 25.36
C ALA P 59 29.86 -6.47 24.01
N TYR P 60 29.82 -7.35 23.01
CA TYR P 60 30.08 -6.88 21.64
C TYR P 60 28.79 -6.74 20.86
N ILE P 61 28.54 -5.59 20.23
CA ILE P 61 27.22 -5.34 19.65
C ILE P 61 27.38 -4.97 18.18
N GLN P 62 26.59 -5.61 17.34
CA GLN P 62 26.49 -5.26 15.93
C GLN P 62 25.10 -4.76 15.58
N THR P 63 25.07 -3.66 14.85
CA THR P 63 23.82 -3.12 14.33
C THR P 63 24.07 -2.75 12.87
N ARG P 64 23.02 -2.22 12.28
CA ARG P 64 23.14 -1.73 10.89
C ARG P 64 24.17 -0.62 10.82
N HIS P 65 24.37 0.12 11.91
CA HIS P 65 25.26 1.26 11.92
C HIS P 65 26.69 0.92 12.29
N GLY P 66 27.05 -0.35 12.46
CA GLY P 66 28.43 -0.68 12.75
C GLY P 66 28.51 -1.58 13.98
N VAL P 67 29.70 -1.55 14.57
CA VAL P 67 29.98 -2.39 15.74
C VAL P 67 30.37 -1.48 16.88
N ILE P 68 30.15 -2.01 18.08
CA ILE P 68 30.48 -1.21 19.27
C ILE P 68 30.55 -2.17 20.44
N GLU P 69 31.32 -1.79 21.44
CA GLU P 69 31.42 -2.64 22.63
C GLU P 69 30.93 -1.89 23.87
N SER P 70 30.02 -2.52 24.62
CA SER P 70 29.71 -1.96 25.94
C SER P 70 30.77 -2.38 26.94
N GLU P 71 30.84 -1.64 28.03
CA GLU P 71 31.89 -1.87 29.03
C GLU P 71 31.19 -1.89 30.38
N GLY P 72 31.38 -2.96 31.13
CA GLY P 72 30.58 -3.13 32.35
C GLY P 72 31.27 -2.48 33.55
N LYS P 73 30.45 -2.37 34.57
CA LYS P 73 30.69 -1.88 35.91
C LYS P 73 29.37 -2.13 36.67
N THR Q 3 5.88 -13.22 5.56
CA THR Q 3 6.86 -14.23 5.24
C THR Q 3 8.20 -13.74 4.69
N ASN Q 4 8.43 -12.43 4.61
CA ASN Q 4 9.70 -11.94 4.10
C ASN Q 4 10.53 -11.24 5.17
N SER Q 5 10.47 -11.74 6.40
CA SER Q 5 11.28 -11.11 7.45
C SER Q 5 12.75 -11.51 7.32
N ASP Q 6 13.61 -10.80 8.00
CA ASP Q 6 15.02 -11.17 8.11
C ASP Q 6 15.12 -12.58 8.72
N PHE Q 7 16.30 -13.14 8.60
CA PHE Q 7 16.67 -14.42 9.14
C PHE Q 7 18.14 -14.44 9.55
N VAL Q 8 18.46 -15.40 10.41
CA VAL Q 8 19.78 -15.70 10.90
C VAL Q 8 20.21 -17.09 10.46
N VAL Q 9 21.49 -17.30 10.19
CA VAL Q 9 22.10 -18.59 9.88
C VAL Q 9 22.99 -19.04 11.05
N ILE Q 10 22.74 -20.24 11.59
CA ILE Q 10 23.51 -20.72 12.73
C ILE Q 10 24.07 -22.12 12.41
N LYS Q 11 25.39 -22.23 12.44
CA LYS Q 11 26.08 -23.51 12.27
C LYS Q 11 26.65 -23.92 13.63
N ALA Q 12 26.28 -25.09 14.10
CA ALA Q 12 26.78 -25.60 15.38
C ALA Q 12 28.23 -26.06 15.24
N LEU Q 13 29.07 -25.58 16.15
CA LEU Q 13 30.48 -25.97 16.12
C LEU Q 13 30.78 -27.03 17.16
N GLU Q 14 29.81 -27.42 17.94
CA GLU Q 14 29.91 -28.52 18.90
C GLU Q 14 28.53 -29.13 19.07
N ASP Q 15 28.41 -30.31 19.68
CA ASP Q 15 27.08 -30.86 19.94
C ASP Q 15 26.33 -30.09 21.02
N GLY Q 16 25.01 -30.13 21.01
CA GLY Q 16 24.17 -29.61 22.07
C GLY Q 16 23.92 -28.11 21.98
N VAL Q 17 24.32 -27.47 20.87
CA VAL Q 17 23.94 -26.06 20.70
C VAL Q 17 22.44 -25.89 20.83
N ASN Q 18 22.01 -24.83 21.48
CA ASN Q 18 20.59 -24.49 21.57
C ASN Q 18 20.28 -23.15 20.87
N VAL Q 19 19.36 -23.16 19.92
CA VAL Q 19 18.86 -21.94 19.29
C VAL Q 19 17.44 -21.75 19.83
N ILE Q 20 17.29 -20.76 20.69
CA ILE Q 20 16.07 -20.53 21.43
C ILE Q 20 15.29 -19.38 20.81
N GLY Q 21 14.00 -19.62 20.56
CA GLY Q 21 13.05 -18.60 20.19
C GLY Q 21 12.38 -17.93 21.39
N LEU Q 22 12.59 -16.62 21.48
CA LEU Q 22 11.85 -15.85 22.51
C LEU Q 22 10.59 -15.26 21.93
N THR Q 23 9.52 -15.29 22.73
CA THR Q 23 8.19 -14.88 22.36
C THR Q 23 8.10 -13.39 22.00
N ARG Q 24 7.47 -13.10 20.86
CA ARG Q 24 7.05 -11.73 20.58
C ARG Q 24 5.96 -11.32 21.58
N GLY Q 25 5.91 -10.08 22.00
CA GLY Q 25 4.75 -9.55 22.73
C GLY Q 25 5.18 -8.94 24.07
N ALA Q 26 4.16 -8.77 24.92
CA ALA Q 26 4.41 -8.14 26.22
C ALA Q 26 5.21 -9.08 27.12
N ASP Q 27 5.10 -10.36 26.85
CA ASP Q 27 5.82 -11.35 27.68
C ASP Q 27 7.04 -11.85 26.91
N THR Q 28 8.15 -12.06 27.61
CA THR Q 28 9.37 -12.59 27.00
C THR Q 28 9.74 -13.92 27.64
N ARG Q 29 9.25 -15.00 27.05
CA ARG Q 29 9.45 -16.37 27.47
C ARG Q 29 10.11 -17.14 26.33
N PHE Q 30 10.39 -18.42 26.59
CA PHE Q 30 10.92 -19.28 25.54
C PHE Q 30 9.75 -20.00 24.91
N HIS Q 31 9.61 -20.09 23.59
CA HIS Q 31 8.57 -20.96 23.08
C HIS Q 31 9.14 -22.22 22.44
N HIS Q 32 10.41 -22.21 22.09
CA HIS Q 32 11.00 -23.36 21.45
C HIS Q 32 12.52 -23.30 21.56
N SER Q 33 13.15 -24.42 21.86
CA SER Q 33 14.62 -24.50 21.79
C SER Q 33 15.03 -25.57 20.81
N GLU Q 34 15.65 -25.20 19.68
CA GLU Q 34 16.09 -26.20 18.72
C GLU Q 34 17.48 -26.69 19.11
N LYS Q 35 17.64 -28.00 19.27
CA LYS Q 35 18.91 -28.61 19.63
C LYS Q 35 19.69 -29.04 18.38
N LEU Q 36 20.88 -28.48 18.21
CA LEU Q 36 21.70 -28.79 17.05
C LEU Q 36 22.95 -29.59 17.40
N ASP Q 37 23.29 -30.57 16.60
CA ASP Q 37 24.52 -31.33 16.69
C ASP Q 37 25.65 -30.66 15.90
N LYS Q 38 26.89 -31.05 16.18
CA LYS Q 38 28.03 -30.43 15.53
C LYS Q 38 27.90 -30.51 14.01
N GLY Q 39 27.97 -29.35 13.35
CA GLY Q 39 27.94 -29.39 11.88
C GLY Q 39 26.59 -29.01 11.26
N GLU Q 40 25.51 -29.16 12.02
CA GLU Q 40 24.20 -28.84 11.51
C GLU Q 40 24.00 -27.34 11.37
N VAL Q 41 23.22 -26.98 10.36
CA VAL Q 41 22.91 -25.60 10.06
C VAL Q 41 21.41 -25.31 10.22
N LEU Q 42 21.09 -24.22 10.89
CA LEU Q 42 19.69 -23.80 11.03
C LEU Q 42 19.57 -22.39 10.44
N ILE Q 43 18.59 -22.17 9.58
CA ILE Q 43 18.32 -20.86 9.01
C ILE Q 43 16.90 -20.43 9.46
N ALA Q 44 16.84 -19.47 10.38
CA ALA Q 44 15.58 -19.16 11.06
C ALA Q 44 15.17 -17.69 10.95
N GLN Q 45 13.88 -17.50 10.68
CA GLN Q 45 13.36 -16.16 10.51
C GLN Q 45 12.94 -15.54 11.84
N PHE Q 46 12.84 -14.22 11.86
CA PHE Q 46 11.97 -13.53 12.80
C PHE Q 46 10.54 -13.68 12.28
N THR Q 47 9.58 -13.85 13.18
CA THR Q 47 8.22 -14.22 12.76
C THR Q 47 7.16 -13.58 13.65
N GLU Q 48 5.88 -13.90 13.43
CA GLU Q 48 4.82 -13.52 14.35
C GLU Q 48 5.12 -13.94 15.78
N HIS Q 49 5.65 -15.15 15.95
CA HIS Q 49 5.88 -15.66 17.31
C HIS Q 49 7.27 -15.46 17.88
N THR Q 50 8.25 -15.11 17.05
CA THR Q 50 9.65 -15.00 17.49
C THR Q 50 10.21 -13.62 17.19
N SER Q 51 10.49 -12.86 18.23
CA SER Q 51 11.05 -11.52 18.00
C SER Q 51 12.48 -11.39 18.54
N ALA Q 52 13.00 -12.47 19.13
CA ALA Q 52 14.40 -12.47 19.56
C ALA Q 52 14.86 -13.94 19.56
N ILE Q 53 16.14 -14.17 19.28
CA ILE Q 53 16.72 -15.50 19.23
C ILE Q 53 17.94 -15.52 20.15
N LYS Q 54 18.03 -16.52 21.04
CA LYS Q 54 19.26 -16.62 21.86
C LYS Q 54 20.01 -17.89 21.52
N VAL Q 55 21.31 -17.81 21.32
CA VAL Q 55 22.10 -18.96 20.94
C VAL Q 55 23.02 -19.34 22.11
N ARG Q 56 22.89 -20.61 22.51
CA ARG Q 56 23.73 -21.06 23.64
C ARG Q 56 24.59 -22.21 23.13
N GLY Q 57 25.90 -22.17 23.38
CA GLY Q 57 26.78 -23.19 22.83
C GLY Q 57 27.66 -22.59 21.73
N LYS Q 58 28.68 -23.34 21.35
CA LYS Q 58 29.65 -22.85 20.38
C LYS Q 58 29.04 -22.92 18.98
N ALA Q 59 29.02 -21.75 18.30
CA ALA Q 59 28.34 -21.78 17.00
C ALA Q 59 28.82 -20.58 16.16
N TYR Q 60 28.72 -20.74 14.86
CA TYR Q 60 29.03 -19.65 13.93
C TYR Q 60 27.72 -19.07 13.39
N ILE Q 61 27.61 -17.75 13.49
CA ILE Q 61 26.33 -17.09 13.16
C ILE Q 61 26.55 -16.03 12.08
N GLN Q 62 25.69 -16.03 11.07
CA GLN Q 62 25.68 -15.00 10.04
C GLN Q 62 24.35 -14.25 10.03
N THR Q 63 24.44 -12.92 10.09
CA THR Q 63 23.25 -12.09 9.99
C THR Q 63 23.53 -11.01 8.93
N ARG Q 64 22.50 -10.21 8.67
CA ARG Q 64 22.65 -9.05 7.80
C ARG Q 64 23.77 -8.14 8.28
N HIS Q 65 24.02 -8.11 9.60
CA HIS Q 65 25.03 -7.25 10.18
C HIS Q 65 26.44 -7.83 10.22
N GLY Q 66 26.65 -9.05 9.81
CA GLY Q 66 27.99 -9.60 9.74
C GLY Q 66 28.00 -10.98 10.42
N VAL Q 67 29.19 -11.37 10.85
CA VAL Q 67 29.34 -12.74 11.36
C VAL Q 67 29.83 -12.63 12.80
N ILE Q 68 29.44 -13.62 13.57
CA ILE Q 68 29.81 -13.65 14.98
C ILE Q 68 29.86 -15.08 15.47
N GLU Q 69 30.69 -15.39 16.47
CA GLU Q 69 30.62 -16.74 17.03
C GLU Q 69 30.13 -16.74 18.49
N SER Q 70 29.20 -17.64 18.80
CA SER Q 70 28.92 -17.82 20.22
C SER Q 70 29.95 -18.80 20.79
N GLU Q 71 30.14 -18.76 22.09
CA GLU Q 71 31.06 -19.65 22.79
C GLU Q 71 30.28 -20.29 23.95
N GLY Q 72 30.47 -21.57 24.24
CA GLY Q 72 29.63 -22.22 25.26
C GLY Q 72 30.52 -22.72 26.40
N THR R 3 4.84 -14.55 -2.53
CA THR R 3 5.71 -15.39 -3.33
C THR R 3 7.10 -14.80 -3.56
N ASN R 4 7.37 -13.63 -2.97
CA ASN R 4 8.69 -13.05 -3.11
C ASN R 4 9.53 -13.04 -1.84
N SER R 5 9.38 -14.04 -1.00
CA SER R 5 10.24 -14.21 0.17
C SER R 5 11.65 -14.65 -0.22
N ASP R 6 12.56 -14.53 0.75
CA ASP R 6 13.97 -14.94 0.60
C ASP R 6 14.01 -16.46 0.36
N PHE R 7 15.12 -16.95 -0.18
CA PHE R 7 15.32 -18.38 -0.37
C PHE R 7 16.77 -18.74 -0.02
N VAL R 8 16.99 -20.01 0.17
CA VAL R 8 18.31 -20.57 0.39
C VAL R 8 18.67 -21.54 -0.74
N VAL R 9 19.96 -21.61 -1.08
CA VAL R 9 20.41 -22.59 -2.09
C VAL R 9 21.18 -23.69 -1.35
N ILE R 10 20.90 -24.95 -1.56
CA ILE R 10 21.59 -26.03 -0.87
C ILE R 10 22.05 -27.09 -1.89
N LYS R 11 23.36 -27.32 -1.88
CA LYS R 11 23.93 -28.36 -2.75
C LYS R 11 24.41 -29.48 -1.81
N ALA R 12 23.92 -30.68 -2.08
CA ALA R 12 24.39 -31.81 -1.26
C ALA R 12 25.81 -32.19 -1.63
N LEU R 13 26.70 -32.35 -0.68
CA LEU R 13 28.06 -32.81 -0.95
C LEU R 13 28.27 -34.27 -0.59
N GLU R 14 27.24 -34.96 -0.17
CA GLU R 14 27.25 -36.38 0.06
C GLU R 14 25.82 -36.89 -0.09
N ASP R 15 25.61 -38.20 -0.15
CA ASP R 15 24.25 -38.72 -0.25
C ASP R 15 23.51 -38.56 1.09
N GLY R 16 22.18 -38.54 1.05
CA GLY R 16 21.38 -38.59 2.25
C GLY R 16 21.16 -37.25 2.95
N VAL R 17 21.65 -36.14 2.36
CA VAL R 17 21.43 -34.84 2.98
C VAL R 17 19.96 -34.60 3.21
N ASN R 18 19.59 -34.06 4.36
CA ASN R 18 18.20 -33.74 4.65
C ASN R 18 18.02 -32.22 4.76
N VAL R 19 17.10 -31.68 3.98
CA VAL R 19 16.74 -30.28 4.12
C VAL R 19 15.33 -30.24 4.72
N ILE R 20 15.24 -29.77 5.96
CA ILE R 20 14.02 -29.92 6.74
C ILE R 20 13.29 -28.60 6.96
N GLY R 21 12.00 -28.62 6.65
CA GLY R 21 11.16 -27.43 6.83
C GLY R 21 10.45 -27.51 8.20
N LEU R 22 10.74 -26.48 8.99
CA LEU R 22 10.10 -26.34 10.30
C LEU R 22 8.89 -25.43 10.16
N THR R 23 7.80 -25.81 10.83
CA THR R 23 6.53 -25.13 10.76
C THR R 23 6.56 -23.69 11.26
N ARG R 24 5.97 -22.80 10.50
CA ARG R 24 5.68 -21.44 10.95
C ARG R 24 4.55 -21.53 12.00
N GLY R 25 4.66 -20.70 13.04
CA GLY R 25 3.55 -20.59 13.98
C GLY R 25 3.97 -20.93 15.40
N ALA R 26 2.92 -21.08 16.20
CA ALA R 26 3.16 -21.24 17.65
C ALA R 26 3.87 -22.55 17.87
N ASP R 27 3.69 -23.49 16.96
CA ASP R 27 4.36 -24.78 17.16
C ASP R 27 5.58 -24.90 16.24
N THR R 28 6.62 -25.57 16.70
CA THR R 28 7.81 -25.79 15.90
C THR R 28 8.09 -27.27 15.68
N ARG R 29 7.51 -27.82 14.63
CA ARG R 29 7.68 -29.22 14.24
C ARG R 29 8.21 -29.33 12.81
N PHE R 30 8.38 -30.56 12.35
CA PHE R 30 8.84 -30.79 10.98
C PHE R 30 7.65 -30.99 10.06
N HIS R 31 7.51 -30.29 8.95
CA HIS R 31 6.42 -30.65 8.06
C HIS R 31 6.96 -31.39 6.86
N HIS R 32 8.25 -31.30 6.60
CA HIS R 32 8.76 -32.03 5.45
C HIS R 32 10.27 -32.17 5.57
N SER R 33 10.79 -33.23 4.96
CA SER R 33 12.24 -33.39 4.92
C SER R 33 12.66 -33.78 3.52
N GLU R 34 13.36 -32.90 2.79
CA GLU R 34 13.70 -33.25 1.41
C GLU R 34 15.07 -33.97 1.44
N LYS R 35 15.11 -35.19 0.94
CA LYS R 35 16.33 -35.97 0.91
C LYS R 35 17.06 -35.73 -0.42
N LEU R 36 18.33 -35.34 -0.31
CA LEU R 36 19.12 -35.01 -1.47
C LEU R 36 20.27 -36.01 -1.63
N ASP R 37 20.50 -36.49 -2.83
CA ASP R 37 21.71 -37.26 -3.15
C ASP R 37 22.88 -36.33 -3.53
N LYS R 38 24.08 -36.89 -3.61
CA LYS R 38 25.29 -36.10 -3.81
C LYS R 38 25.19 -35.28 -5.09
N GLY R 39 25.44 -33.98 -5.02
CA GLY R 39 25.41 -33.16 -6.23
C GLY R 39 24.08 -32.53 -6.59
N GLU R 40 22.98 -32.93 -6.01
CA GLU R 40 21.68 -32.30 -6.28
C GLU R 40 21.61 -30.93 -5.61
N VAL R 41 20.83 -30.04 -6.20
CA VAL R 41 20.70 -28.68 -5.66
C VAL R 41 19.21 -28.44 -5.40
N LEU R 42 18.92 -27.79 -4.30
CA LEU R 42 17.57 -27.45 -3.88
C LEU R 42 17.56 -25.95 -3.58
N ILE R 43 16.63 -25.24 -4.20
CA ILE R 43 16.53 -23.79 -3.97
C ILE R 43 15.15 -23.56 -3.31
N ALA R 44 15.13 -23.18 -2.04
CA ALA R 44 13.91 -23.21 -1.25
C ALA R 44 13.58 -21.89 -0.58
N GLN R 45 12.32 -21.48 -0.69
CA GLN R 45 11.87 -20.26 -0.01
C GLN R 45 11.50 -20.46 1.44
N PHE R 46 11.46 -19.33 2.17
CA PHE R 46 10.59 -19.22 3.32
C PHE R 46 9.18 -18.97 2.79
N THR R 47 8.19 -19.48 3.53
CA THR R 47 6.82 -19.42 3.01
C THR R 47 5.81 -19.28 4.17
N GLU R 48 4.53 -19.39 3.81
CA GLU R 48 3.45 -19.44 4.81
C GLU R 48 3.66 -20.62 5.74
N HIS R 49 4.17 -21.73 5.23
CA HIS R 49 4.28 -22.93 6.09
C HIS R 49 5.67 -23.14 6.66
N THR R 50 6.68 -22.47 6.14
CA THR R 50 8.07 -22.73 6.55
C THR R 50 8.72 -21.44 7.04
N SER R 51 9.05 -21.36 8.32
CA SER R 51 9.76 -20.18 8.83
C SER R 51 11.19 -20.46 9.29
N ALA R 52 11.59 -21.73 9.25
CA ALA R 52 12.98 -22.09 9.56
C ALA R 52 13.34 -23.36 8.79
N ILE R 53 14.61 -23.47 8.42
CA ILE R 53 15.09 -24.57 7.61
C ILE R 53 16.33 -25.16 8.28
N LYS R 54 16.30 -26.47 8.57
CA LYS R 54 17.45 -27.17 9.13
C LYS R 54 18.12 -28.10 8.13
N VAL R 55 19.44 -28.08 8.07
CA VAL R 55 20.16 -28.87 7.08
C VAL R 55 21.02 -29.89 7.85
N ARG R 56 20.81 -31.15 7.58
CA ARG R 56 21.58 -32.21 8.21
C ARG R 56 22.39 -32.94 7.11
N GLY R 57 23.66 -33.17 7.37
CA GLY R 57 24.50 -33.81 6.36
C GLY R 57 25.37 -32.74 5.72
N LYS R 58 26.35 -33.22 4.96
CA LYS R 58 27.37 -32.36 4.38
C LYS R 58 26.81 -31.68 3.13
N ALA R 59 26.75 -30.35 3.20
CA ALA R 59 26.14 -29.58 2.13
C ALA R 59 26.76 -28.19 2.05
N TYR R 60 26.74 -27.58 0.89
CA TYR R 60 27.19 -26.22 0.65
C TYR R 60 25.95 -25.33 0.55
N ILE R 61 25.88 -24.28 1.34
CA ILE R 61 24.66 -23.46 1.44
C ILE R 61 24.95 -22.03 1.05
N GLN R 62 24.15 -21.41 0.20
CA GLN R 62 24.24 -20.00 -0.11
C GLN R 62 22.98 -19.27 0.33
N THR R 63 23.19 -18.15 1.05
CA THR R 63 22.06 -17.29 1.39
C THR R 63 22.44 -15.84 1.11
N ARG R 64 21.49 -14.97 1.40
CA ARG R 64 21.72 -13.53 1.28
C ARG R 64 22.89 -13.11 2.17
N HIS R 65 23.14 -13.84 3.26
CA HIS R 65 24.16 -13.46 4.22
C HIS R 65 25.51 -14.09 3.96
N GLY R 66 25.68 -14.85 2.89
CA GLY R 66 26.98 -15.44 2.60
C GLY R 66 26.85 -16.95 2.33
N VAL R 67 28.00 -17.61 2.39
CA VAL R 67 28.05 -19.04 2.18
C VAL R 67 28.50 -19.75 3.45
N ILE R 68 28.07 -21.00 3.54
CA ILE R 68 28.41 -21.80 4.72
C ILE R 68 28.23 -23.25 4.33
N GLU R 69 28.97 -24.13 5.01
CA GLU R 69 28.86 -25.56 4.76
C GLU R 69 28.37 -26.29 6.02
N SER R 70 27.36 -27.13 5.85
CA SER R 70 26.97 -28.01 6.96
C SER R 70 27.92 -29.21 6.90
N GLU R 71 28.08 -29.89 8.02
CA GLU R 71 28.94 -31.07 8.03
C GLU R 71 28.21 -32.20 8.79
N GLY R 72 28.22 -33.36 8.13
CA GLY R 72 27.48 -34.52 8.65
C GLY R 72 28.48 -35.43 9.38
N THR S 3 3.71 -11.15 -10.01
CA THR S 3 4.53 -11.51 -11.15
C THR S 3 5.99 -11.06 -11.04
N ASN S 4 6.37 -10.40 -9.94
CA ASN S 4 7.77 -10.07 -9.83
C ASN S 4 8.57 -10.73 -8.71
N SER S 5 8.34 -12.02 -8.54
CA SER S 5 9.18 -12.83 -7.66
C SER S 5 10.56 -13.07 -8.28
N ASP S 6 11.47 -13.52 -7.45
CA ASP S 6 12.84 -13.89 -7.79
C ASP S 6 12.78 -15.01 -8.83
N PHE S 7 13.89 -15.28 -9.51
CA PHE S 7 13.93 -16.39 -10.45
C PHE S 7 15.34 -17.02 -10.39
N VAL S 8 15.44 -18.20 -10.98
CA VAL S 8 16.71 -18.91 -11.07
C VAL S 8 17.01 -19.20 -12.55
N VAL S 9 18.27 -19.14 -12.94
CA VAL S 9 18.69 -19.48 -14.30
C VAL S 9 19.38 -20.84 -14.25
N ILE S 10 19.02 -21.78 -15.13
CA ILE S 10 19.60 -23.09 -15.14
C ILE S 10 20.03 -23.48 -16.56
N LYS S 11 21.32 -23.75 -16.71
CA LYS S 11 21.86 -24.20 -18.01
C LYS S 11 22.25 -25.66 -17.86
N ALA S 12 21.65 -26.52 -18.67
CA ALA S 12 21.96 -27.95 -18.63
C ALA S 12 23.36 -28.18 -19.19
N LEU S 13 24.19 -28.88 -18.46
CA LEU S 13 25.51 -29.26 -18.95
C LEU S 13 25.62 -30.71 -19.43
N GLU S 14 24.52 -31.42 -19.44
CA GLU S 14 24.44 -32.74 -20.05
C GLU S 14 22.97 -32.96 -20.36
N ASP S 15 22.69 -34.03 -21.13
CA ASP S 15 21.30 -34.31 -21.44
C ASP S 15 20.52 -34.84 -20.24
N GLY S 16 19.21 -34.65 -20.22
CA GLY S 16 18.36 -35.27 -19.21
C GLY S 16 18.29 -34.52 -17.91
N VAL S 17 18.85 -33.29 -17.82
CA VAL S 17 18.71 -32.59 -16.53
C VAL S 17 17.23 -32.40 -16.22
N ASN S 18 16.86 -32.56 -14.96
CA ASN S 18 15.48 -32.29 -14.54
C ASN S 18 15.41 -31.06 -13.64
N VAL S 19 14.59 -30.11 -13.96
CA VAL S 19 14.33 -28.96 -13.06
C VAL S 19 12.94 -29.17 -12.48
N ILE S 20 12.84 -29.46 -11.18
CA ILE S 20 11.60 -29.95 -10.61
C ILE S 20 10.95 -28.88 -9.73
N GLY S 21 9.67 -28.61 -10.01
CA GLY S 21 8.91 -27.64 -9.23
C GLY S 21 8.23 -28.36 -8.07
N LEU S 22 8.55 -27.90 -6.85
CA LEU S 22 7.89 -28.45 -5.67
C LEU S 22 6.75 -27.53 -5.24
N THR S 23 5.63 -28.13 -4.87
CA THR S 23 4.42 -27.41 -4.53
C THR S 23 4.58 -26.53 -3.30
N ARG S 24 4.09 -25.30 -3.44
CA ARG S 24 3.80 -24.40 -2.35
C ARG S 24 2.66 -24.94 -1.48
N GLY S 25 2.82 -24.86 -0.17
CA GLY S 25 1.66 -25.06 0.73
C GLY S 25 2.03 -26.08 1.80
N ALA S 26 0.98 -26.63 2.41
CA ALA S 26 1.21 -27.59 3.49
C ALA S 26 1.75 -28.89 2.90
N ASP S 27 1.54 -29.17 1.63
CA ASP S 27 2.07 -30.41 1.08
C ASP S 27 3.29 -30.10 0.23
N THR S 28 4.28 -30.99 0.23
CA THR S 28 5.45 -30.78 -0.60
C THR S 28 5.65 -31.92 -1.58
N ARG S 29 5.07 -31.78 -2.76
CA ARG S 29 5.08 -32.82 -3.80
C ARG S 29 5.64 -32.19 -5.08
N PHE S 30 5.76 -32.98 -6.13
CA PHE S 30 6.28 -32.44 -7.38
C PHE S 30 5.10 -32.02 -8.23
N HIS S 31 5.08 -30.86 -8.84
CA HIS S 31 3.97 -30.61 -9.76
C HIS S 31 4.44 -30.65 -11.20
N HIS S 32 5.76 -30.57 -11.41
CA HIS S 32 6.25 -30.56 -12.79
C HIS S 32 7.74 -30.80 -12.79
N SER S 33 8.19 -31.51 -13.82
CA SER S 33 9.62 -31.68 -13.99
C SER S 33 9.98 -31.29 -15.43
N GLU S 34 10.78 -30.23 -15.59
CA GLU S 34 11.14 -29.80 -16.94
C GLU S 34 12.41 -30.54 -17.34
N LYS S 35 12.37 -31.36 -18.37
CA LYS S 35 13.57 -32.05 -18.85
C LYS S 35 14.35 -31.19 -19.85
N LEU S 36 15.64 -30.99 -19.57
CA LEU S 36 16.48 -30.15 -20.40
C LEU S 36 17.59 -30.96 -21.08
N ASP S 37 17.83 -30.66 -22.33
CA ASP S 37 18.93 -31.22 -23.10
C ASP S 37 20.18 -30.38 -22.88
N LYS S 38 21.34 -30.96 -23.20
CA LYS S 38 22.60 -30.25 -23.04
C LYS S 38 22.61 -28.90 -23.74
N GLY S 39 22.91 -27.83 -23.00
CA GLY S 39 22.99 -26.51 -23.57
C GLY S 39 21.76 -25.65 -23.42
N GLU S 40 20.60 -26.23 -23.20
CA GLU S 40 19.36 -25.49 -23.03
C GLU S 40 19.38 -24.65 -21.77
N VAL S 41 18.72 -23.52 -21.75
CA VAL S 41 18.63 -22.67 -20.56
C VAL S 41 17.14 -22.47 -20.17
N LEU S 42 16.91 -22.58 -18.87
CA LEU S 42 15.57 -22.38 -18.32
C LEU S 42 15.69 -21.26 -17.29
N ILE S 43 14.82 -20.26 -17.39
CA ILE S 43 14.80 -19.15 -16.44
C ILE S 43 13.42 -19.21 -15.72
N ALA S 44 13.41 -19.59 -14.44
CA ALA S 44 12.13 -19.94 -13.83
C ALA S 44 11.92 -19.15 -12.54
N GLN S 45 10.71 -18.65 -12.34
CA GLN S 45 10.34 -17.94 -11.15
C GLN S 45 9.89 -18.85 -10.01
N PHE S 46 9.91 -18.27 -8.82
CA PHE S 46 9.07 -18.74 -7.73
C PHE S 46 7.67 -18.16 -7.95
N THR S 47 6.65 -18.91 -7.57
CA THR S 47 5.28 -18.56 -8.01
C THR S 47 4.24 -18.97 -6.98
N GLU S 48 2.97 -18.66 -7.28
CA GLU S 48 1.88 -19.21 -6.49
C GLU S 48 2.00 -20.72 -6.29
N HIS S 49 2.39 -21.45 -7.34
CA HIS S 49 2.46 -22.91 -7.25
C HIS S 49 3.80 -23.51 -6.88
N THR S 50 4.87 -22.72 -7.00
CA THR S 50 6.25 -23.26 -6.84
C THR S 50 6.98 -22.50 -5.76
N SER S 51 7.26 -23.11 -4.62
CA SER S 51 7.99 -22.44 -3.54
C SER S 51 9.36 -23.08 -3.30
N ALA S 52 9.72 -24.08 -4.11
CA ALA S 52 11.04 -24.67 -4.06
C ALA S 52 11.35 -25.34 -5.40
N ILE S 53 12.62 -25.37 -5.78
CA ILE S 53 13.02 -25.96 -7.06
C ILE S 53 14.15 -26.95 -6.78
N LYS S 54 14.07 -28.16 -7.31
CA LYS S 54 15.18 -29.11 -7.20
C LYS S 54 15.79 -29.38 -8.57
N VAL S 55 17.13 -29.40 -8.63
CA VAL S 55 17.78 -29.66 -9.91
C VAL S 55 18.57 -30.97 -9.78
N ARG S 56 18.22 -31.89 -10.70
CA ARG S 56 19.01 -33.12 -10.74
C ARG S 56 19.75 -33.19 -12.05
N GLY S 57 21.00 -33.63 -12.02
CA GLY S 57 21.79 -33.69 -13.24
C GLY S 57 22.74 -32.50 -13.28
N LYS S 58 23.73 -32.64 -14.17
CA LYS S 58 24.80 -31.65 -14.23
C LYS S 58 24.34 -30.35 -14.88
N ALA S 59 24.35 -29.26 -14.10
CA ALA S 59 23.85 -27.98 -14.59
C ALA S 59 24.57 -26.83 -13.91
N TYR S 60 24.58 -25.71 -14.59
CA TYR S 60 25.12 -24.47 -14.07
C TYR S 60 23.95 -23.58 -13.64
N ILE S 61 23.98 -23.10 -12.41
CA ILE S 61 22.82 -22.38 -11.86
C ILE S 61 23.22 -20.99 -11.42
N GLN S 62 22.46 -19.97 -11.85
CA GLN S 62 22.65 -18.63 -11.31
C GLN S 62 21.45 -18.17 -10.48
N THR S 63 21.74 -17.56 -9.32
CA THR S 63 20.67 -16.99 -8.51
C THR S 63 21.15 -15.61 -8.04
N ARG S 64 20.29 -14.96 -7.28
CA ARG S 64 20.67 -13.68 -6.67
C ARG S 64 21.83 -13.90 -5.74
N HIS S 65 21.96 -15.11 -5.20
CA HIS S 65 22.99 -15.37 -4.20
C HIS S 65 24.29 -15.86 -4.79
N GLY S 66 24.40 -15.99 -6.11
CA GLY S 66 25.69 -16.35 -6.68
C GLY S 66 25.48 -17.48 -7.71
N VAL S 67 26.55 -18.19 -8.00
CA VAL S 67 26.54 -19.30 -8.94
C VAL S 67 26.89 -20.61 -8.26
N ILE S 68 26.41 -21.69 -8.88
CA ILE S 68 26.59 -23.02 -8.27
C ILE S 68 26.35 -24.04 -9.39
N GLU S 69 26.97 -25.21 -9.21
CA GLU S 69 26.77 -26.24 -10.23
C GLU S 69 26.21 -27.49 -9.55
N SER S 70 25.11 -28.01 -10.09
CA SER S 70 24.70 -29.32 -9.63
C SER S 70 25.58 -30.36 -10.36
N GLU S 71 25.63 -31.56 -9.80
CA GLU S 71 26.42 -32.62 -10.42
C GLU S 71 25.62 -33.92 -10.47
N GLY S 72 25.61 -34.57 -11.63
CA GLY S 72 24.95 -35.86 -11.80
C GLY S 72 25.97 -36.98 -11.58
N THR T 3 3.07 -4.24 -14.59
CA THR T 3 3.91 -4.05 -15.77
C THR T 3 5.38 -3.85 -15.46
N ASN T 4 5.83 -3.92 -14.20
CA ASN T 4 7.24 -3.69 -13.88
C ASN T 4 7.94 -4.97 -13.40
N SER T 5 7.56 -6.08 -13.99
CA SER T 5 8.25 -7.35 -13.69
C SER T 5 9.64 -7.39 -14.27
N ASP T 6 10.52 -8.27 -13.80
CA ASP T 6 11.84 -8.33 -14.45
C ASP T 6 11.71 -8.94 -15.84
N PHE T 7 12.84 -8.87 -16.56
CA PHE T 7 12.87 -9.33 -17.94
C PHE T 7 14.24 -9.92 -18.24
N VAL T 8 14.30 -10.68 -19.31
CA VAL T 8 15.53 -11.27 -19.81
C VAL T 8 15.83 -10.76 -21.21
N VAL T 9 17.10 -10.66 -21.53
CA VAL T 9 17.53 -10.19 -22.86
C VAL T 9 18.12 -11.38 -23.60
N ILE T 10 17.64 -11.70 -24.80
CA ILE T 10 18.17 -12.85 -25.53
C ILE T 10 18.59 -12.41 -26.95
N LYS T 11 19.85 -12.62 -27.27
CA LYS T 11 20.35 -12.41 -28.61
C LYS T 11 20.67 -13.77 -29.24
N ALA T 12 20.03 -14.03 -30.39
CA ALA T 12 20.23 -15.25 -31.13
C ALA T 12 21.64 -15.25 -31.74
N LEU T 13 22.34 -16.34 -31.54
CA LEU T 13 23.68 -16.44 -32.16
C LEU T 13 23.73 -17.35 -33.37
N GLU T 14 22.57 -17.85 -33.73
CA GLU T 14 22.37 -18.64 -34.92
C GLU T 14 20.91 -18.53 -35.32
N ASP T 15 20.57 -19.11 -36.48
CA ASP T 15 19.17 -19.01 -36.92
C ASP T 15 18.35 -20.09 -36.21
N GLY T 16 17.06 -19.86 -36.04
CA GLY T 16 16.14 -20.83 -35.47
C GLY T 16 16.18 -20.96 -33.96
N VAL T 17 16.70 -19.97 -33.23
CA VAL T 17 16.60 -20.01 -31.77
C VAL T 17 15.12 -19.89 -31.38
N ASN T 18 14.71 -20.67 -30.42
CA ASN T 18 13.36 -20.60 -29.86
C ASN T 18 13.40 -20.01 -28.44
N VAL T 19 12.65 -18.94 -28.23
CA VAL T 19 12.43 -18.48 -26.85
C VAL T 19 11.00 -18.87 -26.46
N ILE T 20 10.89 -19.80 -25.50
CA ILE T 20 9.60 -20.41 -25.22
C ILE T 20 9.02 -19.88 -23.90
N GLY T 21 7.77 -19.43 -23.97
CA GLY T 21 7.02 -19.03 -22.78
C GLY T 21 6.28 -20.20 -22.16
N LEU T 22 6.61 -20.48 -20.91
CA LEU T 22 5.88 -21.51 -20.17
C LEU T 22 4.80 -20.86 -19.31
N THR T 23 3.63 -21.54 -19.28
CA THR T 23 2.49 -21.02 -18.57
C THR T 23 2.66 -20.92 -17.07
N ARG T 24 2.25 -19.75 -16.56
CA ARG T 24 2.03 -19.56 -15.14
C ARG T 24 0.85 -20.45 -14.69
N GLY T 25 0.95 -21.02 -13.48
CA GLY T 25 -0.25 -21.62 -12.89
C GLY T 25 0.01 -23.07 -12.49
N ALA T 26 -1.10 -23.77 -12.22
CA ALA T 26 -0.93 -25.17 -11.82
C ALA T 26 -0.45 -25.98 -13.00
N ASP T 27 -0.69 -25.53 -14.23
CA ASP T 27 -0.22 -26.35 -15.37
C ASP T 27 1.06 -25.71 -15.95
N THR T 28 1.96 -26.53 -16.44
CA THR T 28 3.16 -26.05 -17.11
C THR T 28 3.27 -26.58 -18.52
N ARG T 29 2.84 -25.77 -19.48
CA ARG T 29 2.79 -26.05 -20.90
C ARG T 29 3.38 -24.84 -21.64
N PHE T 30 3.51 -24.97 -22.95
CA PHE T 30 4.07 -23.89 -23.74
C PHE T 30 2.91 -23.01 -24.16
N HIS T 31 2.99 -21.70 -24.04
CA HIS T 31 1.92 -20.92 -24.67
C HIS T 31 2.41 -20.24 -25.93
N HIS T 32 3.72 -20.07 -26.08
CA HIS T 32 4.21 -19.37 -27.28
C HIS T 32 5.69 -19.65 -27.44
N SER T 33 6.15 -19.85 -28.65
CA SER T 33 7.58 -19.97 -28.96
C SER T 33 7.91 -18.85 -29.95
N GLU T 34 8.81 -17.93 -29.60
CA GLU T 34 9.21 -16.90 -30.56
C GLU T 34 10.47 -17.38 -31.28
N LYS T 35 10.40 -17.47 -32.61
CA LYS T 35 11.57 -17.91 -33.37
C LYS T 35 12.41 -16.72 -33.79
N LEU T 36 13.69 -16.78 -33.45
CA LEU T 36 14.61 -15.69 -33.71
C LEU T 36 15.67 -16.08 -34.75
N ASP T 37 15.94 -15.18 -35.67
CA ASP T 37 17.07 -15.40 -36.58
C ASP T 37 18.37 -14.87 -35.99
N LYS T 38 19.48 -15.23 -36.62
CA LYS T 38 20.79 -14.86 -36.08
C LYS T 38 20.92 -13.36 -35.93
N GLY T 39 21.31 -12.87 -34.74
CA GLY T 39 21.46 -11.42 -34.61
C GLY T 39 20.26 -10.70 -34.01
N GLU T 40 19.07 -11.28 -34.05
CA GLU T 40 17.90 -10.60 -33.50
C GLU T 40 17.93 -10.60 -31.97
N VAL T 41 17.36 -9.59 -31.35
CA VAL T 41 17.31 -9.46 -29.90
C VAL T 41 15.87 -9.36 -29.41
N LEU T 42 15.59 -10.17 -28.40
CA LEU T 42 14.26 -10.22 -27.80
C LEU T 42 14.42 -9.85 -26.32
N ILE T 43 13.66 -8.87 -25.87
CA ILE T 43 13.66 -8.52 -24.45
C ILE T 43 12.26 -8.83 -23.90
N ALA T 44 12.16 -9.80 -23.00
CA ALA T 44 10.87 -10.34 -22.61
C ALA T 44 10.71 -10.39 -21.09
N GLN T 45 9.57 -9.90 -20.62
CA GLN T 45 9.23 -9.92 -19.21
C GLN T 45 8.66 -11.27 -18.75
N PHE T 46 8.74 -11.46 -17.43
CA PHE T 46 7.83 -12.39 -16.77
C PHE T 46 6.50 -11.62 -16.67
N THR T 47 5.40 -12.35 -16.68
CA THR T 47 4.08 -11.74 -16.82
C THR T 47 3.00 -12.58 -16.14
N GLU T 48 1.75 -12.09 -16.24
CA GLU T 48 0.61 -12.90 -15.82
C GLU T 48 0.60 -14.29 -16.47
N HIS T 49 0.93 -14.35 -17.75
CA HIS T 49 0.89 -15.60 -18.52
C HIS T 49 2.19 -16.40 -18.57
N THR T 50 3.31 -15.79 -18.21
CA THR T 50 4.63 -16.42 -18.36
C THR T 50 5.42 -16.40 -17.06
N SER T 51 5.64 -17.51 -16.42
CA SER T 51 6.39 -17.61 -15.18
C SER T 51 7.71 -18.36 -15.35
N ALA T 52 8.01 -18.84 -16.52
CA ALA T 52 9.27 -19.47 -16.87
C ALA T 52 9.51 -19.33 -18.38
N ILE T 53 10.79 -19.23 -18.73
CA ILE T 53 11.20 -19.04 -20.10
C ILE T 53 12.25 -20.10 -20.43
N LYS T 54 12.09 -20.83 -21.53
CA LYS T 54 13.15 -21.77 -21.93
C LYS T 54 13.79 -21.33 -23.24
N VAL T 55 15.11 -21.47 -23.38
CA VAL T 55 15.74 -21.00 -24.63
C VAL T 55 16.45 -22.20 -25.24
N ARG T 56 16.14 -22.44 -26.49
CA ARG T 56 16.66 -23.57 -27.26
C ARG T 56 17.44 -23.03 -28.44
N GLY T 57 18.68 -23.49 -28.59
CA GLY T 57 19.49 -22.92 -29.69
C GLY T 57 20.54 -22.00 -29.08
N LYS T 58 21.55 -21.71 -29.90
CA LYS T 58 22.67 -20.89 -29.46
C LYS T 58 22.27 -19.42 -29.32
N ALA T 59 22.44 -18.91 -28.09
CA ALA T 59 22.02 -17.56 -27.80
C ALA T 59 22.82 -16.99 -26.62
N TYR T 60 22.89 -15.67 -26.62
CA TYR T 60 23.50 -14.99 -25.48
C TYR T 60 22.39 -14.35 -24.64
N ILE T 61 22.45 -14.58 -23.34
CA ILE T 61 21.33 -14.18 -22.46
C ILE T 61 21.81 -13.30 -21.34
N GLN T 62 21.14 -12.18 -21.13
CA GLN T 62 21.46 -11.29 -19.99
C GLN T 62 20.26 -11.22 -19.04
N THR T 63 20.53 -11.51 -17.76
CA THR T 63 19.52 -11.31 -16.73
C THR T 63 20.09 -10.52 -15.55
N ARG T 64 19.26 -10.24 -14.57
CA ARG T 64 19.73 -9.54 -13.37
C ARG T 64 20.86 -10.32 -12.72
N HIS T 65 20.87 -11.64 -12.93
CA HIS T 65 21.83 -12.50 -12.27
C HIS T 65 23.09 -12.75 -13.09
N GLY T 66 23.25 -12.09 -14.23
CA GLY T 66 24.52 -12.19 -14.93
C GLY T 66 24.24 -12.56 -16.40
N VAL T 67 25.29 -13.06 -17.06
CA VAL T 67 25.19 -13.43 -18.46
C VAL T 67 25.42 -14.92 -18.58
N ILE T 68 24.82 -15.48 -19.62
CA ILE T 68 24.96 -16.91 -19.88
C ILE T 68 24.66 -17.19 -21.35
N GLU T 69 25.26 -18.23 -21.89
CA GLU T 69 24.98 -18.59 -23.27
C GLU T 69 24.30 -19.96 -23.37
N SER T 70 23.20 -20.03 -24.08
CA SER T 70 22.65 -21.34 -24.39
C SER T 70 23.46 -21.91 -25.58
N GLU T 71 23.49 -23.21 -25.70
CA GLU T 71 24.16 -23.88 -26.81
C GLU T 71 23.18 -24.83 -27.51
N GLY T 72 23.19 -24.82 -28.83
CA GLY T 72 22.27 -25.63 -29.62
C GLY T 72 23.03 -26.78 -30.32
N THR U 3 3.08 3.66 -14.92
CA THR U 3 4.00 4.47 -15.69
C THR U 3 5.44 4.40 -15.20
N ASN U 4 5.82 3.68 -14.14
CA ASN U 4 7.21 3.61 -13.74
C ASN U 4 7.87 2.27 -14.08
N SER U 5 7.39 1.62 -15.12
CA SER U 5 8.04 0.43 -15.65
C SER U 5 9.43 0.63 -16.24
N ASP U 6 10.21 -0.45 -16.31
CA ASP U 6 11.56 -0.44 -16.89
C ASP U 6 11.42 -0.09 -18.38
N PHE U 7 12.49 0.39 -18.98
CA PHE U 7 12.52 0.80 -20.38
C PHE U 7 13.85 0.32 -20.98
N VAL U 8 13.91 0.33 -22.30
CA VAL U 8 15.08 -0.06 -23.05
C VAL U 8 15.44 1.11 -23.98
N VAL U 9 16.70 1.25 -24.29
CA VAL U 9 17.20 2.34 -25.15
C VAL U 9 17.72 1.66 -26.41
N ILE U 10 17.27 2.08 -27.58
CA ILE U 10 17.72 1.48 -28.82
C ILE U 10 18.21 2.55 -29.79
N LYS U 11 19.48 2.50 -30.17
CA LYS U 11 20.02 3.36 -31.21
C LYS U 11 20.24 2.52 -32.48
N ALA U 12 19.61 2.97 -33.56
CA ALA U 12 19.74 2.30 -34.86
C ALA U 12 21.16 2.52 -35.40
N LEU U 13 21.80 1.45 -35.84
CA LEU U 13 23.12 1.64 -36.45
C LEU U 13 23.06 1.52 -37.96
N GLU U 14 21.87 1.34 -38.51
CA GLU U 14 21.71 1.33 -39.97
C GLU U 14 20.27 1.74 -40.24
N ASP U 15 19.90 2.04 -41.49
CA ASP U 15 18.49 2.35 -41.73
C ASP U 15 17.61 1.10 -41.65
N GLY U 16 16.35 1.31 -41.35
CA GLY U 16 15.32 0.28 -41.41
C GLY U 16 15.25 -0.64 -40.20
N VAL U 17 15.91 -0.29 -39.10
CA VAL U 17 15.73 -1.05 -37.85
C VAL U 17 14.28 -1.09 -37.45
N ASN U 18 13.79 -2.23 -37.01
CA ASN U 18 12.43 -2.33 -36.48
C ASN U 18 12.48 -2.63 -34.97
N VAL U 19 11.76 -1.83 -34.21
CA VAL U 19 11.56 -2.14 -32.78
C VAL U 19 10.10 -2.52 -32.63
N ILE U 20 9.89 -3.80 -32.30
CA ILE U 20 8.57 -4.37 -32.40
C ILE U 20 7.97 -4.62 -31.04
N GLY U 21 6.74 -4.16 -30.83
CA GLY U 21 6.10 -4.47 -29.55
C GLY U 21 5.21 -5.69 -29.62
N LEU U 22 5.53 -6.68 -28.77
CA LEU U 22 4.69 -7.85 -28.70
C LEU U 22 3.65 -7.63 -27.60
N THR U 23 2.46 -8.14 -27.89
CA THR U 23 1.32 -8.00 -27.01
C THR U 23 1.47 -8.71 -25.68
N ARG U 24 1.13 -7.97 -24.63
CA ARG U 24 0.90 -8.61 -23.32
C ARG U 24 -0.34 -9.51 -23.43
N GLY U 25 -0.38 -10.56 -22.65
CA GLY U 25 -1.61 -11.34 -22.44
C GLY U 25 -1.45 -12.76 -22.94
N ALA U 26 -2.59 -13.43 -23.08
CA ALA U 26 -2.57 -14.84 -23.47
C ALA U 26 -2.06 -14.97 -24.90
N ASP U 27 -2.25 -13.98 -25.73
CA ASP U 27 -1.84 -14.00 -27.13
C ASP U 27 -0.55 -13.18 -27.31
N THR U 28 0.36 -13.72 -28.11
CA THR U 28 1.61 -13.05 -28.42
C THR U 28 1.68 -12.71 -29.91
N ARG U 29 1.26 -11.51 -30.25
CA ARG U 29 1.28 -10.99 -31.61
C ARG U 29 1.99 -9.65 -31.60
N PHE U 30 2.12 -9.04 -32.78
CA PHE U 30 2.79 -7.73 -32.85
C PHE U 30 1.71 -6.67 -32.75
N HIS U 31 1.85 -5.62 -31.98
CA HIS U 31 0.89 -4.53 -32.11
C HIS U 31 1.45 -3.30 -32.76
N HIS U 32 2.78 -3.20 -32.89
CA HIS U 32 3.37 -2.05 -33.56
C HIS U 32 4.83 -2.35 -33.90
N SER U 33 5.34 -1.83 -34.99
CA SER U 33 6.76 -1.90 -35.31
C SER U 33 7.20 -0.45 -35.55
N GLU U 34 8.06 0.07 -34.67
CA GLU U 34 8.58 1.41 -34.95
C GLU U 34 9.80 1.28 -35.87
N LYS U 35 9.78 1.93 -37.01
CA LYS U 35 10.88 1.89 -37.97
C LYS U 35 11.86 3.05 -37.74
N LEU U 36 13.13 2.72 -37.57
CA LEU U 36 14.14 3.68 -37.23
C LEU U 36 15.20 3.85 -38.32
N ASP U 37 15.53 5.08 -38.64
CA ASP U 37 16.68 5.33 -39.52
C ASP U 37 18.00 5.34 -38.76
N LYS U 38 19.10 5.32 -39.51
CA LYS U 38 20.41 5.25 -38.88
C LYS U 38 20.63 6.43 -37.95
N GLY U 39 20.94 6.16 -36.67
CA GLY U 39 21.29 7.26 -35.76
C GLY U 39 20.16 7.69 -34.85
N GLU U 40 18.92 7.34 -35.19
CA GLU U 40 17.78 7.64 -34.33
C GLU U 40 17.80 6.79 -33.07
N VAL U 41 17.28 7.36 -32.00
CA VAL U 41 17.21 6.67 -30.70
C VAL U 41 15.75 6.60 -30.25
N LEU U 42 15.36 5.46 -29.75
CA LEU U 42 14.05 5.21 -29.21
C LEU U 42 14.24 4.68 -27.78
N ILE U 43 13.56 5.33 -26.84
CA ILE U 43 13.55 4.84 -25.46
C ILE U 43 12.11 4.38 -25.15
N ALA U 44 11.90 3.08 -24.92
CA ALA U 44 10.56 2.52 -24.89
C ALA U 44 10.31 1.68 -23.63
N GLN U 45 9.18 1.92 -23.00
CA GLN U 45 8.84 1.21 -21.76
C GLN U 45 8.19 -0.13 -22.08
N PHE U 46 8.23 -1.01 -21.07
CA PHE U 46 7.22 -2.05 -20.96
C PHE U 46 5.96 -1.38 -20.41
N THR U 47 4.84 -1.92 -20.81
CA THR U 47 3.54 -1.26 -20.54
C THR U 47 2.39 -2.24 -20.40
N GLU U 48 1.19 -1.66 -20.20
CA GLU U 48 -0.02 -2.48 -20.29
C GLU U 48 -0.09 -3.28 -21.57
N HIS U 49 0.24 -2.69 -22.72
CA HIS U 49 0.11 -3.36 -24.02
C HIS U 49 1.34 -4.12 -24.48
N THR U 50 2.51 -3.86 -23.90
CA THR U 50 3.78 -4.39 -24.41
C THR U 50 4.55 -5.11 -23.33
N SER U 51 4.67 -6.43 -23.44
CA SER U 51 5.41 -7.19 -22.41
C SER U 51 6.69 -7.82 -22.95
N ALA U 52 6.97 -7.66 -24.24
CA ALA U 52 8.21 -8.13 -24.88
C ALA U 52 8.50 -7.27 -26.10
N ILE U 53 9.78 -7.05 -26.37
CA ILE U 53 10.19 -6.15 -27.45
C ILE U 53 11.20 -6.92 -28.31
N LYS U 54 10.97 -6.96 -29.63
CA LYS U 54 11.95 -7.61 -30.50
C LYS U 54 12.63 -6.56 -31.36
N VAL U 55 13.95 -6.68 -31.54
CA VAL U 55 14.65 -5.71 -32.38
C VAL U 55 15.23 -6.44 -33.60
N ARG U 56 14.92 -5.92 -34.78
CA ARG U 56 15.38 -6.55 -36.01
C ARG U 56 16.26 -5.52 -36.74
N GLY U 57 17.46 -5.89 -37.15
CA GLY U 57 18.36 -4.90 -37.73
C GLY U 57 19.49 -4.56 -36.76
N LYS U 58 20.52 -3.94 -37.30
CA LYS U 58 21.69 -3.55 -36.53
C LYS U 58 21.40 -2.37 -35.62
N ALA U 59 21.57 -2.61 -34.30
CA ALA U 59 21.22 -1.58 -33.34
C ALA U 59 22.00 -1.78 -32.05
N TYR U 60 22.22 -0.69 -31.34
CA TYR U 60 22.84 -0.72 -30.03
C TYR U 60 21.78 -0.57 -28.96
N ILE U 61 21.80 -1.46 -27.97
CA ILE U 61 20.72 -1.54 -27.00
C ILE U 61 21.29 -1.45 -25.58
N GLN U 62 20.70 -0.59 -24.77
CA GLN U 62 20.99 -0.49 -23.38
C GLN U 62 19.78 -0.87 -22.54
N THR U 63 20.01 -1.73 -21.55
CA THR U 63 18.99 -2.06 -20.59
C THR U 63 19.61 -2.09 -19.17
N ARG U 64 18.74 -2.27 -18.20
CA ARG U 64 19.18 -2.44 -16.82
C ARG U 64 20.28 -3.50 -16.71
N HIS U 65 20.26 -4.50 -17.58
CA HIS U 65 21.14 -5.63 -17.47
C HIS U 65 22.38 -5.49 -18.33
N GLY U 66 22.61 -4.31 -18.89
CA GLY U 66 23.84 -4.12 -19.65
C GLY U 66 23.56 -3.63 -21.08
N VAL U 67 24.60 -3.79 -21.90
CA VAL U 67 24.53 -3.38 -23.29
C VAL U 67 24.63 -4.58 -24.22
N ILE U 68 24.05 -4.44 -25.39
CA ILE U 68 24.04 -5.52 -26.38
C ILE U 68 23.76 -4.93 -27.77
N GLU U 69 24.28 -5.57 -28.82
CA GLU U 69 24.03 -5.09 -30.17
C GLU U 69 23.22 -6.14 -30.94
N SER U 70 22.11 -5.75 -31.55
CA SER U 70 21.49 -6.67 -32.51
C SER U 70 22.22 -6.53 -33.86
N GLU U 71 22.21 -7.63 -34.60
CA GLU U 71 22.85 -7.66 -35.91
C GLU U 71 21.83 -8.02 -37.00
N GLY U 72 21.86 -7.31 -38.11
CA GLY U 72 20.97 -7.59 -39.24
C GLY U 72 21.78 -8.22 -40.39
N THR V 3 3.73 10.79 -10.61
CA THR V 3 4.68 11.89 -10.74
C THR V 3 6.12 11.45 -10.45
N ASN V 4 6.38 10.20 -10.04
CA ASN V 4 7.77 9.82 -9.79
C ASN V 4 8.31 8.82 -10.80
N SER V 5 7.82 8.89 -12.03
CA SER V 5 8.37 8.07 -13.10
C SER V 5 9.80 8.49 -13.47
N ASP V 6 10.49 7.59 -14.12
CA ASP V 6 11.82 7.84 -14.71
C ASP V 6 11.72 9.00 -15.71
N PHE V 7 12.86 9.55 -16.07
CA PHE V 7 12.97 10.63 -17.03
C PHE V 7 14.28 10.44 -17.84
N VAL V 8 14.36 11.08 -18.98
CA VAL V 8 15.52 11.12 -19.85
C VAL V 8 15.97 12.58 -19.99
N VAL V 9 17.26 12.78 -20.12
CA VAL V 9 17.85 14.11 -20.31
C VAL V 9 18.37 14.21 -21.75
N ILE V 10 18.00 15.23 -22.52
CA ILE V 10 18.43 15.28 -23.92
C ILE V 10 19.00 16.69 -24.26
N LYS V 11 20.26 16.71 -24.66
CA LYS V 11 20.90 17.97 -25.02
C LYS V 11 21.07 17.99 -26.55
N ALA V 12 20.45 18.95 -27.20
CA ALA V 12 20.60 19.10 -28.63
C ALA V 12 22.04 19.50 -28.96
N LEU V 13 22.63 18.77 -29.88
CA LEU V 13 23.94 19.16 -30.39
C LEU V 13 23.94 19.88 -31.73
N GLU V 14 22.77 20.12 -32.30
CA GLU V 14 22.60 20.84 -33.56
C GLU V 14 21.20 21.42 -33.51
N ASP V 15 20.87 22.38 -34.38
CA ASP V 15 19.52 22.92 -34.35
C ASP V 15 18.50 21.91 -34.92
N GLY V 16 17.24 22.00 -34.51
CA GLY V 16 16.21 21.22 -35.22
C GLY V 16 16.07 19.81 -34.67
N VAL V 17 16.69 19.50 -33.53
CA VAL V 17 16.46 18.19 -32.92
C VAL V 17 14.99 18.04 -32.55
N ASN V 18 14.41 16.88 -32.81
CA ASN V 18 13.06 16.60 -32.37
C ASN V 18 13.04 15.56 -31.24
N VAL V 19 12.31 15.87 -30.19
CA VAL V 19 12.09 14.92 -29.10
C VAL V 19 10.61 14.57 -29.15
N ILE V 20 10.29 13.34 -29.56
CA ILE V 20 8.94 13.00 -29.91
C ILE V 20 8.32 12.10 -28.85
N GLY V 21 7.17 12.49 -28.36
CA GLY V 21 6.39 11.66 -27.44
C GLY V 21 5.47 10.70 -28.19
N LEU V 22 5.63 9.39 -27.92
CA LEU V 22 4.70 8.42 -28.48
C LEU V 22 3.63 8.08 -27.43
N THR V 23 2.41 7.84 -27.91
CA THR V 23 1.25 7.64 -27.07
C THR V 23 1.31 6.29 -26.36
N ARG V 24 0.98 6.32 -25.09
CA ARG V 24 0.72 5.12 -24.30
C ARG V 24 -0.60 4.51 -24.81
N GLY V 25 -0.66 3.19 -24.82
CA GLY V 25 -1.95 2.53 -25.00
C GLY V 25 -1.89 1.66 -26.25
N ALA V 26 -3.10 1.26 -26.67
CA ALA V 26 -3.13 0.27 -27.75
C ALA V 26 -2.65 0.89 -29.05
N ASP V 27 -2.77 2.21 -29.17
CA ASP V 27 -2.28 2.86 -30.39
C ASP V 27 -0.88 3.42 -30.11
N THR V 28 -0.04 3.50 -31.13
CA THR V 28 1.29 4.09 -30.99
C THR V 28 1.42 5.19 -32.05
N ARG V 29 1.07 6.41 -31.69
CA ARG V 29 1.18 7.55 -32.61
C ARG V 29 2.01 8.62 -31.93
N PHE V 30 2.15 9.77 -32.57
CA PHE V 30 2.84 10.89 -31.94
C PHE V 30 1.84 11.80 -31.26
N HIS V 31 2.09 12.29 -30.03
CA HIS V 31 1.19 13.33 -29.56
C HIS V 31 1.90 14.66 -29.42
N HIS V 32 3.23 14.63 -29.51
CA HIS V 32 3.95 15.90 -29.39
C HIS V 32 5.37 15.72 -29.88
N SER V 33 5.86 16.73 -30.59
CA SER V 33 7.28 16.77 -30.94
C SER V 33 7.84 18.08 -30.41
N GLU V 34 8.83 18.03 -29.50
CA GLU V 34 9.46 19.24 -29.02
C GLU V 34 10.71 19.53 -29.84
N LYS V 35 10.74 20.69 -30.46
CA LYS V 35 11.86 21.14 -31.29
C LYS V 35 12.88 21.92 -30.48
N LEU V 36 14.10 21.41 -30.50
CA LEU V 36 15.20 21.96 -29.72
C LEU V 36 16.28 22.56 -30.62
N ASP V 37 16.70 23.75 -30.24
CA ASP V 37 17.85 24.40 -30.85
C ASP V 37 19.14 23.90 -30.22
N LYS V 38 20.24 24.16 -30.92
CA LYS V 38 21.54 23.70 -30.44
C LYS V 38 21.81 24.17 -29.02
N GLY V 39 22.19 23.26 -28.11
CA GLY V 39 22.54 23.70 -26.76
C GLY V 39 21.39 23.60 -25.78
N GLU V 40 20.15 23.50 -26.21
CA GLU V 40 19.02 23.46 -25.26
C GLU V 40 18.94 22.08 -24.60
N VAL V 41 18.46 22.02 -23.36
CA VAL V 41 18.32 20.74 -22.67
C VAL V 41 16.86 20.52 -22.29
N LEU V 42 16.36 19.32 -22.59
CA LEU V 42 15.01 18.93 -22.23
C LEU V 42 15.08 17.70 -21.31
N ILE V 43 14.42 17.77 -20.18
CA ILE V 43 14.38 16.69 -19.21
C ILE V 43 12.93 16.20 -19.22
N ALA V 44 12.67 14.98 -19.64
CA ALA V 44 11.28 14.58 -19.85
C ALA V 44 10.97 13.24 -19.21
N GLN V 45 9.83 13.19 -18.52
CA GLN V 45 9.41 11.95 -17.89
C GLN V 45 8.64 11.06 -18.85
N PHE V 46 8.58 9.78 -18.46
CA PHE V 46 7.50 8.91 -18.92
C PHE V 46 6.26 9.28 -18.08
N THR V 47 5.11 9.12 -18.70
CA THR V 47 3.88 9.69 -18.12
C THR V 47 2.66 8.87 -18.49
N GLU V 48 1.50 9.32 -18.00
CA GLU V 48 0.22 8.75 -18.40
C GLU V 48 0.08 8.76 -19.92
N HIS V 49 0.54 9.84 -20.57
CA HIS V 49 0.39 9.97 -22.02
C HIS V 49 1.57 9.52 -22.87
N THR V 50 2.74 9.32 -22.29
CA THR V 50 3.97 9.03 -23.03
C THR V 50 4.65 7.78 -22.50
N SER V 51 4.73 6.71 -23.26
CA SER V 51 5.34 5.46 -22.88
C SER V 51 6.56 5.12 -23.73
N ALA V 52 6.91 5.98 -24.67
CA ALA V 52 8.10 5.85 -25.50
C ALA V 52 8.46 7.24 -26.07
N ILE V 53 9.76 7.44 -26.24
CA ILE V 53 10.27 8.74 -26.70
C ILE V 53 11.23 8.46 -27.85
N LYS V 54 11.08 9.17 -28.95
CA LYS V 54 12.02 9.01 -30.07
C LYS V 54 12.79 10.28 -30.31
N VAL V 55 14.12 10.20 -30.50
CA VAL V 55 14.92 11.40 -30.66
C VAL V 55 15.51 11.40 -32.08
N ARG V 56 15.15 12.40 -32.85
CA ARG V 56 15.64 12.57 -34.21
C ARG V 56 16.60 13.75 -34.25
N GLY V 57 17.78 13.57 -34.84
CA GLY V 57 18.75 14.67 -34.81
C GLY V 57 19.91 14.35 -33.88
N LYS V 58 20.96 15.14 -34.03
CA LYS V 58 22.18 14.95 -33.24
C LYS V 58 22.00 15.49 -31.83
N ALA V 59 22.06 14.55 -30.86
CA ALA V 59 21.77 14.92 -29.47
C ALA V 59 22.55 14.02 -28.50
N TYR V 60 22.80 14.55 -27.32
CA TYR V 60 23.38 13.78 -26.23
C TYR V 60 22.32 13.37 -25.23
N ILE V 61 22.24 12.09 -24.91
CA ILE V 61 21.09 11.64 -24.11
C ILE V 61 21.59 10.92 -22.86
N GLN V 62 21.04 11.25 -21.71
CA GLN V 62 21.37 10.55 -20.48
C GLN V 62 20.13 9.84 -19.97
N THR V 63 20.33 8.57 -19.57
CA THR V 63 19.23 7.87 -18.91
C THR V 63 19.78 7.11 -17.70
N ARG V 64 18.90 6.41 -16.99
CA ARG V 64 19.35 5.54 -15.91
C ARG V 64 20.33 4.48 -16.42
N HIS V 65 20.20 4.15 -17.69
CA HIS V 65 21.00 3.05 -18.22
C HIS V 65 22.27 3.51 -18.92
N GLY V 66 22.60 4.80 -18.82
CA GLY V 66 23.89 5.23 -19.36
C GLY V 66 23.70 6.42 -20.31
N VAL V 67 24.75 6.70 -21.05
CA VAL V 67 24.72 7.81 -22.00
C VAL V 67 24.78 7.26 -23.40
N ILE V 68 24.15 7.99 -24.32
CA ILE V 68 24.13 7.62 -25.72
C ILE V 68 23.92 8.89 -26.54
N GLU V 69 24.35 8.86 -27.79
CA GLU V 69 24.19 9.99 -28.67
C GLU V 69 23.37 9.63 -29.91
N SER V 70 22.32 10.37 -30.22
CA SER V 70 21.65 10.17 -31.49
C SER V 70 22.45 10.94 -32.55
N GLU V 71 22.33 10.48 -33.78
CA GLU V 71 23.00 11.11 -34.92
C GLU V 71 21.95 11.41 -36.00
N GLY V 72 22.01 12.59 -36.62
CA GLY V 72 21.11 12.90 -37.73
C GLY V 72 21.69 12.50 -39.09
N THR W 3 4.66 14.40 -3.09
CA THR W 3 5.65 15.42 -2.76
C THR W 3 7.07 14.86 -2.80
N ASN W 4 7.22 13.56 -3.15
CA ASN W 4 8.58 13.07 -3.28
C ASN W 4 9.05 12.61 -4.64
N SER W 5 8.65 13.36 -5.64
CA SER W 5 9.17 13.19 -6.99
C SER W 5 10.63 13.64 -7.08
N ASP W 6 11.28 13.17 -8.13
CA ASP W 6 12.62 13.62 -8.49
C ASP W 6 12.67 15.12 -8.79
N PHE W 7 13.88 15.67 -8.76
CA PHE W 7 14.12 17.06 -9.04
C PHE W 7 15.42 17.24 -9.82
N VAL W 8 15.56 18.45 -10.35
CA VAL W 8 16.73 18.80 -11.12
C VAL W 8 17.34 20.05 -10.49
N VAL W 9 18.65 20.20 -10.55
CA VAL W 9 19.29 21.39 -9.98
C VAL W 9 19.84 22.19 -11.17
N ILE W 10 19.52 23.47 -11.27
CA ILE W 10 19.98 24.29 -12.38
C ILE W 10 20.65 25.57 -11.86
N LYS W 11 21.90 25.76 -12.24
CA LYS W 11 22.66 26.96 -11.94
C LYS W 11 22.92 27.75 -13.24
N ALA W 12 22.31 28.94 -13.28
CA ALA W 12 22.55 29.84 -14.41
C ALA W 12 24.01 30.24 -14.50
N LEU W 13 24.60 30.12 -15.67
CA LEU W 13 25.95 30.56 -15.92
C LEU W 13 25.99 31.86 -16.74
N GLU W 14 24.83 32.42 -16.98
CA GLU W 14 24.77 33.74 -17.61
C GLU W 14 23.40 34.29 -17.24
N ASP W 15 23.19 35.57 -17.51
CA ASP W 15 21.88 36.14 -17.21
C ASP W 15 20.83 35.67 -18.21
N GLY W 16 19.58 35.66 -17.80
CA GLY W 16 18.49 35.44 -18.73
C GLY W 16 18.20 33.98 -19.04
N VAL W 17 18.83 33.06 -18.28
CA VAL W 17 18.43 31.65 -18.38
C VAL W 17 16.95 31.45 -18.09
N ASN W 18 16.31 30.62 -18.89
CA ASN W 18 14.91 30.29 -18.71
C ASN W 18 14.80 28.81 -18.30
N VAL W 19 14.13 28.57 -17.19
CA VAL W 19 13.78 27.20 -16.81
C VAL W 19 12.28 27.02 -17.00
N ILE W 20 11.91 26.25 -18.02
CA ILE W 20 10.53 26.22 -18.46
C ILE W 20 9.87 24.91 -18.00
N GLY W 21 8.69 25.09 -17.46
CA GLY W 21 7.87 23.92 -17.12
C GLY W 21 6.87 23.62 -18.20
N LEU W 22 6.86 22.39 -18.71
CA LEU W 22 5.91 21.94 -19.69
C LEU W 22 4.80 21.13 -19.00
N THR W 23 3.57 21.37 -19.38
CA THR W 23 2.37 20.81 -18.82
C THR W 23 2.36 19.27 -18.91
N ARG W 24 2.03 18.66 -17.78
CA ARG W 24 1.64 17.26 -17.77
C ARG W 24 0.30 17.10 -18.49
N GLY W 25 0.10 16.01 -19.19
CA GLY W 25 -1.19 15.63 -19.73
C GLY W 25 -1.21 15.47 -21.23
N ALA W 26 -2.43 15.48 -21.77
CA ALA W 26 -2.62 15.28 -23.20
C ALA W 26 -2.01 16.45 -23.98
N ASP W 27 -1.98 17.62 -23.33
CA ASP W 27 -1.41 18.78 -24.02
C ASP W 27 0.02 19.03 -23.55
N THR W 28 0.89 19.51 -24.44
CA THR W 28 2.22 19.92 -24.08
C THR W 28 2.50 21.39 -24.39
N ARG W 29 2.17 22.25 -23.43
CA ARG W 29 2.43 23.67 -23.51
C ARG W 29 3.27 24.12 -22.34
N PHE W 30 3.57 25.42 -22.31
CA PHE W 30 4.39 25.97 -21.24
C PHE W 30 3.45 26.47 -20.15
N HIS W 31 3.62 26.12 -18.89
CA HIS W 31 2.81 26.83 -17.89
C HIS W 31 3.59 27.89 -17.14
N HIS W 32 4.92 27.79 -17.15
CA HIS W 32 5.70 28.78 -16.43
C HIS W 32 7.14 28.78 -16.93
N SER W 33 7.74 29.96 -16.98
CA SER W 33 9.16 30.07 -17.26
C SER W 33 9.82 30.83 -16.11
N GLU W 34 10.77 30.22 -15.39
CA GLU W 34 11.48 30.93 -14.35
C GLU W 34 12.77 31.54 -14.95
N LYS W 35 12.90 32.85 -14.85
CA LYS W 35 14.08 33.55 -15.37
C LYS W 35 15.16 33.73 -14.31
N LEU W 36 16.36 33.29 -14.62
CA LEU W 36 17.43 33.24 -13.64
C LEU W 36 18.58 34.16 -14.04
N ASP W 37 19.03 34.97 -13.11
CA ASP W 37 20.27 35.74 -13.30
C ASP W 37 21.48 34.84 -13.12
N LYS W 38 22.64 35.29 -13.58
CA LYS W 38 23.88 34.53 -13.52
C LYS W 38 24.20 34.17 -12.08
N GLY W 39 24.48 32.88 -11.83
CA GLY W 39 24.84 32.47 -10.48
C GLY W 39 23.68 31.95 -9.64
N GLU W 40 22.42 32.23 -10.00
CA GLU W 40 21.30 31.82 -9.16
C GLU W 40 21.06 30.31 -9.30
N VAL W 41 20.56 29.66 -8.27
CA VAL W 41 20.30 28.21 -8.41
C VAL W 41 18.81 27.94 -8.19
N LEU W 42 18.26 27.05 -8.99
CA LEU W 42 16.84 26.69 -8.90
C LEU W 42 16.81 25.15 -8.83
N ILE W 43 16.13 24.68 -7.80
CA ILE W 43 16.00 23.23 -7.58
C ILE W 43 14.50 22.90 -7.76
N ALA W 44 14.17 22.11 -8.78
CA ALA W 44 12.74 22.01 -9.09
C ALA W 44 12.33 20.56 -9.27
N GLN W 45 11.14 20.26 -8.76
CA GLN W 45 10.62 18.91 -8.91
C GLN W 45 9.83 18.69 -10.19
N PHE W 46 9.68 17.39 -10.52
CA PHE W 46 8.56 17.01 -11.37
C PHE W 46 7.33 16.93 -10.45
N THR W 47 6.18 17.30 -11.01
CA THR W 47 4.98 17.50 -10.22
C THR W 47 3.70 17.16 -10.97
N GLU W 48 2.54 17.32 -10.31
CA GLU W 48 1.25 17.18 -10.93
C GLU W 48 1.08 18.06 -12.18
N HIS W 49 1.69 19.22 -12.22
CA HIS W 49 1.56 20.15 -13.35
C HIS W 49 2.71 20.11 -14.34
N THR W 50 3.86 19.62 -13.92
CA THR W 50 5.10 19.65 -14.72
C THR W 50 5.65 18.26 -14.97
N SER W 51 5.65 17.77 -16.20
CA SER W 51 6.19 16.45 -16.52
C SER W 51 7.42 16.52 -17.44
N ALA W 52 7.76 17.75 -17.82
CA ALA W 52 9.00 17.97 -18.58
C ALA W 52 9.51 19.39 -18.34
N ILE W 53 10.85 19.49 -18.40
CA ILE W 53 11.46 20.78 -18.09
C ILE W 53 12.43 21.12 -19.22
N LYS W 54 12.29 22.32 -19.79
CA LYS W 54 13.26 22.70 -20.86
C LYS W 54 14.16 23.83 -20.35
N VAL W 55 15.45 23.83 -20.64
CA VAL W 55 16.32 24.89 -20.10
C VAL W 55 16.96 25.58 -21.32
N ARG W 56 16.74 26.89 -21.38
CA ARG W 56 17.28 27.68 -22.48
C ARG W 56 18.29 28.69 -21.88
N GLY W 57 19.47 28.77 -22.46
CA GLY W 57 20.53 29.59 -21.92
C GLY W 57 21.62 28.71 -21.34
N LYS W 58 22.76 29.34 -21.04
CA LYS W 58 23.92 28.60 -20.53
C LYS W 58 23.73 28.33 -19.03
N ALA W 59 23.72 27.03 -18.70
CA ALA W 59 23.42 26.68 -17.31
C ALA W 59 24.04 25.32 -17.04
N TYR W 60 24.37 25.08 -15.79
CA TYR W 60 24.89 23.81 -15.32
C TYR W 60 23.80 23.03 -14.60
N ILE W 61 23.58 21.80 -15.01
CA ILE W 61 22.40 21.05 -14.61
C ILE W 61 22.81 19.72 -13.97
N GLN W 62 22.29 19.49 -12.78
CA GLN W 62 22.53 18.21 -12.10
C GLN W 62 21.23 17.43 -12.01
N THR W 63 21.31 16.14 -12.39
CA THR W 63 20.16 15.27 -12.17
C THR W 63 20.64 13.93 -11.59
N ARG W 64 19.65 13.06 -11.33
CA ARG W 64 20.01 11.71 -10.87
C ARG W 64 20.89 11.03 -11.89
N HIS W 65 20.81 11.40 -13.16
CA HIS W 65 21.55 10.73 -14.22
C HIS W 65 22.89 11.37 -14.54
N GLY W 66 23.30 12.38 -13.79
CA GLY W 66 24.62 12.96 -14.00
C GLY W 66 24.53 14.49 -14.10
N VAL W 67 25.56 15.03 -14.74
CA VAL W 67 25.64 16.45 -14.98
C VAL W 67 25.73 16.77 -16.46
N ILE W 68 25.23 17.97 -16.76
CA ILE W 68 25.21 18.40 -18.16
C ILE W 68 25.08 19.92 -18.17
N GLU W 69 25.64 20.54 -19.21
CA GLU W 69 25.52 21.97 -19.36
C GLU W 69 24.66 22.33 -20.56
N SER W 70 23.69 23.21 -20.39
CA SER W 70 23.02 23.75 -21.58
C SER W 70 23.94 24.86 -22.14
N GLU W 71 23.72 25.19 -23.41
CA GLU W 71 24.46 26.31 -23.96
C GLU W 71 23.52 27.22 -24.74
N GLY W 72 23.68 28.52 -24.59
CA GLY W 72 22.84 29.47 -25.35
C GLY W 72 23.40 29.68 -26.74
N TRP X . -31.52 10.80 -20.34
CA TRP X . -30.48 9.78 -20.39
C TRP X . -30.58 8.89 -19.13
O TRP X . -31.05 9.43 -18.10
CB TRP X . -29.14 10.55 -20.30
CG TRP X . -27.96 9.61 -20.22
CD1 TRP X . -27.32 9.17 -19.11
CD2 TRP X . -27.32 9.00 -21.34
NE1 TRP X . -26.28 8.34 -19.47
CE2 TRP X . -26.26 8.21 -20.84
CE3 TRP X . -27.52 9.08 -22.73
CZ2 TRP X . -25.43 7.47 -21.67
CZ3 TRP X . -26.70 8.34 -23.54
CH2 TRP X . -25.66 7.54 -23.03
OXT TRP X . -30.48 7.66 -19.32
N TRP Y . -39.70 -8.02 -27.24
CA TRP Y . -39.13 -9.12 -26.46
C TRP Y . -39.99 -10.37 -26.51
O TRP Y . -41.15 -10.23 -26.95
CB TRP Y . -38.85 -8.72 -25.02
CG TRP Y . -39.99 -8.17 -24.22
CD1 TRP Y . -40.51 -6.90 -24.29
CD2 TRP Y . -40.77 -8.88 -23.25
NE1 TRP Y . -41.56 -6.79 -23.42
CE2 TRP Y . -41.73 -7.96 -22.74
CE3 TRP Y . -40.71 -10.16 -22.71
CZ2 TRP Y . -42.64 -8.32 -21.78
CZ3 TRP Y . -41.65 -10.53 -21.74
CH2 TRP Y . -42.58 -9.60 -21.26
OXT TRP Y . -39.55 -11.39 -25.94
N TRP Z . -31.78 -4.10 -22.38
CA TRP Z . -30.66 -4.87 -21.81
C TRP Z . -30.72 -4.88 -20.26
O TRP Z . -31.22 -3.92 -19.65
CB TRP Z . -29.38 -4.09 -22.15
CG TRP Z . -28.13 -4.73 -21.60
CD1 TRP Z . -27.45 -4.45 -20.47
CD2 TRP Z . -27.45 -5.82 -22.23
NE1 TRP Z . -26.36 -5.29 -20.36
CE2 TRP Z . -26.35 -6.15 -21.43
CE3 TRP Z . -27.66 -6.56 -23.41
CZ2 TRP Z . -25.46 -7.18 -21.74
CZ3 TRP Z . -26.78 -7.57 -23.73
CH2 TRP Z . -25.67 -7.87 -22.88
OXT TRP Z . -30.49 -5.99 -19.72
N TRP AA . -31.08 -17.66 -15.87
CA TRP AA . -29.84 -17.82 -15.06
C TRP AA . -29.98 -17.07 -13.73
O TRP AA . -30.47 -15.94 -13.73
CB TRP AA . -28.63 -17.30 -15.84
CG TRP AA . -27.35 -17.47 -15.06
CD1 TRP AA . -26.72 -16.58 -14.24
CD2 TRP AA . -26.55 -18.67 -15.04
NE1 TRP AA . -25.58 -17.13 -13.73
CE2 TRP AA . -25.45 -18.42 -14.20
CE3 TRP AA . -26.65 -19.92 -15.66
CZ2 TRP AA . -24.48 -19.38 -13.95
CZ3 TRP AA . -25.69 -20.86 -15.41
CH2 TRP AA . -24.60 -20.59 -14.56
OXT TRP AA . -29.68 -17.71 -12.67
N TRP BA . -29.25 -25.54 -3.31
CA TRP BA . -28.05 -25.22 -2.52
C TRP BA . -28.31 -23.90 -1.77
O TRP BA . -28.90 -22.97 -2.36
CB TRP BA . -26.88 -25.05 -3.49
CG TRP BA . -25.61 -24.78 -2.79
CD1 TRP BA . -25.04 -23.55 -2.59
CD2 TRP BA . -24.74 -25.73 -2.14
NE1 TRP BA . -23.87 -23.68 -1.88
CE2 TRP BA . -23.68 -25.00 -1.58
CE3 TRP BA . -24.77 -27.12 -1.97
CZ2 TRP BA . -22.62 -25.60 -0.88
CZ3 TRP BA . -23.72 -27.72 -1.28
CH2 TRP BA . -22.67 -26.98 -0.75
OXT TRP BA . -27.88 -23.83 -0.60
N TRP CA . -27.11 -25.51 11.55
CA TRP CA . -26.01 -24.71 12.04
C TRP CA . -26.30 -23.20 11.98
O TRP CA . -26.94 -22.74 11.02
CB TRP CA . -24.79 -24.97 11.15
CG TRP CA . -23.56 -24.26 11.56
CD1 TRP CA . -23.13 -23.05 11.04
CD2 TRP CA . -22.62 -24.62 12.57
NE1 TRP CA . -21.96 -22.68 11.64
CE2 TRP CA . -21.61 -23.63 12.58
CE3 TRP CA . -22.49 -25.69 13.45
CZ2 TRP CA . -20.53 -23.64 13.47
CZ3 TRP CA . -21.43 -25.71 14.33
CH2 TRP CA . -20.43 -24.71 14.32
OXT TRP CA . -25.89 -22.53 12.97
N TRP DA . -25.41 -17.16 24.01
CA TRP DA . -24.30 -16.20 23.89
C TRP DA . -24.75 -14.99 23.06
O TRP DA . -25.42 -15.20 22.02
CB TRP DA . -23.07 -16.85 23.28
CG TRP DA . -21.91 -15.91 23.20
CD1 TRP DA . -21.54 -15.17 22.12
CD2 TRP DA . -20.99 -15.60 24.25
NE1 TRP DA . -20.42 -14.45 22.43
CE2 TRP DA . -20.07 -14.69 23.74
CE3 TRP DA . -20.85 -16.03 25.58
CZ2 TRP DA . -19.00 -14.17 24.48
CZ3 TRP DA . -19.82 -15.52 26.33
CH2 TRP DA . -18.91 -14.61 25.78
OXT TRP DA . -24.47 -13.86 23.52
N TRP EA . -24.58 -3.53 30.03
CA TRP EA . -23.57 -2.65 29.43
C TRP EA . -24.12 -2.08 28.12
O TRP EA . -24.70 -2.86 27.33
CB TRP EA . -22.27 -3.39 29.24
CG TRP EA . -21.16 -2.58 28.66
CD1 TRP EA . -20.86 -2.47 27.32
CD2 TRP EA . -20.32 -1.64 29.33
NE1 TRP EA . -19.77 -1.68 27.16
CE2 TRP EA . -19.40 -1.17 28.38
CE3 TRP EA . -20.13 -1.30 30.67
CZ2 TRP EA . -18.39 -0.25 28.70
CZ3 TRP EA . -19.09 -0.43 30.98
CH2 TRP EA . -18.25 0.10 30.02
OXT TRP EA . -23.79 -0.90 27.84
N TRP FA . -24.75 11.35 27.93
CA TRP FA . -23.83 11.84 26.89
C TRP FA . -24.35 11.50 25.47
O TRP FA . -24.90 10.39 25.31
CB TRP FA . -22.49 11.15 27.12
CG TRP FA . -21.44 11.56 26.13
CD1 TRP FA . -21.18 10.98 24.91
CD2 TRP FA . -20.71 12.77 26.17
NE1 TRP FA . -20.15 11.65 24.34
CE2 TRP FA . -19.85 12.76 25.08
CE3 TRP FA . -20.54 13.78 27.16
CZ2 TRP FA . -18.95 13.79 24.81
CZ3 TRP FA . -19.62 14.77 26.89
CH2 TRP FA . -18.83 14.78 25.73
OXT TRP FA . -24.28 12.41 24.63
N TRP GA . -26.23 22.46 17.98
CA TRP GA . -25.32 22.42 16.82
C TRP GA . -25.79 21.34 15.83
O TRP GA . -26.23 20.26 16.26
CB TRP GA . -23.92 22.07 17.33
CG TRP GA . -22.88 21.99 16.27
CD1 TRP GA . -22.47 20.85 15.60
CD2 TRP GA . -22.21 23.08 15.65
NE1 TRP GA . -21.58 21.19 14.65
CE2 TRP GA . -21.33 22.54 14.69
CE3 TRP GA . -22.17 24.46 15.93
CZ2 TRP GA . -20.50 23.34 13.90
CZ3 TRP GA . -21.34 25.23 15.15
CH2 TRP GA . -20.50 24.68 14.16
OXT TRP GA . -25.75 21.66 14.62
N TRP HA . -28.41 26.38 3.61
CA TRP HA . -27.44 25.81 2.66
C TRP HA . -27.78 24.32 2.43
O TRP HA . -28.14 23.69 3.43
CB TRP HA . -26.02 25.86 3.26
CG TRP HA . -24.95 25.36 2.33
CD1 TRP HA . -24.41 24.10 2.33
CD2 TRP HA . -24.32 26.04 1.26
NE1 TRP HA . -23.47 23.97 1.36
CE2 TRP HA . -23.41 25.14 0.65
CE3 TRP HA . -24.46 27.34 0.71
CZ2 TRP HA . -22.65 25.48 -0.45
CZ3 TRP HA . -23.67 27.67 -0.35
CH2 TRP HA . -22.77 26.76 -0.95
OXT TRP HA . -27.76 23.90 1.26
N TRP IA . -30.39 22.16 -10.68
CA TRP IA . -29.37 21.23 -11.23
C TRP IA . -29.56 19.82 -10.64
O TRP IA . -29.84 19.70 -9.44
CB TRP IA . -27.97 21.72 -10.81
CG TRP IA . -26.86 20.83 -11.32
CD1 TRP IA . -26.23 19.83 -10.61
CD2 TRP IA . -26.22 20.87 -12.58
NE1 TRP IA . -25.27 19.26 -11.36
CE2 TRP IA . -25.24 19.88 -12.60
CE3 TRP IA . -26.39 21.67 -13.74
CZ2 TRP IA . -24.42 19.62 -13.70
CZ3 TRP IA . -25.58 21.43 -14.81
CH2 TRP IA . -24.61 20.40 -14.81
OXT TRP IA . -29.49 18.88 -11.47
N TRP JA . 6.05 26.27 5.31
CA TRP JA . 6.99 25.79 4.30
C TRP JA . 6.53 24.46 3.71
O TRP JA . 6.16 23.54 4.47
CB TRP JA . 8.41 25.66 4.90
CG TRP JA . 9.41 25.24 3.86
CD1 TRP JA . 9.82 23.98 3.57
CD2 TRP JA . 10.09 26.10 2.93
NE1 TRP JA . 10.74 24.00 2.55
CE2 TRP JA . 10.91 25.29 2.13
CE3 TRP JA . 10.11 27.48 2.72
CZ2 TRP JA . 11.72 25.81 1.13
CZ3 TRP JA . 10.93 28.00 1.74
CH2 TRP JA . 11.72 27.17 0.95
OXT TRP JA . 6.46 24.38 2.45
N TRP KA . 7.97 18.80 18.47
CA TRP KA . 8.82 18.85 17.27
C TRP KA . 8.24 18.07 16.08
O TRP KA . 7.76 16.94 16.27
CB TRP KA . 10.20 18.30 17.62
CG TRP KA . 11.20 18.45 16.51
CD1 TRP KA . 11.56 17.50 15.60
CD2 TRP KA . 11.99 19.61 16.22
NE1 TRP KA . 12.52 18.00 14.74
CE2 TRP KA . 12.80 19.29 15.11
CE3 TRP KA . 12.06 20.88 16.79
CZ2 TRP KA . 13.66 20.23 14.53
CZ3 TRP KA . 12.97 21.78 16.24
CH2 TRP KA . 13.75 21.45 15.12
OXT TRP KA . 8.32 18.62 14.96
N TRP LA . 8.93 5.14 25.43
CA TRP LA . 9.86 5.77 24.48
C TRP LA . 9.29 5.82 23.06
O TRP LA . 8.63 4.85 22.66
CB TRP LA . 11.21 5.04 24.49
CG TRP LA . 12.22 5.72 23.60
CD1 TRP LA . 12.53 5.36 22.33
CD2 TRP LA . 13.04 6.83 23.94
NE1 TRP LA . 13.46 6.22 21.84
CE2 TRP LA . 13.85 7.10 22.82
CE3 TRP LA . 13.22 7.59 25.10
CZ2 TRP LA . 14.78 8.15 22.83
CZ3 TRP LA . 14.16 8.58 25.12
CH2 TRP LA . 14.94 8.87 23.98
OXT TRP LA . 9.33 6.93 22.47
N TRP MA . 8.75 -9.95 24.06
CA TRP MA . 9.75 -8.95 23.62
C TRP MA . 9.16 -8.14 22.44
O TRP MA . 8.56 -8.78 21.55
CB TRP MA . 11.01 -9.69 23.13
CG TRP MA . 12.10 -8.73 22.72
CD1 TRP MA . 12.37 -8.31 21.45
CD2 TRP MA . 13.02 -8.07 23.58
NE1 TRP MA . 13.45 -7.45 21.48
CE2 TRP MA . 13.86 -7.29 22.78
CE3 TRP MA . 13.28 -8.15 24.95
CZ2 TRP MA . 14.88 -6.50 23.30
CZ3 TRP MA . 14.30 -7.41 25.48
CH2 TRP MA . 15.10 -6.61 24.66
OXT TRP MA . 9.34 -6.92 22.46
N TRP NA . 7.46 -21.97 14.84
CA TRP NA . 8.49 -20.93 14.84
C TRP NA . 8.05 -19.57 14.36
O TRP NA . 7.31 -19.48 13.33
CB TRP NA . 9.74 -21.42 14.07
CG TRP NA . 10.92 -20.50 14.25
CD1 TRP NA . 11.28 -19.50 13.39
CD2 TRP NA . 11.87 -20.46 15.32
NE1 TRP NA . 12.39 -18.86 13.86
CE2 TRP NA . 12.79 -19.45 15.03
CE3 TRP NA . 12.06 -21.25 16.47
CZ2 TRP NA . 13.85 -19.10 15.88
CZ3 TRP NA . 13.13 -20.93 17.30
CH2 TRP NA . 14.01 -19.89 17.01
OXT TRP NA . 8.31 -18.59 15.07
N TRP OA . 5.46 -26.98 0.61
CA TRP OA . 6.56 -26.24 1.16
C TRP OA . 6.21 -24.79 1.48
O TRP OA . 5.55 -24.13 0.64
CB TRP OA . 7.80 -26.33 0.24
CG TRP OA . 9.03 -25.73 0.84
CD1 TRP OA . 9.49 -24.46 0.66
CD2 TRP OA . 9.95 -26.36 1.75
NE1 TRP OA . 10.64 -24.25 1.37
CE2 TRP OA . 10.96 -25.42 2.05
CE3 TRP OA . 10.05 -27.64 2.29
CZ2 TRP OA . 12.02 -25.70 2.90
CZ3 TRP OA . 11.10 -27.91 3.13
CH2 TRP OA . 12.09 -26.96 3.44
OXT TRP OA . 6.54 -24.34 2.60
N TRP PA . 3.43 -23.52 -14.07
CA TRP PA . 4.57 -23.26 -13.21
C TRP PA . 4.29 -22.18 -12.16
O TRP PA . 3.76 -21.10 -12.47
CB TRP PA . 5.80 -22.97 -14.06
CG TRP PA . 7.06 -22.83 -13.25
CD1 TRP PA . 7.61 -21.68 -12.76
CD2 TRP PA . 7.93 -23.89 -12.85
NE1 TRP PA . 8.75 -21.96 -12.07
CE2 TRP PA . 8.99 -23.31 -12.11
CE3 TRP PA . 7.93 -25.27 -13.05
CZ2 TRP PA . 10.02 -24.06 -11.54
CZ3 TRP PA . 8.96 -26.02 -12.49
CH2 TRP PA . 10.00 -25.42 -11.76
OXT TRP PA . 4.64 -22.44 -10.98
N TRP QA . 1.97 -12.54 -24.53
CA TRP QA . 3.15 -12.90 -23.72
C TRP QA . 2.94 -12.53 -22.24
O TRP QA . 2.38 -11.46 -21.96
CB TRP QA . 4.41 -12.22 -24.30
CG TRP QA . 5.65 -12.66 -23.58
CD1 TRP QA . 6.27 -12.03 -22.54
CD2 TRP QA . 6.41 -13.84 -23.82
NE1 TRP QA . 7.37 -12.74 -22.13
CE2 TRP QA . 7.47 -13.86 -22.91
CE3 TRP QA . 6.28 -14.90 -24.77
CZ2 TRP QA . 8.40 -14.88 -22.88
CZ3 TRP QA . 7.23 -15.91 -24.73
CH2 TRP QA . 8.28 -15.89 -23.80
OXT TRP QA . 3.23 -13.41 -21.39
N TRP RA . 1.51 2.35 -27.42
CA TRP RA . 2.66 1.56 -27.01
C TRP RA . 2.48 1.11 -25.55
O TRP RA . 2.05 1.91 -24.69
CB TRP RA . 3.99 2.31 -27.22
CG TRP RA . 5.16 1.46 -26.83
CD1 TRP RA . 5.78 1.40 -25.61
CD2 TRP RA . 5.87 0.56 -27.68
NE1 TRP RA . 6.83 0.52 -25.65
CE2 TRP RA . 6.91 -0.03 -26.90
CE3 TRP RA . 5.74 0.18 -29.01
CZ2 TRP RA . 7.78 -0.96 -27.44
CZ3 TRP RA . 6.62 -0.73 -29.55
CH2 TRP RA . 7.63 -1.30 -28.75
OXT TRP RA . 2.67 -0.11 -25.34
N TRP SA . 2.33 16.52 -21.92
CA TRP SA . 3.37 15.50 -22.01
C TRP SA . 3.08 14.36 -21.02
O TRP SA . 2.69 14.67 -19.88
CB TRP SA . 4.74 16.16 -21.71
CG TRP SA . 5.88 15.19 -21.90
CD1 TRP SA . 6.49 14.46 -20.94
CD2 TRP SA . 6.49 14.83 -23.14
NE1 TRP SA . 7.47 13.65 -21.49
CE2 TRP SA . 7.49 13.88 -22.85
CE3 TRP SA . 6.31 15.23 -24.47
CZ2 TRP SA . 8.27 13.31 -23.84
CZ3 TRP SA . 7.11 14.67 -25.44
CH2 TRP SA . 8.08 13.71 -25.14
OXT TRP SA . 3.21 13.19 -21.43
N TRP TA . 3.99 25.48 -9.76
CA TRP TA . 4.98 24.57 -10.39
C TRP TA . 4.58 23.11 -10.13
O TRP TA . 4.15 22.78 -9.00
CB TRP TA . 6.37 24.87 -9.82
CG TRP TA . 7.42 24.05 -10.51
CD1 TRP TA . 7.96 22.86 -10.11
CD2 TRP TA . 8.05 24.35 -11.76
NE1 TRP TA . 8.86 22.40 -11.03
CE2 TRP TA . 8.95 23.31 -12.04
CE3 TRP TA . 7.95 25.42 -12.65
CZ2 TRP TA . 9.73 23.30 -13.21
CZ3 TRP TA . 8.73 25.43 -13.81
CH2 TRP TA . 9.61 24.37 -14.06
OXT TRP TA . 4.59 22.34 -11.13
#